data_4GSO
# 
_entry.id   4GSO 
# 
_audit_conform.dict_name       mmcif_pdbx.dic 
_audit_conform.dict_version    5.397 
_audit_conform.dict_location   http://mmcif.pdb.org/dictionaries/ascii/mmcif_pdbx.dic 
# 
loop_
_database_2.database_id 
_database_2.database_code 
_database_2.pdbx_database_accession 
_database_2.pdbx_DOI 
PDB   4GSO         pdb_00004gso 10.2210/pdb4gso/pdb 
RCSB  RCSB074586   ?            ?                   
WWPDB D_1000074586 ?            ?                   
# 
loop_
_pdbx_audit_revision_history.ordinal 
_pdbx_audit_revision_history.data_content_type 
_pdbx_audit_revision_history.major_revision 
_pdbx_audit_revision_history.minor_revision 
_pdbx_audit_revision_history.revision_date 
1 'Structure model' 1 0 2012-12-12 
2 'Structure model' 1 1 2013-01-02 
3 'Structure model' 1 2 2024-10-16 
# 
_pdbx_audit_revision_details.ordinal             1 
_pdbx_audit_revision_details.revision_ordinal    1 
_pdbx_audit_revision_details.data_content_type   'Structure model' 
_pdbx_audit_revision_details.provider            repository 
_pdbx_audit_revision_details.type                'Initial release' 
_pdbx_audit_revision_details.description         ? 
_pdbx_audit_revision_details.details             ? 
# 
loop_
_pdbx_audit_revision_group.ordinal 
_pdbx_audit_revision_group.revision_ordinal 
_pdbx_audit_revision_group.data_content_type 
_pdbx_audit_revision_group.group 
1 2 'Structure model' 'Database references' 
2 3 'Structure model' 'Data collection'     
3 3 'Structure model' 'Database references' 
4 3 'Structure model' 'Structure summary'   
# 
loop_
_pdbx_audit_revision_category.ordinal 
_pdbx_audit_revision_category.revision_ordinal 
_pdbx_audit_revision_category.data_content_type 
_pdbx_audit_revision_category.category 
1 3 'Structure model' chem_comp_atom            
2 3 'Structure model' chem_comp_bond            
3 3 'Structure model' database_2                
4 3 'Structure model' pdbx_entry_details        
5 3 'Structure model' pdbx_modification_feature 
# 
loop_
_pdbx_audit_revision_item.ordinal 
_pdbx_audit_revision_item.revision_ordinal 
_pdbx_audit_revision_item.data_content_type 
_pdbx_audit_revision_item.item 
1 3 'Structure model' '_database_2.pdbx_DOI'                
2 3 'Structure model' '_database_2.pdbx_database_accession' 
# 
_pdbx_database_status.status_code                     REL 
_pdbx_database_status.entry_id                        4GSO 
_pdbx_database_status.recvd_initial_deposition_date   2012-08-28 
_pdbx_database_status.deposit_site                    RCSB 
_pdbx_database_status.process_site                    RCSB 
_pdbx_database_status.status_code_sf                  REL 
_pdbx_database_status.status_code_mr                  ? 
_pdbx_database_status.SG_entry                        ? 
_pdbx_database_status.status_code_cs                  ? 
_pdbx_database_status.methods_development_category    ? 
_pdbx_database_status.pdb_format_compatible           Y 
_pdbx_database_status.status_code_nmr_data            ? 
# 
loop_
_audit_author.name 
_audit_author.pdbx_ordinal 
'Ullah, A.'        1 
'Souza, T.C.A.B.'  2 
'Zanphorlin, L.M.' 3 
'Mariutti, R.'     4 
'Sanata, S.V.'     5 
'Murakami, M.T.'   6 
'Arni, R.K.'       7 
# 
_citation.id                        primary 
_citation.title                     
;Crystal structure of Jararacussin-I: The highly negatively charged catalytic interface contributes to macromolecular selectivity in snake venom thrombin-like enzymes.
;
_citation.journal_abbrev            'Protein Sci.' 
_citation.journal_volume            22 
_citation.page_first                128 
_citation.page_last                 132 
_citation.year                      2013 
_citation.journal_id_ASTM           PRCIEI 
_citation.country                   US 
_citation.journal_id_ISSN           0961-8368 
_citation.journal_id_CSD            0795 
_citation.book_publisher            ? 
_citation.pdbx_database_id_PubMed   23139169 
_citation.pdbx_database_id_DOI      10.1002/pro.2189 
# 
loop_
_citation_author.citation_id 
_citation_author.name 
_citation_author.ordinal 
_citation_author.identifier_ORCID 
primary 'Ullah, A.'        1 ? 
primary 'Souza, T.A.'      2 ? 
primary 'Zanphorlin, L.M.' 3 ? 
primary 'Mariutti, R.B.'   4 ? 
primary 'Santana, V.S.'    5 ? 
primary 'Murakami, M.T.'   6 ? 
primary 'Arni, R.K.'       7 ? 
# 
loop_
_entity.id 
_entity.type 
_entity.src_method 
_entity.pdbx_description 
_entity.formula_weight 
_entity.pdbx_number_of_molecules 
_entity.pdbx_ec 
_entity.pdbx_mutation 
_entity.pdbx_fragment 
_entity.details 
1 polymer nat 'Thrombin-like enzyme BjussuSP-1' 25183.447 1 3.4.21.- ? ? ? 
2 water   nat water                             18.015    7 ?        ? ? ? 
# 
_entity_name_com.entity_id   1 
_entity_name_com.name        
;SVTLE BjussuSP-1, Fibrinogen-clotting enzyme, Snake venom serine protease 1, SVSP, Thrombin-like enzyme BjussuSP-I, SVTLE BjussuSP-I
;
# 
_entity_poly.entity_id                      1 
_entity_poly.type                           'polypeptide(L)' 
_entity_poly.nstd_linkage                   no 
_entity_poly.nstd_monomer                   no 
_entity_poly.pdbx_seq_one_letter_code       
;VLGGDECDINEHPFLAFLYSHGYFCGLTLINQEWVVTAAHCDSTNFQMQLGVHSKKVLNEDEQTRNPKEKFICPNKNMSE
VLDKDIMLIKLDKPISNSKHIAPLSLPSNPPSVGSVCRIMGWGSITIPNETYPDVPYCANINLVDYEVCQGAYNGLPAKT
TLCAGVLEGGKDTCVGDSGGPLICNGQFQGIVSYGAHSCGQGPKPGIYTNVFDYTDWIQRNIAGNTDATCPP
;
_entity_poly.pdbx_seq_one_letter_code_can   
;VLGGDECDINEHPFLAFLYSHGYFCGLTLINQEWVVTAAHCDSTNFQMQLGVHSKKVLNEDEQTRNPKEKFICPNKNMSE
VLDKDIMLIKLDKPISNSKHIAPLSLPSNPPSVGSVCRIMGWGSITIPNETYPDVPYCANINLVDYEVCQGAYNGLPAKT
TLCAGVLEGGKDTCVGDSGGPLICNGQFQGIVSYGAHSCGQGPKPGIYTNVFDYTDWIQRNIAGNTDATCPP
;
_entity_poly.pdbx_strand_id                 A 
_entity_poly.pdbx_target_identifier         ? 
# 
_pdbx_entity_nonpoly.entity_id   2 
_pdbx_entity_nonpoly.name        water 
_pdbx_entity_nonpoly.comp_id     HOH 
# 
loop_
_entity_poly_seq.entity_id 
_entity_poly_seq.num 
_entity_poly_seq.mon_id 
_entity_poly_seq.hetero 
1 1   VAL n 
1 2   LEU n 
1 3   GLY n 
1 4   GLY n 
1 5   ASP n 
1 6   GLU n 
1 7   CYS n 
1 8   ASP n 
1 9   ILE n 
1 10  ASN n 
1 11  GLU n 
1 12  HIS n 
1 13  PRO n 
1 14  PHE n 
1 15  LEU n 
1 16  ALA n 
1 17  PHE n 
1 18  LEU n 
1 19  TYR n 
1 20  SER n 
1 21  HIS n 
1 22  GLY n 
1 23  TYR n 
1 24  PHE n 
1 25  CYS n 
1 26  GLY n 
1 27  LEU n 
1 28  THR n 
1 29  LEU n 
1 30  ILE n 
1 31  ASN n 
1 32  GLN n 
1 33  GLU n 
1 34  TRP n 
1 35  VAL n 
1 36  VAL n 
1 37  THR n 
1 38  ALA n 
1 39  ALA n 
1 40  HIS n 
1 41  CYS n 
1 42  ASP n 
1 43  SER n 
1 44  THR n 
1 45  ASN n 
1 46  PHE n 
1 47  GLN n 
1 48  MET n 
1 49  GLN n 
1 50  LEU n 
1 51  GLY n 
1 52  VAL n 
1 53  HIS n 
1 54  SER n 
1 55  LYS n 
1 56  LYS n 
1 57  VAL n 
1 58  LEU n 
1 59  ASN n 
1 60  GLU n 
1 61  ASP n 
1 62  GLU n 
1 63  GLN n 
1 64  THR n 
1 65  ARG n 
1 66  ASN n 
1 67  PRO n 
1 68  LYS n 
1 69  GLU n 
1 70  LYS n 
1 71  PHE n 
1 72  ILE n 
1 73  CYS n 
1 74  PRO n 
1 75  ASN n 
1 76  LYS n 
1 77  ASN n 
1 78  MET n 
1 79  SER n 
1 80  GLU n 
1 81  VAL n 
1 82  LEU n 
1 83  ASP n 
1 84  LYS n 
1 85  ASP n 
1 86  ILE n 
1 87  MET n 
1 88  LEU n 
1 89  ILE n 
1 90  LYS n 
1 91  LEU n 
1 92  ASP n 
1 93  LYS n 
1 94  PRO n 
1 95  ILE n 
1 96  SER n 
1 97  ASN n 
1 98  SER n 
1 99  LYS n 
1 100 HIS n 
1 101 ILE n 
1 102 ALA n 
1 103 PRO n 
1 104 LEU n 
1 105 SER n 
1 106 LEU n 
1 107 PRO n 
1 108 SER n 
1 109 ASN n 
1 110 PRO n 
1 111 PRO n 
1 112 SER n 
1 113 VAL n 
1 114 GLY n 
1 115 SER n 
1 116 VAL n 
1 117 CYS n 
1 118 ARG n 
1 119 ILE n 
1 120 MET n 
1 121 GLY n 
1 122 TRP n 
1 123 GLY n 
1 124 SER n 
1 125 ILE n 
1 126 THR n 
1 127 ILE n 
1 128 PRO n 
1 129 ASN n 
1 130 GLU n 
1 131 THR n 
1 132 TYR n 
1 133 PRO n 
1 134 ASP n 
1 135 VAL n 
1 136 PRO n 
1 137 TYR n 
1 138 CYS n 
1 139 ALA n 
1 140 ASN n 
1 141 ILE n 
1 142 ASN n 
1 143 LEU n 
1 144 VAL n 
1 145 ASP n 
1 146 TYR n 
1 147 GLU n 
1 148 VAL n 
1 149 CYS n 
1 150 GLN n 
1 151 GLY n 
1 152 ALA n 
1 153 TYR n 
1 154 ASN n 
1 155 GLY n 
1 156 LEU n 
1 157 PRO n 
1 158 ALA n 
1 159 LYS n 
1 160 THR n 
1 161 THR n 
1 162 LEU n 
1 163 CYS n 
1 164 ALA n 
1 165 GLY n 
1 166 VAL n 
1 167 LEU n 
1 168 GLU n 
1 169 GLY n 
1 170 GLY n 
1 171 LYS n 
1 172 ASP n 
1 173 THR n 
1 174 CYS n 
1 175 VAL n 
1 176 GLY n 
1 177 ASP n 
1 178 SER n 
1 179 GLY n 
1 180 GLY n 
1 181 PRO n 
1 182 LEU n 
1 183 ILE n 
1 184 CYS n 
1 185 ASN n 
1 186 GLY n 
1 187 GLN n 
1 188 PHE n 
1 189 GLN n 
1 190 GLY n 
1 191 ILE n 
1 192 VAL n 
1 193 SER n 
1 194 TYR n 
1 195 GLY n 
1 196 ALA n 
1 197 HIS n 
1 198 SER n 
1 199 CYS n 
1 200 GLY n 
1 201 GLN n 
1 202 GLY n 
1 203 PRO n 
1 204 LYS n 
1 205 PRO n 
1 206 GLY n 
1 207 ILE n 
1 208 TYR n 
1 209 THR n 
1 210 ASN n 
1 211 VAL n 
1 212 PHE n 
1 213 ASP n 
1 214 TYR n 
1 215 THR n 
1 216 ASP n 
1 217 TRP n 
1 218 ILE n 
1 219 GLN n 
1 220 ARG n 
1 221 ASN n 
1 222 ILE n 
1 223 ALA n 
1 224 GLY n 
1 225 ASN n 
1 226 THR n 
1 227 ASP n 
1 228 ALA n 
1 229 THR n 
1 230 CYS n 
1 231 PRO n 
1 232 PRO n 
# 
_entity_src_nat.entity_id                  1 
_entity_src_nat.pdbx_src_id                1 
_entity_src_nat.pdbx_alt_source_flag       sample 
_entity_src_nat.pdbx_beg_seq_num           ? 
_entity_src_nat.pdbx_end_seq_num           ? 
_entity_src_nat.common_name                Jararacussu 
_entity_src_nat.pdbx_organism_scientific   'Bothrops jararacussu' 
_entity_src_nat.pdbx_ncbi_taxonomy_id      8726 
_entity_src_nat.genus                      ? 
_entity_src_nat.species                    ? 
_entity_src_nat.strain                     ? 
_entity_src_nat.tissue                     ? 
_entity_src_nat.tissue_fraction            ? 
_entity_src_nat.pdbx_secretion             ? 
_entity_src_nat.pdbx_fragment              ? 
_entity_src_nat.pdbx_variant               ? 
_entity_src_nat.pdbx_cell_line             ? 
_entity_src_nat.pdbx_atcc                  ? 
_entity_src_nat.pdbx_cellular_location     ? 
_entity_src_nat.pdbx_organ                 ? 
_entity_src_nat.pdbx_organelle             ? 
_entity_src_nat.pdbx_cell                  ? 
_entity_src_nat.pdbx_plasmid_name          ? 
_entity_src_nat.pdbx_plasmid_details       ? 
_entity_src_nat.details                    ? 
# 
loop_
_chem_comp.id 
_chem_comp.type 
_chem_comp.mon_nstd_flag 
_chem_comp.name 
_chem_comp.pdbx_synonyms 
_chem_comp.formula 
_chem_comp.formula_weight 
ALA 'L-peptide linking' y ALANINE         ? 'C3 H7 N O2'     89.093  
ARG 'L-peptide linking' y ARGININE        ? 'C6 H15 N4 O2 1' 175.209 
ASN 'L-peptide linking' y ASPARAGINE      ? 'C4 H8 N2 O3'    132.118 
ASP 'L-peptide linking' y 'ASPARTIC ACID' ? 'C4 H7 N O4'     133.103 
CYS 'L-peptide linking' y CYSTEINE        ? 'C3 H7 N O2 S'   121.158 
GLN 'L-peptide linking' y GLUTAMINE       ? 'C5 H10 N2 O3'   146.144 
GLU 'L-peptide linking' y 'GLUTAMIC ACID' ? 'C5 H9 N O4'     147.129 
GLY 'peptide linking'   y GLYCINE         ? 'C2 H5 N O2'     75.067  
HIS 'L-peptide linking' y HISTIDINE       ? 'C6 H10 N3 O2 1' 156.162 
HOH non-polymer         . WATER           ? 'H2 O'           18.015  
ILE 'L-peptide linking' y ISOLEUCINE      ? 'C6 H13 N O2'    131.173 
LEU 'L-peptide linking' y LEUCINE         ? 'C6 H13 N O2'    131.173 
LYS 'L-peptide linking' y LYSINE          ? 'C6 H15 N2 O2 1' 147.195 
MET 'L-peptide linking' y METHIONINE      ? 'C5 H11 N O2 S'  149.211 
PHE 'L-peptide linking' y PHENYLALANINE   ? 'C9 H11 N O2'    165.189 
PRO 'L-peptide linking' y PROLINE         ? 'C5 H9 N O2'     115.130 
SER 'L-peptide linking' y SERINE          ? 'C3 H7 N O3'     105.093 
THR 'L-peptide linking' y THREONINE       ? 'C4 H9 N O3'     119.119 
TRP 'L-peptide linking' y TRYPTOPHAN      ? 'C11 H12 N2 O2'  204.225 
TYR 'L-peptide linking' y TYROSINE        ? 'C9 H11 N O3'    181.189 
VAL 'L-peptide linking' y VALINE          ? 'C5 H11 N O2'    117.146 
# 
loop_
_pdbx_poly_seq_scheme.asym_id 
_pdbx_poly_seq_scheme.entity_id 
_pdbx_poly_seq_scheme.seq_id 
_pdbx_poly_seq_scheme.mon_id 
_pdbx_poly_seq_scheme.ndb_seq_num 
_pdbx_poly_seq_scheme.pdb_seq_num 
_pdbx_poly_seq_scheme.auth_seq_num 
_pdbx_poly_seq_scheme.pdb_mon_id 
_pdbx_poly_seq_scheme.auth_mon_id 
_pdbx_poly_seq_scheme.pdb_strand_id 
_pdbx_poly_seq_scheme.pdb_ins_code 
_pdbx_poly_seq_scheme.hetero 
A 1 1   VAL 1   1   1   VAL VAL A . n 
A 1 2   LEU 2   2   2   LEU LEU A . n 
A 1 3   GLY 3   3   3   GLY GLY A . n 
A 1 4   GLY 4   4   4   GLY GLY A . n 
A 1 5   ASP 5   5   5   ASP ASP A . n 
A 1 6   GLU 6   6   6   GLU GLU A . n 
A 1 7   CYS 7   7   7   CYS CYS A . n 
A 1 8   ASP 8   8   8   ASP ASP A . n 
A 1 9   ILE 9   9   9   ILE ILE A . n 
A 1 10  ASN 10  10  10  ASN ASN A . n 
A 1 11  GLU 11  11  11  GLU GLU A . n 
A 1 12  HIS 12  12  12  HIS HIS A . n 
A 1 13  PRO 13  13  13  PRO PRO A . n 
A 1 14  PHE 14  14  14  PHE PHE A . n 
A 1 15  LEU 15  15  15  LEU LEU A . n 
A 1 16  ALA 16  16  16  ALA ALA A . n 
A 1 17  PHE 17  17  17  PHE PHE A . n 
A 1 18  LEU 18  18  18  LEU LEU A . n 
A 1 19  TYR 19  19  19  TYR TYR A . n 
A 1 20  SER 20  20  20  SER SER A . n 
A 1 21  HIS 21  21  21  HIS HIS A . n 
A 1 22  GLY 22  22  22  GLY GLY A . n 
A 1 23  TYR 23  23  23  TYR TYR A . n 
A 1 24  PHE 24  24  24  PHE PHE A . n 
A 1 25  CYS 25  25  25  CYS CYS A . n 
A 1 26  GLY 26  26  26  GLY GLY A . n 
A 1 27  LEU 27  27  27  LEU LEU A . n 
A 1 28  THR 28  28  28  THR THR A . n 
A 1 29  LEU 29  29  29  LEU LEU A . n 
A 1 30  ILE 30  30  30  ILE ILE A . n 
A 1 31  ASN 31  31  31  ASN ASN A . n 
A 1 32  GLN 32  32  32  GLN GLN A . n 
A 1 33  GLU 33  33  33  GLU GLU A . n 
A 1 34  TRP 34  34  34  TRP TRP A . n 
A 1 35  VAL 35  35  35  VAL VAL A . n 
A 1 36  VAL 36  36  36  VAL VAL A . n 
A 1 37  THR 37  37  37  THR THR A . n 
A 1 38  ALA 38  38  38  ALA ALA A . n 
A 1 39  ALA 39  39  39  ALA ALA A . n 
A 1 40  HIS 40  40  40  HIS HIS A . n 
A 1 41  CYS 41  41  41  CYS CYS A . n 
A 1 42  ASP 42  42  42  ASP ASP A . n 
A 1 43  SER 43  43  43  SER SER A . n 
A 1 44  THR 44  44  44  THR THR A . n 
A 1 45  ASN 45  45  45  ASN ASN A . n 
A 1 46  PHE 46  46  46  PHE PHE A . n 
A 1 47  GLN 47  47  47  GLN GLN A . n 
A 1 48  MET 48  48  48  MET MET A . n 
A 1 49  GLN 49  49  49  GLN GLN A . n 
A 1 50  LEU 50  50  50  LEU LEU A . n 
A 1 51  GLY 51  51  51  GLY GLY A . n 
A 1 52  VAL 52  52  52  VAL VAL A . n 
A 1 53  HIS 53  53  53  HIS HIS A . n 
A 1 54  SER 54  54  54  SER SER A . n 
A 1 55  LYS 55  55  55  LYS LYS A . n 
A 1 56  LYS 56  56  56  LYS LYS A . n 
A 1 57  VAL 57  57  57  VAL VAL A . n 
A 1 58  LEU 58  58  58  LEU LEU A . n 
A 1 59  ASN 59  59  59  ASN ASN A . n 
A 1 60  GLU 60  60  60  GLU GLU A . n 
A 1 61  ASP 61  61  61  ASP ASP A . n 
A 1 62  GLU 62  62  62  GLU GLU A . n 
A 1 63  GLN 63  63  63  GLN GLN A . n 
A 1 64  THR 64  64  64  THR THR A . n 
A 1 65  ARG 65  65  65  ARG ARG A . n 
A 1 66  ASN 66  66  66  ASN ASN A . n 
A 1 67  PRO 67  67  67  PRO PRO A . n 
A 1 68  LYS 68  68  68  LYS LYS A . n 
A 1 69  GLU 69  69  69  GLU GLU A . n 
A 1 70  LYS 70  70  70  LYS LYS A . n 
A 1 71  PHE 71  71  71  PHE PHE A . n 
A 1 72  ILE 72  72  72  ILE ILE A . n 
A 1 73  CYS 73  73  73  CYS CYS A . n 
A 1 74  PRO 74  74  74  PRO PRO A . n 
A 1 75  ASN 75  75  75  ASN ASN A . n 
A 1 76  LYS 76  76  76  LYS LYS A . n 
A 1 77  ASN 77  77  77  ASN ASN A . n 
A 1 78  MET 78  78  78  MET MET A . n 
A 1 79  SER 79  79  79  SER SER A . n 
A 1 80  GLU 80  80  80  GLU GLU A . n 
A 1 81  VAL 81  81  81  VAL VAL A . n 
A 1 82  LEU 82  82  82  LEU LEU A . n 
A 1 83  ASP 83  83  83  ASP ASP A . n 
A 1 84  LYS 84  84  84  LYS LYS A . n 
A 1 85  ASP 85  85  85  ASP ASP A . n 
A 1 86  ILE 86  86  86  ILE ILE A . n 
A 1 87  MET 87  87  87  MET MET A . n 
A 1 88  LEU 88  88  88  LEU LEU A . n 
A 1 89  ILE 89  89  89  ILE ILE A . n 
A 1 90  LYS 90  90  90  LYS LYS A . n 
A 1 91  LEU 91  91  91  LEU LEU A . n 
A 1 92  ASP 92  92  92  ASP ASP A . n 
A 1 93  LYS 93  93  93  LYS LYS A . n 
A 1 94  PRO 94  94  94  PRO PRO A . n 
A 1 95  ILE 95  95  95  ILE ILE A . n 
A 1 96  SER 96  96  96  SER SER A . n 
A 1 97  ASN 97  97  97  ASN ASN A . n 
A 1 98  SER 98  98  98  SER SER A . n 
A 1 99  LYS 99  99  99  LYS LYS A . n 
A 1 100 HIS 100 100 100 HIS HIS A . n 
A 1 101 ILE 101 101 101 ILE ILE A . n 
A 1 102 ALA 102 102 102 ALA ALA A . n 
A 1 103 PRO 103 103 103 PRO PRO A . n 
A 1 104 LEU 104 104 104 LEU LEU A . n 
A 1 105 SER 105 105 105 SER SER A . n 
A 1 106 LEU 106 106 106 LEU LEU A . n 
A 1 107 PRO 107 107 107 PRO PRO A . n 
A 1 108 SER 108 108 108 SER SER A . n 
A 1 109 ASN 109 109 109 ASN ASN A . n 
A 1 110 PRO 110 110 110 PRO PRO A . n 
A 1 111 PRO 111 111 111 PRO PRO A . n 
A 1 112 SER 112 112 112 SER SER A . n 
A 1 113 VAL 113 113 113 VAL VAL A . n 
A 1 114 GLY 114 114 114 GLY GLY A . n 
A 1 115 SER 115 115 115 SER SER A . n 
A 1 116 VAL 116 116 116 VAL VAL A . n 
A 1 117 CYS 117 117 117 CYS CYS A . n 
A 1 118 ARG 118 118 118 ARG ARG A . n 
A 1 119 ILE 119 119 119 ILE ILE A . n 
A 1 120 MET 120 120 120 MET MET A . n 
A 1 121 GLY 121 121 121 GLY GLY A . n 
A 1 122 TRP 122 122 122 TRP TRP A . n 
A 1 123 GLY 123 123 123 GLY GLY A . n 
A 1 124 SER 124 124 124 SER SER A . n 
A 1 125 ILE 125 125 125 ILE ILE A . n 
A 1 126 THR 126 126 126 THR THR A . n 
A 1 127 ILE 127 127 127 ILE ILE A . n 
A 1 128 PRO 128 128 128 PRO PRO A . n 
A 1 129 ASN 129 129 129 ASN ASN A . n 
A 1 130 GLU 130 130 130 GLU GLU A . n 
A 1 131 THR 131 131 131 THR THR A . n 
A 1 132 TYR 132 132 132 TYR TYR A . n 
A 1 133 PRO 133 133 133 PRO PRO A . n 
A 1 134 ASP 134 134 134 ASP ASP A . n 
A 1 135 VAL 135 135 135 VAL VAL A . n 
A 1 136 PRO 136 136 136 PRO PRO A . n 
A 1 137 TYR 137 137 137 TYR TYR A . n 
A 1 138 CYS 138 138 138 CYS CYS A . n 
A 1 139 ALA 139 139 139 ALA ALA A . n 
A 1 140 ASN 140 140 140 ASN ASN A . n 
A 1 141 ILE 141 141 141 ILE ILE A . n 
A 1 142 ASN 142 142 142 ASN ASN A . n 
A 1 143 LEU 143 143 143 LEU LEU A . n 
A 1 144 VAL 144 144 144 VAL VAL A . n 
A 1 145 ASP 145 145 145 ASP ASP A . n 
A 1 146 TYR 146 146 146 TYR TYR A . n 
A 1 147 GLU 147 147 147 GLU GLU A . n 
A 1 148 VAL 148 148 148 VAL VAL A . n 
A 1 149 CYS 149 149 149 CYS CYS A . n 
A 1 150 GLN 150 150 150 GLN GLN A . n 
A 1 151 GLY 151 151 151 GLY GLY A . n 
A 1 152 ALA 152 152 152 ALA ALA A . n 
A 1 153 TYR 153 153 153 TYR TYR A . n 
A 1 154 ASN 154 154 154 ASN ASN A . n 
A 1 155 GLY 155 155 155 GLY GLY A . n 
A 1 156 LEU 156 156 156 LEU LEU A . n 
A 1 157 PRO 157 157 157 PRO PRO A . n 
A 1 158 ALA 158 158 158 ALA ALA A . n 
A 1 159 LYS 159 159 159 LYS LYS A . n 
A 1 160 THR 160 160 160 THR THR A . n 
A 1 161 THR 161 161 161 THR THR A . n 
A 1 162 LEU 162 162 162 LEU LEU A . n 
A 1 163 CYS 163 163 163 CYS CYS A . n 
A 1 164 ALA 164 164 164 ALA ALA A . n 
A 1 165 GLY 165 165 165 GLY GLY A . n 
A 1 166 VAL 166 166 166 VAL VAL A . n 
A 1 167 LEU 167 167 167 LEU LEU A . n 
A 1 168 GLU 168 168 168 GLU GLU A . n 
A 1 169 GLY 169 169 169 GLY GLY A . n 
A 1 170 GLY 170 170 170 GLY GLY A . n 
A 1 171 LYS 171 171 171 LYS LYS A . n 
A 1 172 ASP 172 172 172 ASP ASP A . n 
A 1 173 THR 173 173 173 THR THR A . n 
A 1 174 CYS 174 174 174 CYS CYS A . n 
A 1 175 VAL 175 175 175 VAL VAL A . n 
A 1 176 GLY 176 176 176 GLY GLY A . n 
A 1 177 ASP 177 177 177 ASP ASP A . n 
A 1 178 SER 178 178 178 SER SER A . n 
A 1 179 GLY 179 179 179 GLY GLY A . n 
A 1 180 GLY 180 180 180 GLY GLY A . n 
A 1 181 PRO 181 181 181 PRO PRO A . n 
A 1 182 LEU 182 182 182 LEU LEU A . n 
A 1 183 ILE 183 183 183 ILE ILE A . n 
A 1 184 CYS 184 184 184 CYS CYS A . n 
A 1 185 ASN 185 185 185 ASN ASN A . n 
A 1 186 GLY 186 186 186 GLY GLY A . n 
A 1 187 GLN 187 187 187 GLN GLN A . n 
A 1 188 PHE 188 188 188 PHE PHE A . n 
A 1 189 GLN 189 189 189 GLN GLN A . n 
A 1 190 GLY 190 190 190 GLY GLY A . n 
A 1 191 ILE 191 191 191 ILE ILE A . n 
A 1 192 VAL 192 192 192 VAL VAL A . n 
A 1 193 SER 193 193 193 SER SER A . n 
A 1 194 TYR 194 194 194 TYR TYR A . n 
A 1 195 GLY 195 195 195 GLY GLY A . n 
A 1 196 ALA 196 196 196 ALA ALA A . n 
A 1 197 HIS 197 197 197 HIS HIS A . n 
A 1 198 SER 198 198 198 SER SER A . n 
A 1 199 CYS 199 199 199 CYS CYS A . n 
A 1 200 GLY 200 200 200 GLY GLY A . n 
A 1 201 GLN 201 201 201 GLN GLN A . n 
A 1 202 GLY 202 202 202 GLY GLY A . n 
A 1 203 PRO 203 203 203 PRO PRO A . n 
A 1 204 LYS 204 204 204 LYS LYS A . n 
A 1 205 PRO 205 205 205 PRO PRO A . n 
A 1 206 GLY 206 206 206 GLY GLY A . n 
A 1 207 ILE 207 207 207 ILE ILE A . n 
A 1 208 TYR 208 208 208 TYR TYR A . n 
A 1 209 THR 209 209 209 THR THR A . n 
A 1 210 ASN 210 210 210 ASN ASN A . n 
A 1 211 VAL 211 211 211 VAL VAL A . n 
A 1 212 PHE 212 212 212 PHE PHE A . n 
A 1 213 ASP 213 213 213 ASP ASP A . n 
A 1 214 TYR 214 214 214 TYR TYR A . n 
A 1 215 THR 215 215 215 THR THR A . n 
A 1 216 ASP 216 216 216 ASP ASP A . n 
A 1 217 TRP 217 217 217 TRP TRP A . n 
A 1 218 ILE 218 218 218 ILE ILE A . n 
A 1 219 GLN 219 219 219 GLN GLN A . n 
A 1 220 ARG 220 220 220 ARG ARG A . n 
A 1 221 ASN 221 221 221 ASN ASN A . n 
A 1 222 ILE 222 222 222 ILE ILE A . n 
A 1 223 ALA 223 223 223 ALA ALA A . n 
A 1 224 GLY 224 224 224 GLY GLY A . n 
A 1 225 ASN 225 225 225 ASN ASN A . n 
A 1 226 THR 226 226 226 THR THR A . n 
A 1 227 ASP 227 227 227 ASP ASP A . n 
A 1 228 ALA 228 228 228 ALA ALA A . n 
A 1 229 THR 229 229 229 THR THR A . n 
A 1 230 CYS 230 230 230 CYS CYS A . n 
A 1 231 PRO 231 231 231 PRO PRO A . n 
A 1 232 PRO 232 232 232 PRO PRO A . n 
# 
loop_
_pdbx_nonpoly_scheme.asym_id 
_pdbx_nonpoly_scheme.entity_id 
_pdbx_nonpoly_scheme.mon_id 
_pdbx_nonpoly_scheme.ndb_seq_num 
_pdbx_nonpoly_scheme.pdb_seq_num 
_pdbx_nonpoly_scheme.auth_seq_num 
_pdbx_nonpoly_scheme.pdb_mon_id 
_pdbx_nonpoly_scheme.auth_mon_id 
_pdbx_nonpoly_scheme.pdb_strand_id 
_pdbx_nonpoly_scheme.pdb_ins_code 
B 2 HOH 1 301 1 HOH HOH A . 
B 2 HOH 2 302 2 HOH HOH A . 
B 2 HOH 3 303 3 HOH HOH A . 
B 2 HOH 4 304 4 HOH HOH A . 
B 2 HOH 5 305 5 HOH HOH A . 
B 2 HOH 6 306 6 HOH HOH A . 
B 2 HOH 7 307 7 HOH HOH A . 
# 
loop_
_software.name 
_software.classification 
_software.version 
_software.citation_id 
_software.pdbx_ordinal 
MOLREP   phasing          .        ? 1 
REFMAC   refinement       5.5.0110 ? 2 
HKL-2000 'data reduction' .        ? 3 
HKL-2000 'data scaling'   .        ? 4 
# 
_cell.entry_id           4GSO 
_cell.length_a           84.533 
_cell.length_b           84.533 
_cell.length_c           80.243 
_cell.angle_alpha        90.00 
_cell.angle_beta         90.00 
_cell.angle_gamma        90.00 
_cell.Z_PDB              8 
_cell.pdbx_unique_axis   ? 
_cell.length_a_esd       ? 
_cell.length_b_esd       ? 
_cell.length_c_esd       ? 
_cell.angle_alpha_esd    ? 
_cell.angle_beta_esd     ? 
_cell.angle_gamma_esd    ? 
# 
_symmetry.entry_id                         4GSO 
_symmetry.space_group_name_H-M             'I 4' 
_symmetry.pdbx_full_space_group_name_H-M   ? 
_symmetry.cell_setting                     ? 
_symmetry.Int_Tables_number                79 
_symmetry.space_group_name_Hall            ? 
# 
_exptl.entry_id          4GSO 
_exptl.method            'X-RAY DIFFRACTION' 
_exptl.crystals_number   1 
# 
_exptl_crystal.id                    1 
_exptl_crystal.density_meas          ? 
_exptl_crystal.density_Matthews      2.85 
_exptl_crystal.density_percent_sol   56.78 
_exptl_crystal.description           ? 
_exptl_crystal.F_000                 ? 
_exptl_crystal.preparation           ? 
# 
_exptl_crystal_grow.crystal_id      1 
_exptl_crystal_grow.method          'VAPOR DIFFUSION, HANGING DROP' 
_exptl_crystal_grow.temp            291 
_exptl_crystal_grow.temp_details    ? 
_exptl_crystal_grow.pH              6.7 
_exptl_crystal_grow.pdbx_details    '0.1 M MES pH 6.7 and 30% PEG 550 MME, VAPOR DIFFUSION, HANGING DROP, temperature 291K' 
_exptl_crystal_grow.pdbx_pH_range   ? 
# 
_diffrn.id                     1 
_diffrn.ambient_temp           100 
_diffrn.ambient_temp_details   ? 
_diffrn.crystal_id             1 
# 
_diffrn_detector.diffrn_id              1 
_diffrn_detector.detector               CCD 
_diffrn_detector.type                   'MARMOSAIC 225 mm CCD' 
_diffrn_detector.pdbx_collection_date   ? 
_diffrn_detector.details                ? 
# 
_diffrn_radiation.diffrn_id                        1 
_diffrn_radiation.wavelength_id                    1 
_diffrn_radiation.pdbx_monochromatic_or_laue_m_l   M 
_diffrn_radiation.monochromator                    ? 
_diffrn_radiation.pdbx_diffrn_protocol             'SINGLE WAVELENGTH' 
_diffrn_radiation.pdbx_scattering_type             x-ray 
# 
_diffrn_radiation_wavelength.id           1 
_diffrn_radiation_wavelength.wavelength   1.458 
_diffrn_radiation_wavelength.wt           1.0 
# 
_diffrn_source.diffrn_id                   1 
_diffrn_source.source                      SYNCHROTRON 
_diffrn_source.type                        'LNLS BEAMLINE W01B-MX2' 
_diffrn_source.pdbx_synchrotron_site       LNLS 
_diffrn_source.pdbx_synchrotron_beamline   W01B-MX2 
_diffrn_source.pdbx_wavelength             ? 
_diffrn_source.pdbx_wavelength_list        1.458 
# 
_reflns.entry_id                     4GSO 
_reflns.observed_criterion_sigma_I   0 
_reflns.observed_criterion_sigma_F   0 
_reflns.d_resolution_low             59.78 
_reflns.d_resolution_high            2.60 
_reflns.number_obs                   8066 
_reflns.number_all                   8380 
_reflns.percent_possible_obs         96.25 
_reflns.pdbx_Rmerge_I_obs            ? 
_reflns.pdbx_Rsym_value              ? 
_reflns.pdbx_netI_over_sigmaI        ? 
_reflns.B_iso_Wilson_estimate        ? 
_reflns.pdbx_redundancy              ? 
_reflns.R_free_details               ? 
_reflns.limit_h_max                  ? 
_reflns.limit_h_min                  ? 
_reflns.limit_k_max                  ? 
_reflns.limit_k_min                  ? 
_reflns.limit_l_max                  ? 
_reflns.limit_l_min                  ? 
_reflns.observed_criterion_F_max     ? 
_reflns.observed_criterion_F_min     ? 
_reflns.pdbx_chi_squared             ? 
_reflns.pdbx_scaling_rejects         ? 
_reflns.pdbx_ordinal                 1 
_reflns.pdbx_diffrn_id               1 
# 
_reflns_shell.d_res_high             2.60 
_reflns_shell.d_res_low              2.69 
_reflns_shell.percent_possible_all   91 
_reflns_shell.Rmerge_I_obs           0.339 
_reflns_shell.pdbx_Rsym_value        ? 
_reflns_shell.meanI_over_sigI_obs    ? 
_reflns_shell.pdbx_redundancy        3.3 
_reflns_shell.percent_possible_obs   ? 
_reflns_shell.number_unique_all      864 
_reflns_shell.number_measured_all    ? 
_reflns_shell.number_measured_obs    ? 
_reflns_shell.number_unique_obs      ? 
_reflns_shell.pdbx_chi_squared       ? 
_reflns_shell.pdbx_ordinal           1 
_reflns_shell.pdbx_diffrn_id         1 
# 
_refine.entry_id                                 4GSO 
_refine.ls_number_reflns_obs                     8066 
_refine.ls_number_reflns_all                     8380 
_refine.pdbx_ls_sigma_I                          ? 
_refine.pdbx_ls_sigma_F                          ? 
_refine.pdbx_data_cutoff_high_absF               ? 
_refine.pdbx_data_cutoff_low_absF                ? 
_refine.pdbx_data_cutoff_high_rms_absF           ? 
_refine.ls_d_res_low                             59.78 
_refine.ls_d_res_high                            2.60 
_refine.ls_percent_reflns_obs                    96.25 
_refine.ls_R_factor_obs                          0.21844 
_refine.ls_R_factor_all                          ? 
_refine.ls_R_factor_R_work                       0.21592 
_refine.ls_R_factor_R_free                       0.26852 
_refine.ls_R_factor_R_free_error                 ? 
_refine.ls_R_factor_R_free_error_details         ? 
_refine.ls_percent_reflns_R_free                 4.7 
_refine.ls_number_reflns_R_free                  397 
_refine.ls_number_parameters                     ? 
_refine.ls_number_restraints                     ? 
_refine.occupancy_min                            ? 
_refine.occupancy_max                            ? 
_refine.correlation_coeff_Fo_to_Fc               0.904 
_refine.correlation_coeff_Fo_to_Fc_free          0.845 
_refine.B_iso_mean                               42.930 
_refine.aniso_B[1][1]                            -20.18 
_refine.aniso_B[2][2]                            -20.18 
_refine.aniso_B[3][3]                            40.36 
_refine.aniso_B[1][2]                            0.00 
_refine.aniso_B[1][3]                            0.00 
_refine.aniso_B[2][3]                            0.00 
_refine.solvent_model_details                    MASK 
_refine.solvent_model_param_ksol                 ? 
_refine.solvent_model_param_bsol                 ? 
_refine.pdbx_solvent_vdw_probe_radii             1.40 
_refine.pdbx_solvent_ion_probe_radii             0.80 
_refine.pdbx_solvent_shrinkage_radii             0.80 
_refine.pdbx_ls_cross_valid_method               THROUGHOUT 
_refine.details                                  ? 
_refine.pdbx_starting_model                      ? 
_refine.pdbx_method_to_determine_struct          'MOLECULAR REPLACEMENT' 
_refine.pdbx_isotropic_thermal_model             ? 
_refine.pdbx_stereochemistry_target_values       'MAXIMUM LIKELIHOOD' 
_refine.pdbx_stereochem_target_val_spec_case     ? 
_refine.pdbx_R_Free_selection_details            RANDOM 
_refine.pdbx_overall_ESU_R                       0.164 
_refine.pdbx_overall_ESU_R_Free                  0.071 
_refine.overall_SU_ML                            0.335 
_refine.pdbx_overall_phase_error                 ? 
_refine.overall_SU_B                             17.034 
_refine.overall_SU_R_Cruickshank_DPI             ? 
_refine.ls_redundancy_reflns_obs                 ? 
_refine.B_iso_min                                ? 
_refine.B_iso_max                                ? 
_refine.overall_SU_R_free                        ? 
_refine.ls_wR_factor_R_free                      ? 
_refine.ls_wR_factor_R_work                      ? 
_refine.overall_FOM_free_R_set                   ? 
_refine.overall_FOM_work_R_set                   ? 
_refine.pdbx_diffrn_id                           1 
_refine.pdbx_refine_id                           'X-RAY DIFFRACTION' 
_refine.pdbx_TLS_residual_ADP_flag               ? 
_refine.pdbx_overall_SU_R_free_Cruickshank_DPI   ? 
_refine.pdbx_overall_SU_R_Blow_DPI               ? 
_refine.pdbx_overall_SU_R_free_Blow_DPI          ? 
# 
_refine_hist.pdbx_refine_id                   'X-RAY DIFFRACTION' 
_refine_hist.cycle_id                         LAST 
_refine_hist.pdbx_number_atoms_protein        1762 
_refine_hist.pdbx_number_atoms_nucleic_acid   0 
_refine_hist.pdbx_number_atoms_ligand         0 
_refine_hist.number_atoms_solvent             7 
_refine_hist.number_atoms_total               1769 
_refine_hist.d_res_high                       2.60 
_refine_hist.d_res_low                        59.78 
# 
loop_
_refine_ls_restr.type 
_refine_ls_restr.dev_ideal 
_refine_ls_restr.dev_ideal_target 
_refine_ls_restr.weight 
_refine_ls_restr.number 
_refine_ls_restr.pdbx_restraint_function 
_refine_ls_restr.pdbx_refine_id 
r_bond_refined_d             0.009  0.022  ? 1812 ? 'X-RAY DIFFRACTION' 
r_bond_other_d               ?      ?      ? ?    ? 'X-RAY DIFFRACTION' 
r_angle_refined_deg          1.366  1.959  ? 2474 ? 'X-RAY DIFFRACTION' 
r_angle_other_deg            ?      ?      ? ?    ? 'X-RAY DIFFRACTION' 
r_dihedral_angle_1_deg       6.986  5.000  ? 231  ? 'X-RAY DIFFRACTION' 
r_dihedral_angle_2_deg       38.955 26.026 ? 78   ? 'X-RAY DIFFRACTION' 
r_dihedral_angle_3_deg       21.624 15.000 ? 283  ? 'X-RAY DIFFRACTION' 
r_dihedral_angle_4_deg       7.182  15.000 ? 3    ? 'X-RAY DIFFRACTION' 
r_chiral_restr               0.091  0.200  ? 270  ? 'X-RAY DIFFRACTION' 
r_gen_planes_refined         0.007  0.021  ? 1398 ? 'X-RAY DIFFRACTION' 
r_gen_planes_other           ?      ?      ? ?    ? 'X-RAY DIFFRACTION' 
r_nbd_refined                ?      ?      ? ?    ? 'X-RAY DIFFRACTION' 
r_nbd_other                  ?      ?      ? ?    ? 'X-RAY DIFFRACTION' 
r_nbtor_refined              ?      ?      ? ?    ? 'X-RAY DIFFRACTION' 
r_nbtor_other                ?      ?      ? ?    ? 'X-RAY DIFFRACTION' 
r_xyhbond_nbd_refined        ?      ?      ? ?    ? 'X-RAY DIFFRACTION' 
r_xyhbond_nbd_other          ?      ?      ? ?    ? 'X-RAY DIFFRACTION' 
r_metal_ion_refined          ?      ?      ? ?    ? 'X-RAY DIFFRACTION' 
r_metal_ion_other            ?      ?      ? ?    ? 'X-RAY DIFFRACTION' 
r_symmetry_vdw_refined       ?      ?      ? ?    ? 'X-RAY DIFFRACTION' 
r_symmetry_vdw_other         ?      ?      ? ?    ? 'X-RAY DIFFRACTION' 
r_symmetry_hbond_refined     ?      ?      ? ?    ? 'X-RAY DIFFRACTION' 
r_symmetry_hbond_other       ?      ?      ? ?    ? 'X-RAY DIFFRACTION' 
r_symmetry_metal_ion_refined ?      ?      ? ?    ? 'X-RAY DIFFRACTION' 
r_symmetry_metal_ion_other   ?      ?      ? ?    ? 'X-RAY DIFFRACTION' 
r_mcbond_it                  0.350  1.500  ? 1154 ? 'X-RAY DIFFRACTION' 
r_mcbond_other               ?      ?      ? ?    ? 'X-RAY DIFFRACTION' 
r_mcangle_it                 0.672  2.000  ? 1870 ? 'X-RAY DIFFRACTION' 
r_scbond_it                  0.994  3.000  ? 658  ? 'X-RAY DIFFRACTION' 
r_scangle_it                 1.678  4.500  ? 604  ? 'X-RAY DIFFRACTION' 
r_rigid_bond_restr           ?      ?      ? ?    ? 'X-RAY DIFFRACTION' 
r_sphericity_free            ?      ?      ? ?    ? 'X-RAY DIFFRACTION' 
r_sphericity_bonded          ?      ?      ? ?    ? 'X-RAY DIFFRACTION' 
# 
_refine_ls_shell.pdbx_total_number_of_bins_used   20 
_refine_ls_shell.d_res_high                       2.597 
_refine_ls_shell.d_res_low                        2.664 
_refine_ls_shell.number_reflns_R_work             548 
_refine_ls_shell.R_factor_R_work                  0.239 
_refine_ls_shell.percent_reflns_obs               85.43 
_refine_ls_shell.R_factor_R_free                  0.532 
_refine_ls_shell.R_factor_R_free_error            ? 
_refine_ls_shell.percent_reflns_R_free            ? 
_refine_ls_shell.number_reflns_R_free             15 
_refine_ls_shell.number_reflns_all                ? 
_refine_ls_shell.R_factor_all                     ? 
_refine_ls_shell.number_reflns_obs                ? 
_refine_ls_shell.redundancy_reflns_obs            ? 
_refine_ls_shell.pdbx_refine_id                   'X-RAY DIFFRACTION' 
# 
_struct.entry_id                  4GSO 
_struct.title                     'structure of Jararacussin-I' 
_struct.pdbx_model_details        ? 
_struct.pdbx_CASP_flag            ? 
_struct.pdbx_model_type_details   ? 
# 
_struct_keywords.entry_id        4GSO 
_struct_keywords.pdbx_keywords   HYDROLASE 
_struct_keywords.text            'Thrombin-like enzyme, hydrolase' 
# 
loop_
_struct_asym.id 
_struct_asym.pdbx_blank_PDB_chainid_flag 
_struct_asym.pdbx_modified 
_struct_asym.entity_id 
_struct_asym.details 
A N N 1 ? 
B N N 2 ? 
# 
_struct_ref.id                         1 
_struct_ref.db_name                    UNP 
_struct_ref.db_code                    VSP1_BOTJR 
_struct_ref.pdbx_db_accession          Q2PQJ3 
_struct_ref.entity_id                  1 
_struct_ref.pdbx_seq_one_letter_code   
;VLGGDECDINEHPFLAFLYSHGYFCGLTLINQEWVVTAAHCDSTNFQMQLGVHSKKVLNEDEQTRNPKEKFICPNKNMSE
VLDKDIMLIKLDKPISNSKHIAPLSLPSNPPSVGSVCRIMGWGSITIPNETYPDVPYCANINLVDYEVCQGAYNGLPAKT
TLCAGVLEGGKDTCVGDSGGPLICNGQFQGIVSYGAHSCGQGPKPGIYTNVFDYTDWIQRNIAGNTDATCPP
;
_struct_ref.pdbx_align_begin           1 
_struct_ref.pdbx_db_isoform            ? 
# 
_struct_ref_seq.align_id                      1 
_struct_ref_seq.ref_id                        1 
_struct_ref_seq.pdbx_PDB_id_code              4GSO 
_struct_ref_seq.pdbx_strand_id                A 
_struct_ref_seq.seq_align_beg                 1 
_struct_ref_seq.pdbx_seq_align_beg_ins_code   ? 
_struct_ref_seq.seq_align_end                 232 
_struct_ref_seq.pdbx_seq_align_end_ins_code   ? 
_struct_ref_seq.pdbx_db_accession             Q2PQJ3 
_struct_ref_seq.db_align_beg                  1 
_struct_ref_seq.pdbx_db_align_beg_ins_code    ? 
_struct_ref_seq.db_align_end                  232 
_struct_ref_seq.pdbx_db_align_end_ins_code    ? 
_struct_ref_seq.pdbx_auth_seq_align_beg       1 
_struct_ref_seq.pdbx_auth_seq_align_end       232 
# 
_pdbx_struct_assembly.id                   1 
_pdbx_struct_assembly.details              author_and_software_defined_assembly 
_pdbx_struct_assembly.method_details       PISA 
_pdbx_struct_assembly.oligomeric_details   monomeric 
_pdbx_struct_assembly.oligomeric_count     1 
# 
_pdbx_struct_assembly_gen.assembly_id       1 
_pdbx_struct_assembly_gen.oper_expression   1 
_pdbx_struct_assembly_gen.asym_id_list      A,B 
# 
_pdbx_struct_oper_list.id                   1 
_pdbx_struct_oper_list.type                 'identity operation' 
_pdbx_struct_oper_list.name                 1_555 
_pdbx_struct_oper_list.symmetry_operation   x,y,z 
_pdbx_struct_oper_list.matrix[1][1]         1.0000000000 
_pdbx_struct_oper_list.matrix[1][2]         0.0000000000 
_pdbx_struct_oper_list.matrix[1][3]         0.0000000000 
_pdbx_struct_oper_list.vector[1]            0.0000000000 
_pdbx_struct_oper_list.matrix[2][1]         0.0000000000 
_pdbx_struct_oper_list.matrix[2][2]         1.0000000000 
_pdbx_struct_oper_list.matrix[2][3]         0.0000000000 
_pdbx_struct_oper_list.vector[2]            0.0000000000 
_pdbx_struct_oper_list.matrix[3][1]         0.0000000000 
_pdbx_struct_oper_list.matrix[3][2]         0.0000000000 
_pdbx_struct_oper_list.matrix[3][3]         1.0000000000 
_pdbx_struct_oper_list.vector[3]            0.0000000000 
# 
_struct_biol.id        1 
_struct_biol.details   ? 
# 
loop_
_struct_conf.conf_type_id 
_struct_conf.id 
_struct_conf.pdbx_PDB_helix_id 
_struct_conf.beg_label_comp_id 
_struct_conf.beg_label_asym_id 
_struct_conf.beg_label_seq_id 
_struct_conf.pdbx_beg_PDB_ins_code 
_struct_conf.end_label_comp_id 
_struct_conf.end_label_asym_id 
_struct_conf.end_label_seq_id 
_struct_conf.pdbx_end_PDB_ins_code 
_struct_conf.beg_auth_comp_id 
_struct_conf.beg_auth_asym_id 
_struct_conf.beg_auth_seq_id 
_struct_conf.end_auth_comp_id 
_struct_conf.end_auth_asym_id 
_struct_conf.end_auth_seq_id 
_struct_conf.pdbx_PDB_helix_class 
_struct_conf.details 
_struct_conf.pdbx_PDB_helix_length 
HELX_P HELX_P1 1 ALA A 38  ? ASP A 42  ? ALA A 38  ASP A 42  5 ? 5  
HELX_P HELX_P2 2 TYR A 146 ? GLY A 151 ? TYR A 146 GLY A 151 1 ? 6  
HELX_P HELX_P3 3 TYR A 214 ? GLY A 224 ? TYR A 214 GLY A 224 1 ? 11 
# 
_struct_conf_type.id          HELX_P 
_struct_conf_type.criteria    ? 
_struct_conf_type.reference   ? 
# 
loop_
_struct_conn.id 
_struct_conn.conn_type_id 
_struct_conn.pdbx_leaving_atom_flag 
_struct_conn.pdbx_PDB_id 
_struct_conn.ptnr1_label_asym_id 
_struct_conn.ptnr1_label_comp_id 
_struct_conn.ptnr1_label_seq_id 
_struct_conn.ptnr1_label_atom_id 
_struct_conn.pdbx_ptnr1_label_alt_id 
_struct_conn.pdbx_ptnr1_PDB_ins_code 
_struct_conn.pdbx_ptnr1_standard_comp_id 
_struct_conn.ptnr1_symmetry 
_struct_conn.ptnr2_label_asym_id 
_struct_conn.ptnr2_label_comp_id 
_struct_conn.ptnr2_label_seq_id 
_struct_conn.ptnr2_label_atom_id 
_struct_conn.pdbx_ptnr2_label_alt_id 
_struct_conn.pdbx_ptnr2_PDB_ins_code 
_struct_conn.ptnr1_auth_asym_id 
_struct_conn.ptnr1_auth_comp_id 
_struct_conn.ptnr1_auth_seq_id 
_struct_conn.ptnr2_auth_asym_id 
_struct_conn.ptnr2_auth_comp_id 
_struct_conn.ptnr2_auth_seq_id 
_struct_conn.ptnr2_symmetry 
_struct_conn.pdbx_ptnr3_label_atom_id 
_struct_conn.pdbx_ptnr3_label_seq_id 
_struct_conn.pdbx_ptnr3_label_comp_id 
_struct_conn.pdbx_ptnr3_label_asym_id 
_struct_conn.pdbx_ptnr3_label_alt_id 
_struct_conn.pdbx_ptnr3_PDB_ins_code 
_struct_conn.details 
_struct_conn.pdbx_dist_value 
_struct_conn.pdbx_value_order 
_struct_conn.pdbx_role 
disulf1 disulf ? ? A CYS 7   SG ? ? ? 1_555 A CYS 138 SG ? ? A CYS 7   A CYS 138 1_555 ? ? ? ? ? ? ? 2.040 ? ? 
disulf2 disulf ? ? A CYS 25  SG ? ? ? 1_555 A CYS 41  SG ? ? A CYS 25  A CYS 41  1_555 ? ? ? ? ? ? ? 2.011 ? ? 
disulf3 disulf ? ? A CYS 73  SG ? ? ? 1_555 A CYS 230 SG ? ? A CYS 73  A CYS 230 1_555 ? ? ? ? ? ? ? 2.030 ? ? 
disulf4 disulf ? ? A CYS 117 SG ? ? ? 1_555 A CYS 184 SG ? ? A CYS 117 A CYS 184 1_555 ? ? ? ? ? ? ? 2.035 ? ? 
disulf5 disulf ? ? A CYS 149 SG ? ? ? 1_555 A CYS 163 SG ? ? A CYS 149 A CYS 163 1_555 ? ? ? ? ? ? ? 2.042 ? ? 
disulf6 disulf ? ? A CYS 174 SG ? ? ? 1_555 A CYS 199 SG ? ? A CYS 174 A CYS 199 1_555 ? ? ? ? ? ? ? 2.047 ? ? 
# 
_struct_conn_type.id          disulf 
_struct_conn_type.criteria    ? 
_struct_conn_type.reference   ? 
# 
loop_
_pdbx_modification_feature.ordinal 
_pdbx_modification_feature.label_comp_id 
_pdbx_modification_feature.label_asym_id 
_pdbx_modification_feature.label_seq_id 
_pdbx_modification_feature.label_alt_id 
_pdbx_modification_feature.modified_residue_label_comp_id 
_pdbx_modification_feature.modified_residue_label_asym_id 
_pdbx_modification_feature.modified_residue_label_seq_id 
_pdbx_modification_feature.modified_residue_label_alt_id 
_pdbx_modification_feature.auth_comp_id 
_pdbx_modification_feature.auth_asym_id 
_pdbx_modification_feature.auth_seq_id 
_pdbx_modification_feature.PDB_ins_code 
_pdbx_modification_feature.symmetry 
_pdbx_modification_feature.modified_residue_auth_comp_id 
_pdbx_modification_feature.modified_residue_auth_asym_id 
_pdbx_modification_feature.modified_residue_auth_seq_id 
_pdbx_modification_feature.modified_residue_PDB_ins_code 
_pdbx_modification_feature.modified_residue_symmetry 
_pdbx_modification_feature.comp_id_linking_atom 
_pdbx_modification_feature.modified_residue_id_linking_atom 
_pdbx_modification_feature.modified_residue_id 
_pdbx_modification_feature.ref_pcm_id 
_pdbx_modification_feature.ref_comp_id 
_pdbx_modification_feature.type 
_pdbx_modification_feature.category 
1 CYS A 7   ? CYS A 138 ? CYS A 7   ? 1_555 CYS A 138 ? 1_555 SG SG . . . None 'Disulfide bridge' 
2 CYS A 25  ? CYS A 41  ? CYS A 25  ? 1_555 CYS A 41  ? 1_555 SG SG . . . None 'Disulfide bridge' 
3 CYS A 73  ? CYS A 230 ? CYS A 73  ? 1_555 CYS A 230 ? 1_555 SG SG . . . None 'Disulfide bridge' 
4 CYS A 117 ? CYS A 184 ? CYS A 117 ? 1_555 CYS A 184 ? 1_555 SG SG . . . None 'Disulfide bridge' 
5 CYS A 149 ? CYS A 163 ? CYS A 149 ? 1_555 CYS A 163 ? 1_555 SG SG . . . None 'Disulfide bridge' 
6 CYS A 174 ? CYS A 199 ? CYS A 174 ? 1_555 CYS A 199 ? 1_555 SG SG . . . None 'Disulfide bridge' 
# 
_struct_mon_prot_cis.pdbx_id                1 
_struct_mon_prot_cis.label_comp_id          HIS 
_struct_mon_prot_cis.label_seq_id           197 
_struct_mon_prot_cis.label_asym_id          A 
_struct_mon_prot_cis.label_alt_id           . 
_struct_mon_prot_cis.pdbx_PDB_ins_code      ? 
_struct_mon_prot_cis.auth_comp_id           HIS 
_struct_mon_prot_cis.auth_seq_id            197 
_struct_mon_prot_cis.auth_asym_id           A 
_struct_mon_prot_cis.pdbx_label_comp_id_2   SER 
_struct_mon_prot_cis.pdbx_label_seq_id_2    198 
_struct_mon_prot_cis.pdbx_label_asym_id_2   A 
_struct_mon_prot_cis.pdbx_PDB_ins_code_2    ? 
_struct_mon_prot_cis.pdbx_auth_comp_id_2    SER 
_struct_mon_prot_cis.pdbx_auth_seq_id_2     198 
_struct_mon_prot_cis.pdbx_auth_asym_id_2    A 
_struct_mon_prot_cis.pdbx_PDB_model_num     1 
_struct_mon_prot_cis.pdbx_omega_angle       1.43 
# 
loop_
_struct_sheet.id 
_struct_sheet.type 
_struct_sheet.number_strands 
_struct_sheet.details 
A ? 8 ? 
B ? 7 ? 
# 
loop_
_struct_sheet_order.sheet_id 
_struct_sheet_order.range_id_1 
_struct_sheet_order.range_id_2 
_struct_sheet_order.offset 
_struct_sheet_order.sense 
A 1 2 ? anti-parallel 
A 2 3 ? anti-parallel 
A 3 4 ? anti-parallel 
A 4 5 ? anti-parallel 
A 5 6 ? anti-parallel 
A 6 7 ? anti-parallel 
A 7 8 ? anti-parallel 
B 1 2 ? anti-parallel 
B 2 3 ? anti-parallel 
B 3 4 ? anti-parallel 
B 4 5 ? anti-parallel 
B 5 6 ? anti-parallel 
B 6 7 ? anti-parallel 
# 
loop_
_struct_sheet_range.sheet_id 
_struct_sheet_range.id 
_struct_sheet_range.beg_label_comp_id 
_struct_sheet_range.beg_label_asym_id 
_struct_sheet_range.beg_label_seq_id 
_struct_sheet_range.pdbx_beg_PDB_ins_code 
_struct_sheet_range.end_label_comp_id 
_struct_sheet_range.end_label_asym_id 
_struct_sheet_range.end_label_seq_id 
_struct_sheet_range.pdbx_end_PDB_ins_code 
_struct_sheet_range.beg_auth_comp_id 
_struct_sheet_range.beg_auth_asym_id 
_struct_sheet_range.beg_auth_seq_id 
_struct_sheet_range.end_auth_comp_id 
_struct_sheet_range.end_auth_asym_id 
_struct_sheet_range.end_auth_seq_id 
A 1 ASP A 5   ? GLU A 6   ? ASP A 5   GLU A 6   
A 2 TYR A 137 ? LEU A 143 ? TYR A 137 LEU A 143 
A 3 THR A 161 ? GLY A 165 ? THR A 161 GLY A 165 
A 4 GLY A 206 ? ASN A 210 ? GLY A 206 ASN A 210 
A 5 GLN A 187 ? TYR A 194 ? GLN A 187 TYR A 194 
A 6 PRO A 181 ? CYS A 184 ? PRO A 181 CYS A 184 
A 7 VAL A 116 ? GLY A 121 ? VAL A 116 GLY A 121 
A 8 TYR A 137 ? LEU A 143 ? TYR A 137 LEU A 143 
B 1 GLN A 63  ? ARG A 65  ? GLN A 63  ARG A 65  
B 2 GLN A 47  ? LEU A 50  ? GLN A 47  LEU A 50  
B 3 LEU A 15  ? TYR A 19  ? LEU A 15  TYR A 19  
B 4 TYR A 23  ? LEU A 29  ? TYR A 23  LEU A 29  
B 5 TRP A 34  ? THR A 37  ? TRP A 34  THR A 37  
B 6 MET A 87  ? LEU A 91  ? MET A 87  LEU A 91  
B 7 PRO A 67  ? ILE A 72  ? PRO A 67  ILE A 72  
# 
loop_
_pdbx_struct_sheet_hbond.sheet_id 
_pdbx_struct_sheet_hbond.range_id_1 
_pdbx_struct_sheet_hbond.range_id_2 
_pdbx_struct_sheet_hbond.range_1_label_atom_id 
_pdbx_struct_sheet_hbond.range_1_label_comp_id 
_pdbx_struct_sheet_hbond.range_1_label_asym_id 
_pdbx_struct_sheet_hbond.range_1_label_seq_id 
_pdbx_struct_sheet_hbond.range_1_PDB_ins_code 
_pdbx_struct_sheet_hbond.range_1_auth_atom_id 
_pdbx_struct_sheet_hbond.range_1_auth_comp_id 
_pdbx_struct_sheet_hbond.range_1_auth_asym_id 
_pdbx_struct_sheet_hbond.range_1_auth_seq_id 
_pdbx_struct_sheet_hbond.range_2_label_atom_id 
_pdbx_struct_sheet_hbond.range_2_label_comp_id 
_pdbx_struct_sheet_hbond.range_2_label_asym_id 
_pdbx_struct_sheet_hbond.range_2_label_seq_id 
_pdbx_struct_sheet_hbond.range_2_PDB_ins_code 
_pdbx_struct_sheet_hbond.range_2_auth_atom_id 
_pdbx_struct_sheet_hbond.range_2_auth_comp_id 
_pdbx_struct_sheet_hbond.range_2_auth_asym_id 
_pdbx_struct_sheet_hbond.range_2_auth_seq_id 
A 1 2 N ASP A 5   ? N ASP A 5   O CYS A 138 ? O CYS A 138 
A 2 3 N ASN A 142 ? N ASN A 142 O GLY A 165 ? O GLY A 165 
A 3 4 N ALA A 164 ? N ALA A 164 O GLY A 206 ? O GLY A 206 
A 4 5 O ILE A 207 ? O ILE A 207 N TYR A 194 ? N TYR A 194 
A 5 6 O GLN A 189 ? O GLN A 189 N LEU A 182 ? N LEU A 182 
A 6 7 O ILE A 183 ? O ILE A 183 N ARG A 118 ? N ARG A 118 
A 7 8 N CYS A 117 ? N CYS A 117 O ILE A 141 ? O ILE A 141 
B 1 2 O GLN A 63  ? O GLN A 63  N LEU A 50  ? N LEU A 50  
B 2 3 O GLN A 49  ? O GLN A 49  N PHE A 17  ? N PHE A 17  
B 3 4 N LEU A 18  ? N LEU A 18  O PHE A 24  ? O PHE A 24  
B 4 5 N THR A 28  ? N THR A 28  O VAL A 36  ? O VAL A 36  
B 5 6 N THR A 37  ? N THR A 37  O MET A 87  ? O MET A 87  
B 6 7 O LYS A 90  ? O LYS A 90  N LYS A 68  ? N LYS A 68  
# 
_pdbx_entry_details.entry_id                   4GSO 
_pdbx_entry_details.compound_details           ? 
_pdbx_entry_details.source_details             ? 
_pdbx_entry_details.nonpolymer_details         ? 
_pdbx_entry_details.sequence_details           ? 
_pdbx_entry_details.has_ligand_of_interest     ? 
_pdbx_entry_details.has_protein_modification   Y 
# 
_pdbx_validate_close_contact.id               1 
_pdbx_validate_close_contact.PDB_model_num    1 
_pdbx_validate_close_contact.auth_atom_id_1   OD2 
_pdbx_validate_close_contact.auth_asym_id_1   A 
_pdbx_validate_close_contact.auth_comp_id_1   ASP 
_pdbx_validate_close_contact.auth_seq_id_1    61 
_pdbx_validate_close_contact.PDB_ins_code_1   ? 
_pdbx_validate_close_contact.label_alt_id_1   ? 
_pdbx_validate_close_contact.auth_atom_id_2   OG 
_pdbx_validate_close_contact.auth_asym_id_2   A 
_pdbx_validate_close_contact.auth_comp_id_2   SER 
_pdbx_validate_close_contact.auth_seq_id_2    98 
_pdbx_validate_close_contact.PDB_ins_code_2   ? 
_pdbx_validate_close_contact.label_alt_id_2   ? 
_pdbx_validate_close_contact.dist             2.08 
# 
loop_
_pdbx_validate_rmsd_angle.id 
_pdbx_validate_rmsd_angle.PDB_model_num 
_pdbx_validate_rmsd_angle.auth_atom_id_1 
_pdbx_validate_rmsd_angle.auth_asym_id_1 
_pdbx_validate_rmsd_angle.auth_comp_id_1 
_pdbx_validate_rmsd_angle.auth_seq_id_1 
_pdbx_validate_rmsd_angle.PDB_ins_code_1 
_pdbx_validate_rmsd_angle.label_alt_id_1 
_pdbx_validate_rmsd_angle.auth_atom_id_2 
_pdbx_validate_rmsd_angle.auth_asym_id_2 
_pdbx_validate_rmsd_angle.auth_comp_id_2 
_pdbx_validate_rmsd_angle.auth_seq_id_2 
_pdbx_validate_rmsd_angle.PDB_ins_code_2 
_pdbx_validate_rmsd_angle.label_alt_id_2 
_pdbx_validate_rmsd_angle.auth_atom_id_3 
_pdbx_validate_rmsd_angle.auth_asym_id_3 
_pdbx_validate_rmsd_angle.auth_comp_id_3 
_pdbx_validate_rmsd_angle.auth_seq_id_3 
_pdbx_validate_rmsd_angle.PDB_ins_code_3 
_pdbx_validate_rmsd_angle.label_alt_id_3 
_pdbx_validate_rmsd_angle.angle_value 
_pdbx_validate_rmsd_angle.angle_target_value 
_pdbx_validate_rmsd_angle.angle_deviation 
_pdbx_validate_rmsd_angle.angle_standard_deviation 
_pdbx_validate_rmsd_angle.linker_flag 
1 1 C A GLY 202 ? ? N A PRO 203 ? ? CA A PRO 203 ? ? 128.83 119.30 9.53   1.50 Y 
2 1 C A GLY 202 ? ? N A PRO 203 ? ? CD A PRO 203 ? ? 115.47 128.40 -12.93 2.10 Y 
# 
loop_
_pdbx_validate_torsion.id 
_pdbx_validate_torsion.PDB_model_num 
_pdbx_validate_torsion.auth_comp_id 
_pdbx_validate_torsion.auth_asym_id 
_pdbx_validate_torsion.auth_seq_id 
_pdbx_validate_torsion.PDB_ins_code 
_pdbx_validate_torsion.label_alt_id 
_pdbx_validate_torsion.phi 
_pdbx_validate_torsion.psi 
1  1 PRO A 13  ? ? -55.56  -7.91   
2  1 SER A 20  ? ? -154.34 -61.35  
3  1 THR A 37  ? ? -171.89 -172.13 
4  1 GLU A 60  ? ? -48.63  -16.24  
5  1 ASP A 61  ? ? -140.43 58.04   
6  1 VAL A 113 ? ? -35.87  143.90  
7  1 ASP A 145 ? ? -43.60  151.29  
8  1 ASN A 154 ? ? -55.62  -8.47   
9  1 THR A 160 ? ? -98.75  44.32   
10 1 LEU A 167 ? ? -25.91  -71.85  
11 1 GLU A 168 ? ? -67.29  2.99    
12 1 VAL A 175 ? ? -35.48  102.99  
13 1 ASN A 185 ? ? 44.57   70.80   
14 1 SER A 193 ? ? -141.19 -47.17  
15 1 PRO A 203 ? ? 13.45   36.94   
16 1 ASN A 210 ? ? -65.66  88.77   
# 
loop_
_chem_comp_atom.comp_id 
_chem_comp_atom.atom_id 
_chem_comp_atom.type_symbol 
_chem_comp_atom.pdbx_aromatic_flag 
_chem_comp_atom.pdbx_stereo_config 
_chem_comp_atom.pdbx_ordinal 
ALA N    N N N 1   
ALA CA   C N S 2   
ALA C    C N N 3   
ALA O    O N N 4   
ALA CB   C N N 5   
ALA OXT  O N N 6   
ALA H    H N N 7   
ALA H2   H N N 8   
ALA HA   H N N 9   
ALA HB1  H N N 10  
ALA HB2  H N N 11  
ALA HB3  H N N 12  
ALA HXT  H N N 13  
ARG N    N N N 14  
ARG CA   C N S 15  
ARG C    C N N 16  
ARG O    O N N 17  
ARG CB   C N N 18  
ARG CG   C N N 19  
ARG CD   C N N 20  
ARG NE   N N N 21  
ARG CZ   C N N 22  
ARG NH1  N N N 23  
ARG NH2  N N N 24  
ARG OXT  O N N 25  
ARG H    H N N 26  
ARG H2   H N N 27  
ARG HA   H N N 28  
ARG HB2  H N N 29  
ARG HB3  H N N 30  
ARG HG2  H N N 31  
ARG HG3  H N N 32  
ARG HD2  H N N 33  
ARG HD3  H N N 34  
ARG HE   H N N 35  
ARG HH11 H N N 36  
ARG HH12 H N N 37  
ARG HH21 H N N 38  
ARG HH22 H N N 39  
ARG HXT  H N N 40  
ASN N    N N N 41  
ASN CA   C N S 42  
ASN C    C N N 43  
ASN O    O N N 44  
ASN CB   C N N 45  
ASN CG   C N N 46  
ASN OD1  O N N 47  
ASN ND2  N N N 48  
ASN OXT  O N N 49  
ASN H    H N N 50  
ASN H2   H N N 51  
ASN HA   H N N 52  
ASN HB2  H N N 53  
ASN HB3  H N N 54  
ASN HD21 H N N 55  
ASN HD22 H N N 56  
ASN HXT  H N N 57  
ASP N    N N N 58  
ASP CA   C N S 59  
ASP C    C N N 60  
ASP O    O N N 61  
ASP CB   C N N 62  
ASP CG   C N N 63  
ASP OD1  O N N 64  
ASP OD2  O N N 65  
ASP OXT  O N N 66  
ASP H    H N N 67  
ASP H2   H N N 68  
ASP HA   H N N 69  
ASP HB2  H N N 70  
ASP HB3  H N N 71  
ASP HD2  H N N 72  
ASP HXT  H N N 73  
CYS N    N N N 74  
CYS CA   C N R 75  
CYS C    C N N 76  
CYS O    O N N 77  
CYS CB   C N N 78  
CYS SG   S N N 79  
CYS OXT  O N N 80  
CYS H    H N N 81  
CYS H2   H N N 82  
CYS HA   H N N 83  
CYS HB2  H N N 84  
CYS HB3  H N N 85  
CYS HG   H N N 86  
CYS HXT  H N N 87  
GLN N    N N N 88  
GLN CA   C N S 89  
GLN C    C N N 90  
GLN O    O N N 91  
GLN CB   C N N 92  
GLN CG   C N N 93  
GLN CD   C N N 94  
GLN OE1  O N N 95  
GLN NE2  N N N 96  
GLN OXT  O N N 97  
GLN H    H N N 98  
GLN H2   H N N 99  
GLN HA   H N N 100 
GLN HB2  H N N 101 
GLN HB3  H N N 102 
GLN HG2  H N N 103 
GLN HG3  H N N 104 
GLN HE21 H N N 105 
GLN HE22 H N N 106 
GLN HXT  H N N 107 
GLU N    N N N 108 
GLU CA   C N S 109 
GLU C    C N N 110 
GLU O    O N N 111 
GLU CB   C N N 112 
GLU CG   C N N 113 
GLU CD   C N N 114 
GLU OE1  O N N 115 
GLU OE2  O N N 116 
GLU OXT  O N N 117 
GLU H    H N N 118 
GLU H2   H N N 119 
GLU HA   H N N 120 
GLU HB2  H N N 121 
GLU HB3  H N N 122 
GLU HG2  H N N 123 
GLU HG3  H N N 124 
GLU HE2  H N N 125 
GLU HXT  H N N 126 
GLY N    N N N 127 
GLY CA   C N N 128 
GLY C    C N N 129 
GLY O    O N N 130 
GLY OXT  O N N 131 
GLY H    H N N 132 
GLY H2   H N N 133 
GLY HA2  H N N 134 
GLY HA3  H N N 135 
GLY HXT  H N N 136 
HIS N    N N N 137 
HIS CA   C N S 138 
HIS C    C N N 139 
HIS O    O N N 140 
HIS CB   C N N 141 
HIS CG   C Y N 142 
HIS ND1  N Y N 143 
HIS CD2  C Y N 144 
HIS CE1  C Y N 145 
HIS NE2  N Y N 146 
HIS OXT  O N N 147 
HIS H    H N N 148 
HIS H2   H N N 149 
HIS HA   H N N 150 
HIS HB2  H N N 151 
HIS HB3  H N N 152 
HIS HD1  H N N 153 
HIS HD2  H N N 154 
HIS HE1  H N N 155 
HIS HE2  H N N 156 
HIS HXT  H N N 157 
HOH O    O N N 158 
HOH H1   H N N 159 
HOH H2   H N N 160 
ILE N    N N N 161 
ILE CA   C N S 162 
ILE C    C N N 163 
ILE O    O N N 164 
ILE CB   C N S 165 
ILE CG1  C N N 166 
ILE CG2  C N N 167 
ILE CD1  C N N 168 
ILE OXT  O N N 169 
ILE H    H N N 170 
ILE H2   H N N 171 
ILE HA   H N N 172 
ILE HB   H N N 173 
ILE HG12 H N N 174 
ILE HG13 H N N 175 
ILE HG21 H N N 176 
ILE HG22 H N N 177 
ILE HG23 H N N 178 
ILE HD11 H N N 179 
ILE HD12 H N N 180 
ILE HD13 H N N 181 
ILE HXT  H N N 182 
LEU N    N N N 183 
LEU CA   C N S 184 
LEU C    C N N 185 
LEU O    O N N 186 
LEU CB   C N N 187 
LEU CG   C N N 188 
LEU CD1  C N N 189 
LEU CD2  C N N 190 
LEU OXT  O N N 191 
LEU H    H N N 192 
LEU H2   H N N 193 
LEU HA   H N N 194 
LEU HB2  H N N 195 
LEU HB3  H N N 196 
LEU HG   H N N 197 
LEU HD11 H N N 198 
LEU HD12 H N N 199 
LEU HD13 H N N 200 
LEU HD21 H N N 201 
LEU HD22 H N N 202 
LEU HD23 H N N 203 
LEU HXT  H N N 204 
LYS N    N N N 205 
LYS CA   C N S 206 
LYS C    C N N 207 
LYS O    O N N 208 
LYS CB   C N N 209 
LYS CG   C N N 210 
LYS CD   C N N 211 
LYS CE   C N N 212 
LYS NZ   N N N 213 
LYS OXT  O N N 214 
LYS H    H N N 215 
LYS H2   H N N 216 
LYS HA   H N N 217 
LYS HB2  H N N 218 
LYS HB3  H N N 219 
LYS HG2  H N N 220 
LYS HG3  H N N 221 
LYS HD2  H N N 222 
LYS HD3  H N N 223 
LYS HE2  H N N 224 
LYS HE3  H N N 225 
LYS HZ1  H N N 226 
LYS HZ2  H N N 227 
LYS HZ3  H N N 228 
LYS HXT  H N N 229 
MET N    N N N 230 
MET CA   C N S 231 
MET C    C N N 232 
MET O    O N N 233 
MET CB   C N N 234 
MET CG   C N N 235 
MET SD   S N N 236 
MET CE   C N N 237 
MET OXT  O N N 238 
MET H    H N N 239 
MET H2   H N N 240 
MET HA   H N N 241 
MET HB2  H N N 242 
MET HB3  H N N 243 
MET HG2  H N N 244 
MET HG3  H N N 245 
MET HE1  H N N 246 
MET HE2  H N N 247 
MET HE3  H N N 248 
MET HXT  H N N 249 
PHE N    N N N 250 
PHE CA   C N S 251 
PHE C    C N N 252 
PHE O    O N N 253 
PHE CB   C N N 254 
PHE CG   C Y N 255 
PHE CD1  C Y N 256 
PHE CD2  C Y N 257 
PHE CE1  C Y N 258 
PHE CE2  C Y N 259 
PHE CZ   C Y N 260 
PHE OXT  O N N 261 
PHE H    H N N 262 
PHE H2   H N N 263 
PHE HA   H N N 264 
PHE HB2  H N N 265 
PHE HB3  H N N 266 
PHE HD1  H N N 267 
PHE HD2  H N N 268 
PHE HE1  H N N 269 
PHE HE2  H N N 270 
PHE HZ   H N N 271 
PHE HXT  H N N 272 
PRO N    N N N 273 
PRO CA   C N S 274 
PRO C    C N N 275 
PRO O    O N N 276 
PRO CB   C N N 277 
PRO CG   C N N 278 
PRO CD   C N N 279 
PRO OXT  O N N 280 
PRO H    H N N 281 
PRO HA   H N N 282 
PRO HB2  H N N 283 
PRO HB3  H N N 284 
PRO HG2  H N N 285 
PRO HG3  H N N 286 
PRO HD2  H N N 287 
PRO HD3  H N N 288 
PRO HXT  H N N 289 
SER N    N N N 290 
SER CA   C N S 291 
SER C    C N N 292 
SER O    O N N 293 
SER CB   C N N 294 
SER OG   O N N 295 
SER OXT  O N N 296 
SER H    H N N 297 
SER H2   H N N 298 
SER HA   H N N 299 
SER HB2  H N N 300 
SER HB3  H N N 301 
SER HG   H N N 302 
SER HXT  H N N 303 
THR N    N N N 304 
THR CA   C N S 305 
THR C    C N N 306 
THR O    O N N 307 
THR CB   C N R 308 
THR OG1  O N N 309 
THR CG2  C N N 310 
THR OXT  O N N 311 
THR H    H N N 312 
THR H2   H N N 313 
THR HA   H N N 314 
THR HB   H N N 315 
THR HG1  H N N 316 
THR HG21 H N N 317 
THR HG22 H N N 318 
THR HG23 H N N 319 
THR HXT  H N N 320 
TRP N    N N N 321 
TRP CA   C N S 322 
TRP C    C N N 323 
TRP O    O N N 324 
TRP CB   C N N 325 
TRP CG   C Y N 326 
TRP CD1  C Y N 327 
TRP CD2  C Y N 328 
TRP NE1  N Y N 329 
TRP CE2  C Y N 330 
TRP CE3  C Y N 331 
TRP CZ2  C Y N 332 
TRP CZ3  C Y N 333 
TRP CH2  C Y N 334 
TRP OXT  O N N 335 
TRP H    H N N 336 
TRP H2   H N N 337 
TRP HA   H N N 338 
TRP HB2  H N N 339 
TRP HB3  H N N 340 
TRP HD1  H N N 341 
TRP HE1  H N N 342 
TRP HE3  H N N 343 
TRP HZ2  H N N 344 
TRP HZ3  H N N 345 
TRP HH2  H N N 346 
TRP HXT  H N N 347 
TYR N    N N N 348 
TYR CA   C N S 349 
TYR C    C N N 350 
TYR O    O N N 351 
TYR CB   C N N 352 
TYR CG   C Y N 353 
TYR CD1  C Y N 354 
TYR CD2  C Y N 355 
TYR CE1  C Y N 356 
TYR CE2  C Y N 357 
TYR CZ   C Y N 358 
TYR OH   O N N 359 
TYR OXT  O N N 360 
TYR H    H N N 361 
TYR H2   H N N 362 
TYR HA   H N N 363 
TYR HB2  H N N 364 
TYR HB3  H N N 365 
TYR HD1  H N N 366 
TYR HD2  H N N 367 
TYR HE1  H N N 368 
TYR HE2  H N N 369 
TYR HH   H N N 370 
TYR HXT  H N N 371 
VAL N    N N N 372 
VAL CA   C N S 373 
VAL C    C N N 374 
VAL O    O N N 375 
VAL CB   C N N 376 
VAL CG1  C N N 377 
VAL CG2  C N N 378 
VAL OXT  O N N 379 
VAL H    H N N 380 
VAL H2   H N N 381 
VAL HA   H N N 382 
VAL HB   H N N 383 
VAL HG11 H N N 384 
VAL HG12 H N N 385 
VAL HG13 H N N 386 
VAL HG21 H N N 387 
VAL HG22 H N N 388 
VAL HG23 H N N 389 
VAL HXT  H N N 390 
# 
loop_
_chem_comp_bond.comp_id 
_chem_comp_bond.atom_id_1 
_chem_comp_bond.atom_id_2 
_chem_comp_bond.value_order 
_chem_comp_bond.pdbx_aromatic_flag 
_chem_comp_bond.pdbx_stereo_config 
_chem_comp_bond.pdbx_ordinal 
ALA N   CA   sing N N 1   
ALA N   H    sing N N 2   
ALA N   H2   sing N N 3   
ALA CA  C    sing N N 4   
ALA CA  CB   sing N N 5   
ALA CA  HA   sing N N 6   
ALA C   O    doub N N 7   
ALA C   OXT  sing N N 8   
ALA CB  HB1  sing N N 9   
ALA CB  HB2  sing N N 10  
ALA CB  HB3  sing N N 11  
ALA OXT HXT  sing N N 12  
ARG N   CA   sing N N 13  
ARG N   H    sing N N 14  
ARG N   H2   sing N N 15  
ARG CA  C    sing N N 16  
ARG CA  CB   sing N N 17  
ARG CA  HA   sing N N 18  
ARG C   O    doub N N 19  
ARG C   OXT  sing N N 20  
ARG CB  CG   sing N N 21  
ARG CB  HB2  sing N N 22  
ARG CB  HB3  sing N N 23  
ARG CG  CD   sing N N 24  
ARG CG  HG2  sing N N 25  
ARG CG  HG3  sing N N 26  
ARG CD  NE   sing N N 27  
ARG CD  HD2  sing N N 28  
ARG CD  HD3  sing N N 29  
ARG NE  CZ   sing N N 30  
ARG NE  HE   sing N N 31  
ARG CZ  NH1  sing N N 32  
ARG CZ  NH2  doub N N 33  
ARG NH1 HH11 sing N N 34  
ARG NH1 HH12 sing N N 35  
ARG NH2 HH21 sing N N 36  
ARG NH2 HH22 sing N N 37  
ARG OXT HXT  sing N N 38  
ASN N   CA   sing N N 39  
ASN N   H    sing N N 40  
ASN N   H2   sing N N 41  
ASN CA  C    sing N N 42  
ASN CA  CB   sing N N 43  
ASN CA  HA   sing N N 44  
ASN C   O    doub N N 45  
ASN C   OXT  sing N N 46  
ASN CB  CG   sing N N 47  
ASN CB  HB2  sing N N 48  
ASN CB  HB3  sing N N 49  
ASN CG  OD1  doub N N 50  
ASN CG  ND2  sing N N 51  
ASN ND2 HD21 sing N N 52  
ASN ND2 HD22 sing N N 53  
ASN OXT HXT  sing N N 54  
ASP N   CA   sing N N 55  
ASP N   H    sing N N 56  
ASP N   H2   sing N N 57  
ASP CA  C    sing N N 58  
ASP CA  CB   sing N N 59  
ASP CA  HA   sing N N 60  
ASP C   O    doub N N 61  
ASP C   OXT  sing N N 62  
ASP CB  CG   sing N N 63  
ASP CB  HB2  sing N N 64  
ASP CB  HB3  sing N N 65  
ASP CG  OD1  doub N N 66  
ASP CG  OD2  sing N N 67  
ASP OD2 HD2  sing N N 68  
ASP OXT HXT  sing N N 69  
CYS N   CA   sing N N 70  
CYS N   H    sing N N 71  
CYS N   H2   sing N N 72  
CYS CA  C    sing N N 73  
CYS CA  CB   sing N N 74  
CYS CA  HA   sing N N 75  
CYS C   O    doub N N 76  
CYS C   OXT  sing N N 77  
CYS CB  SG   sing N N 78  
CYS CB  HB2  sing N N 79  
CYS CB  HB3  sing N N 80  
CYS SG  HG   sing N N 81  
CYS OXT HXT  sing N N 82  
GLN N   CA   sing N N 83  
GLN N   H    sing N N 84  
GLN N   H2   sing N N 85  
GLN CA  C    sing N N 86  
GLN CA  CB   sing N N 87  
GLN CA  HA   sing N N 88  
GLN C   O    doub N N 89  
GLN C   OXT  sing N N 90  
GLN CB  CG   sing N N 91  
GLN CB  HB2  sing N N 92  
GLN CB  HB3  sing N N 93  
GLN CG  CD   sing N N 94  
GLN CG  HG2  sing N N 95  
GLN CG  HG3  sing N N 96  
GLN CD  OE1  doub N N 97  
GLN CD  NE2  sing N N 98  
GLN NE2 HE21 sing N N 99  
GLN NE2 HE22 sing N N 100 
GLN OXT HXT  sing N N 101 
GLU N   CA   sing N N 102 
GLU N   H    sing N N 103 
GLU N   H2   sing N N 104 
GLU CA  C    sing N N 105 
GLU CA  CB   sing N N 106 
GLU CA  HA   sing N N 107 
GLU C   O    doub N N 108 
GLU C   OXT  sing N N 109 
GLU CB  CG   sing N N 110 
GLU CB  HB2  sing N N 111 
GLU CB  HB3  sing N N 112 
GLU CG  CD   sing N N 113 
GLU CG  HG2  sing N N 114 
GLU CG  HG3  sing N N 115 
GLU CD  OE1  doub N N 116 
GLU CD  OE2  sing N N 117 
GLU OE2 HE2  sing N N 118 
GLU OXT HXT  sing N N 119 
GLY N   CA   sing N N 120 
GLY N   H    sing N N 121 
GLY N   H2   sing N N 122 
GLY CA  C    sing N N 123 
GLY CA  HA2  sing N N 124 
GLY CA  HA3  sing N N 125 
GLY C   O    doub N N 126 
GLY C   OXT  sing N N 127 
GLY OXT HXT  sing N N 128 
HIS N   CA   sing N N 129 
HIS N   H    sing N N 130 
HIS N   H2   sing N N 131 
HIS CA  C    sing N N 132 
HIS CA  CB   sing N N 133 
HIS CA  HA   sing N N 134 
HIS C   O    doub N N 135 
HIS C   OXT  sing N N 136 
HIS CB  CG   sing N N 137 
HIS CB  HB2  sing N N 138 
HIS CB  HB3  sing N N 139 
HIS CG  ND1  sing Y N 140 
HIS CG  CD2  doub Y N 141 
HIS ND1 CE1  doub Y N 142 
HIS ND1 HD1  sing N N 143 
HIS CD2 NE2  sing Y N 144 
HIS CD2 HD2  sing N N 145 
HIS CE1 NE2  sing Y N 146 
HIS CE1 HE1  sing N N 147 
HIS NE2 HE2  sing N N 148 
HIS OXT HXT  sing N N 149 
HOH O   H1   sing N N 150 
HOH O   H2   sing N N 151 
ILE N   CA   sing N N 152 
ILE N   H    sing N N 153 
ILE N   H2   sing N N 154 
ILE CA  C    sing N N 155 
ILE CA  CB   sing N N 156 
ILE CA  HA   sing N N 157 
ILE C   O    doub N N 158 
ILE C   OXT  sing N N 159 
ILE CB  CG1  sing N N 160 
ILE CB  CG2  sing N N 161 
ILE CB  HB   sing N N 162 
ILE CG1 CD1  sing N N 163 
ILE CG1 HG12 sing N N 164 
ILE CG1 HG13 sing N N 165 
ILE CG2 HG21 sing N N 166 
ILE CG2 HG22 sing N N 167 
ILE CG2 HG23 sing N N 168 
ILE CD1 HD11 sing N N 169 
ILE CD1 HD12 sing N N 170 
ILE CD1 HD13 sing N N 171 
ILE OXT HXT  sing N N 172 
LEU N   CA   sing N N 173 
LEU N   H    sing N N 174 
LEU N   H2   sing N N 175 
LEU CA  C    sing N N 176 
LEU CA  CB   sing N N 177 
LEU CA  HA   sing N N 178 
LEU C   O    doub N N 179 
LEU C   OXT  sing N N 180 
LEU CB  CG   sing N N 181 
LEU CB  HB2  sing N N 182 
LEU CB  HB3  sing N N 183 
LEU CG  CD1  sing N N 184 
LEU CG  CD2  sing N N 185 
LEU CG  HG   sing N N 186 
LEU CD1 HD11 sing N N 187 
LEU CD1 HD12 sing N N 188 
LEU CD1 HD13 sing N N 189 
LEU CD2 HD21 sing N N 190 
LEU CD2 HD22 sing N N 191 
LEU CD2 HD23 sing N N 192 
LEU OXT HXT  sing N N 193 
LYS N   CA   sing N N 194 
LYS N   H    sing N N 195 
LYS N   H2   sing N N 196 
LYS CA  C    sing N N 197 
LYS CA  CB   sing N N 198 
LYS CA  HA   sing N N 199 
LYS C   O    doub N N 200 
LYS C   OXT  sing N N 201 
LYS CB  CG   sing N N 202 
LYS CB  HB2  sing N N 203 
LYS CB  HB3  sing N N 204 
LYS CG  CD   sing N N 205 
LYS CG  HG2  sing N N 206 
LYS CG  HG3  sing N N 207 
LYS CD  CE   sing N N 208 
LYS CD  HD2  sing N N 209 
LYS CD  HD3  sing N N 210 
LYS CE  NZ   sing N N 211 
LYS CE  HE2  sing N N 212 
LYS CE  HE3  sing N N 213 
LYS NZ  HZ1  sing N N 214 
LYS NZ  HZ2  sing N N 215 
LYS NZ  HZ3  sing N N 216 
LYS OXT HXT  sing N N 217 
MET N   CA   sing N N 218 
MET N   H    sing N N 219 
MET N   H2   sing N N 220 
MET CA  C    sing N N 221 
MET CA  CB   sing N N 222 
MET CA  HA   sing N N 223 
MET C   O    doub N N 224 
MET C   OXT  sing N N 225 
MET CB  CG   sing N N 226 
MET CB  HB2  sing N N 227 
MET CB  HB3  sing N N 228 
MET CG  SD   sing N N 229 
MET CG  HG2  sing N N 230 
MET CG  HG3  sing N N 231 
MET SD  CE   sing N N 232 
MET CE  HE1  sing N N 233 
MET CE  HE2  sing N N 234 
MET CE  HE3  sing N N 235 
MET OXT HXT  sing N N 236 
PHE N   CA   sing N N 237 
PHE N   H    sing N N 238 
PHE N   H2   sing N N 239 
PHE CA  C    sing N N 240 
PHE CA  CB   sing N N 241 
PHE CA  HA   sing N N 242 
PHE C   O    doub N N 243 
PHE C   OXT  sing N N 244 
PHE CB  CG   sing N N 245 
PHE CB  HB2  sing N N 246 
PHE CB  HB3  sing N N 247 
PHE CG  CD1  doub Y N 248 
PHE CG  CD2  sing Y N 249 
PHE CD1 CE1  sing Y N 250 
PHE CD1 HD1  sing N N 251 
PHE CD2 CE2  doub Y N 252 
PHE CD2 HD2  sing N N 253 
PHE CE1 CZ   doub Y N 254 
PHE CE1 HE1  sing N N 255 
PHE CE2 CZ   sing Y N 256 
PHE CE2 HE2  sing N N 257 
PHE CZ  HZ   sing N N 258 
PHE OXT HXT  sing N N 259 
PRO N   CA   sing N N 260 
PRO N   CD   sing N N 261 
PRO N   H    sing N N 262 
PRO CA  C    sing N N 263 
PRO CA  CB   sing N N 264 
PRO CA  HA   sing N N 265 
PRO C   O    doub N N 266 
PRO C   OXT  sing N N 267 
PRO CB  CG   sing N N 268 
PRO CB  HB2  sing N N 269 
PRO CB  HB3  sing N N 270 
PRO CG  CD   sing N N 271 
PRO CG  HG2  sing N N 272 
PRO CG  HG3  sing N N 273 
PRO CD  HD2  sing N N 274 
PRO CD  HD3  sing N N 275 
PRO OXT HXT  sing N N 276 
SER N   CA   sing N N 277 
SER N   H    sing N N 278 
SER N   H2   sing N N 279 
SER CA  C    sing N N 280 
SER CA  CB   sing N N 281 
SER CA  HA   sing N N 282 
SER C   O    doub N N 283 
SER C   OXT  sing N N 284 
SER CB  OG   sing N N 285 
SER CB  HB2  sing N N 286 
SER CB  HB3  sing N N 287 
SER OG  HG   sing N N 288 
SER OXT HXT  sing N N 289 
THR N   CA   sing N N 290 
THR N   H    sing N N 291 
THR N   H2   sing N N 292 
THR CA  C    sing N N 293 
THR CA  CB   sing N N 294 
THR CA  HA   sing N N 295 
THR C   O    doub N N 296 
THR C   OXT  sing N N 297 
THR CB  OG1  sing N N 298 
THR CB  CG2  sing N N 299 
THR CB  HB   sing N N 300 
THR OG1 HG1  sing N N 301 
THR CG2 HG21 sing N N 302 
THR CG2 HG22 sing N N 303 
THR CG2 HG23 sing N N 304 
THR OXT HXT  sing N N 305 
TRP N   CA   sing N N 306 
TRP N   H    sing N N 307 
TRP N   H2   sing N N 308 
TRP CA  C    sing N N 309 
TRP CA  CB   sing N N 310 
TRP CA  HA   sing N N 311 
TRP C   O    doub N N 312 
TRP C   OXT  sing N N 313 
TRP CB  CG   sing N N 314 
TRP CB  HB2  sing N N 315 
TRP CB  HB3  sing N N 316 
TRP CG  CD1  doub Y N 317 
TRP CG  CD2  sing Y N 318 
TRP CD1 NE1  sing Y N 319 
TRP CD1 HD1  sing N N 320 
TRP CD2 CE2  doub Y N 321 
TRP CD2 CE3  sing Y N 322 
TRP NE1 CE2  sing Y N 323 
TRP NE1 HE1  sing N N 324 
TRP CE2 CZ2  sing Y N 325 
TRP CE3 CZ3  doub Y N 326 
TRP CE3 HE3  sing N N 327 
TRP CZ2 CH2  doub Y N 328 
TRP CZ2 HZ2  sing N N 329 
TRP CZ3 CH2  sing Y N 330 
TRP CZ3 HZ3  sing N N 331 
TRP CH2 HH2  sing N N 332 
TRP OXT HXT  sing N N 333 
TYR N   CA   sing N N 334 
TYR N   H    sing N N 335 
TYR N   H2   sing N N 336 
TYR CA  C    sing N N 337 
TYR CA  CB   sing N N 338 
TYR CA  HA   sing N N 339 
TYR C   O    doub N N 340 
TYR C   OXT  sing N N 341 
TYR CB  CG   sing N N 342 
TYR CB  HB2  sing N N 343 
TYR CB  HB3  sing N N 344 
TYR CG  CD1  doub Y N 345 
TYR CG  CD2  sing Y N 346 
TYR CD1 CE1  sing Y N 347 
TYR CD1 HD1  sing N N 348 
TYR CD2 CE2  doub Y N 349 
TYR CD2 HD2  sing N N 350 
TYR CE1 CZ   doub Y N 351 
TYR CE1 HE1  sing N N 352 
TYR CE2 CZ   sing Y N 353 
TYR CE2 HE2  sing N N 354 
TYR CZ  OH   sing N N 355 
TYR OH  HH   sing N N 356 
TYR OXT HXT  sing N N 357 
VAL N   CA   sing N N 358 
VAL N   H    sing N N 359 
VAL N   H2   sing N N 360 
VAL CA  C    sing N N 361 
VAL CA  CB   sing N N 362 
VAL CA  HA   sing N N 363 
VAL C   O    doub N N 364 
VAL C   OXT  sing N N 365 
VAL CB  CG1  sing N N 366 
VAL CB  CG2  sing N N 367 
VAL CB  HB   sing N N 368 
VAL CG1 HG11 sing N N 369 
VAL CG1 HG12 sing N N 370 
VAL CG1 HG13 sing N N 371 
VAL CG2 HG21 sing N N 372 
VAL CG2 HG22 sing N N 373 
VAL CG2 HG23 sing N N 374 
VAL OXT HXT  sing N N 375 
# 
loop_
_pdbx_reflns_twin.domain_id 
_pdbx_reflns_twin.crystal_id 
_pdbx_reflns_twin.diffrn_id 
_pdbx_reflns_twin.type 
_pdbx_reflns_twin.operator 
_pdbx_reflns_twin.fraction 
1 1 1 ? 'H, K, L'   0.504 
2 1 1 ? '-H, K, -L' 0.496 
# 
_atom_sites.entry_id                    4GSO 
_atom_sites.fract_transf_matrix[1][1]   -0.00667641 
_atom_sites.fract_transf_matrix[1][2]   -0.00164248 
_atom_sites.fract_transf_matrix[1][3]   0.00962687 
_atom_sites.fract_transf_matrix[2][1]   -0.00804819 
_atom_sites.fract_transf_matrix[2][2]   0.00753087 
_atom_sites.fract_transf_matrix[2][3]   -0.00429669 
_atom_sites.fract_transf_matrix[3][1]   -0.00582736 
_atom_sites.fract_transf_matrix[3][2]   -0.00945368 
_atom_sites.fract_transf_matrix[3][3]   -0.00565431 
_atom_sites.fract_transf_vector[1]      0.205370 
_atom_sites.fract_transf_vector[2]      0.315499 
_atom_sites.fract_transf_vector[3]      12.748891 
# 
loop_
_atom_type.symbol 
C 
N 
O 
S 
# 
loop_
_atom_site.group_PDB 
_atom_site.id 
_atom_site.type_symbol 
_atom_site.label_atom_id 
_atom_site.label_alt_id 
_atom_site.label_comp_id 
_atom_site.label_asym_id 
_atom_site.label_entity_id 
_atom_site.label_seq_id 
_atom_site.pdbx_PDB_ins_code 
_atom_site.Cartn_x 
_atom_site.Cartn_y 
_atom_site.Cartn_z 
_atom_site.occupancy 
_atom_site.B_iso_or_equiv 
_atom_site.pdbx_formal_charge 
_atom_site.auth_seq_id 
_atom_site.auth_comp_id 
_atom_site.auth_asym_id 
_atom_site.auth_atom_id 
_atom_site.pdbx_PDB_model_num 
ATOM   1    N N   . VAL A 1 1   ? -10.181 -4.583  -4.387  1.00 34.29 ? 1   VAL A N   1 
ATOM   2    C CA  . VAL A 1 1   ? -10.921 -4.455  -3.093  1.00 34.08 ? 1   VAL A CA  1 
ATOM   3    C C   . VAL A 1 1   ? -12.325 -5.073  -3.227  1.00 34.06 ? 1   VAL A C   1 
ATOM   4    O O   . VAL A 1 1   ? -12.918 -5.047  -4.305  1.00 33.62 ? 1   VAL A O   1 
ATOM   5    C CB  . VAL A 1 1   ? -10.969 -2.968  -2.618  1.00 34.20 ? 1   VAL A CB  1 
ATOM   6    C CG1 . VAL A 1 1   ? -11.476 -2.847  -1.177  1.00 33.80 ? 1   VAL A CG1 1 
ATOM   7    C CG2 . VAL A 1 1   ? -9.589  -2.346  -2.720  1.00 34.59 ? 1   VAL A CG2 1 
ATOM   8    N N   . LEU A 1 2   ? -12.838 -5.643  -2.137  1.00 34.18 ? 2   LEU A N   1 
ATOM   9    C CA  . LEU A 1 2   ? -14.163 -6.265  -2.143  1.00 34.55 ? 2   LEU A CA  1 
ATOM   10   C C   . LEU A 1 2   ? -15.034 -5.717  -1.018  1.00 34.96 ? 2   LEU A C   1 
ATOM   11   O O   . LEU A 1 2   ? -14.523 -5.310  0.028   1.00 35.39 ? 2   LEU A O   1 
ATOM   12   C CB  . LEU A 1 2   ? -14.042 -7.794  -2.046  1.00 34.46 ? 2   LEU A CB  1 
ATOM   13   C CG  . LEU A 1 2   ? -15.321 -8.622  -1.845  1.00 35.01 ? 2   LEU A CG  1 
ATOM   14   C CD1 . LEU A 1 2   ? -16.206 -8.611  -3.084  1.00 36.48 ? 2   LEU A CD1 1 
ATOM   15   C CD2 . LEU A 1 2   ? -15.004 -10.044 -1.458  1.00 35.72 ? 2   LEU A CD2 1 
ATOM   16   N N   . GLY A 1 3   ? -16.348 -5.705  -1.233  1.00 35.37 ? 3   GLY A N   1 
ATOM   17   C CA  . GLY A 1 3   ? -17.300 -5.267  -0.211  1.00 36.04 ? 3   GLY A CA  1 
ATOM   18   C C   . GLY A 1 3   ? -17.267 -3.761  0.008   1.00 36.79 ? 3   GLY A C   1 
ATOM   19   O O   . GLY A 1 3   ? -17.686 -3.255  1.060   1.00 36.71 ? 3   GLY A O   1 
ATOM   20   N N   . GLY A 1 4   ? -16.776 -3.042  -0.997  1.00 37.18 ? 4   GLY A N   1 
ATOM   21   C CA  . GLY A 1 4   ? -16.704 -1.595  -0.933  1.00 37.71 ? 4   GLY A CA  1 
ATOM   22   C C   . GLY A 1 4   ? -17.333 -0.854  -2.098  1.00 38.02 ? 4   GLY A C   1 
ATOM   23   O O   . GLY A 1 4   ? -18.048 -1.436  -2.917  1.00 37.74 ? 4   GLY A O   1 
ATOM   24   N N   . ASP A 1 5   ? -17.040 0.443   -2.153  1.00 38.52 ? 5   ASP A N   1 
ATOM   25   C CA  . ASP A 1 5   ? -17.614 1.378   -3.122  1.00 39.21 ? 5   ASP A CA  1 
ATOM   26   C C   . ASP A 1 5   ? -16.517 1.915   -4.033  1.00 39.20 ? 5   ASP A C   1 
ATOM   27   O O   . ASP A 1 5   ? -15.359 1.946   -3.632  1.00 39.41 ? 5   ASP A O   1 
ATOM   28   C CB  . ASP A 1 5   ? -18.239 2.557   -2.360  1.00 39.38 ? 5   ASP A CB  1 
ATOM   29   C CG  . ASP A 1 5   ? -17.246 3.227   -1.371  1.00 40.72 ? 5   ASP A CG  1 
ATOM   30   O OD1 . ASP A 1 5   ? -17.019 4.461   -1.485  1.00 39.97 ? 5   ASP A OD1 1 
ATOM   31   O OD2 . ASP A 1 5   ? -16.693 2.514   -0.484  1.00 41.36 ? 5   ASP A OD2 1 
ATOM   32   N N   . GLU A 1 6   ? -16.870 2.344   -5.244  1.00 39.49 ? 6   GLU A N   1 
ATOM   33   C CA  . GLU A 1 6   ? -15.963 3.188   -6.038  1.00 39.64 ? 6   GLU A CA  1 
ATOM   34   C C   . GLU A 1 6   ? -15.436 4.279   -5.113  1.00 39.60 ? 6   GLU A C   1 
ATOM   35   O O   . GLU A 1 6   ? -16.190 4.802   -4.286  1.00 39.23 ? 6   GLU A O   1 
ATOM   36   C CB  . GLU A 1 6   ? -16.696 3.877   -7.193  1.00 39.76 ? 6   GLU A CB  1 
ATOM   37   C CG  . GLU A 1 6   ? -17.183 2.983   -8.326  1.00 41.01 ? 6   GLU A CG  1 
ATOM   38   C CD  . GLU A 1 6   ? -17.468 3.759   -9.620  1.00 42.42 ? 6   GLU A CD  1 
ATOM   39   O OE1 . GLU A 1 6   ? -17.456 5.009   -9.603  1.00 40.31 ? 6   GLU A OE1 1 
ATOM   40   O OE2 . GLU A 1 6   ? -17.694 3.105   -10.666 1.00 45.27 ? 6   GLU A OE2 1 
ATOM   41   N N   . CYS A 1 7   ? -14.156 4.621   -5.245  1.00 39.61 ? 7   CYS A N   1 
ATOM   42   C CA  . CYS A 1 7   ? -13.559 5.659   -4.399  1.00 39.74 ? 7   CYS A CA  1 
ATOM   43   C C   . CYS A 1 7   ? -13.829 7.073   -4.879  1.00 39.49 ? 7   CYS A C   1 
ATOM   44   O O   . CYS A 1 7   ? -13.887 7.356   -6.080  1.00 38.96 ? 7   CYS A O   1 
ATOM   45   C CB  . CYS A 1 7   ? -12.058 5.479   -4.252  1.00 39.74 ? 7   CYS A CB  1 
ATOM   46   S SG  . CYS A 1 7   ? -11.582 4.185   -3.120  1.00 41.80 ? 7   CYS A SG  1 
ATOM   47   N N   . ASP A 1 8   ? -13.985 7.949   -3.895  1.00 39.54 ? 8   ASP A N   1 
ATOM   48   C CA  . ASP A 1 8   ? -14.109 9.368   -4.108  1.00 39.63 ? 8   ASP A CA  1 
ATOM   49   C C   . ASP A 1 8   ? -12.729 9.974   -4.340  1.00 39.73 ? 8   ASP A C   1 
ATOM   50   O O   . ASP A 1 8   ? -11.726 9.560   -3.768  1.00 39.60 ? 8   ASP A O   1 
ATOM   51   C CB  . ASP A 1 8   ? -14.842 9.995   -2.924  1.00 39.74 ? 8   ASP A CB  1 
ATOM   52   C CG  . ASP A 1 8   ? -14.253 11.318  -2.494  1.00 39.85 ? 8   ASP A CG  1 
ATOM   53   O OD1 . ASP A 1 8   ? -13.116 11.337  -1.975  1.00 38.54 ? 8   ASP A OD1 1 
ATOM   54   O OD2 . ASP A 1 8   ? -14.953 12.336  -2.644  1.00 40.71 ? 8   ASP A OD2 1 
ATOM   55   N N   . ILE A 1 9   ? -12.704 10.970  -5.203  1.00 40.03 ? 9   ILE A N   1 
ATOM   56   C CA  . ILE A 1 9   ? -11.480 11.515  -5.736  1.00 40.21 ? 9   ILE A CA  1 
ATOM   57   C C   . ILE A 1 9   ? -10.693 12.235  -4.638  1.00 40.60 ? 9   ILE A C   1 
ATOM   58   O O   . ILE A 1 9   ? -9.472  12.356  -4.718  1.00 40.77 ? 9   ILE A O   1 
ATOM   59   C CB  . ILE A 1 9   ? -11.845 12.432  -6.920  1.00 40.15 ? 9   ILE A CB  1 
ATOM   60   C CG1 . ILE A 1 9   ? -10.681 12.599  -7.894  1.00 39.97 ? 9   ILE A CG1 1 
ATOM   61   C CG2 . ILE A 1 9   ? -12.515 13.749  -6.437  1.00 40.18 ? 9   ILE A CG2 1 
ATOM   62   C CD1 . ILE A 1 9   ? -11.162 13.092  -9.241  1.00 40.30 ? 9   ILE A CD1 1 
ATOM   63   N N   . ASN A 1 10  ? -11.411 12.665  -3.600  1.00 40.88 ? 10  ASN A N   1 
ATOM   64   C CA  . ASN A 1 10  ? -10.857 13.396  -2.458  1.00 41.03 ? 10  ASN A CA  1 
ATOM   65   C C   . ASN A 1 10  ? -10.026 12.510  -1.544  1.00 41.01 ? 10  ASN A C   1 
ATOM   66   O O   . ASN A 1 10  ? -9.345  13.005  -0.643  1.00 40.85 ? 10  ASN A O   1 
ATOM   67   C CB  . ASN A 1 10  ? -11.999 14.002  -1.631  1.00 40.98 ? 10  ASN A CB  1 
ATOM   68   C CG  . ASN A 1 10  ? -11.715 15.418  -1.188  1.00 41.39 ? 10  ASN A CG  1 
ATOM   69   O OD1 . ASN A 1 10  ? -11.127 16.213  -1.928  1.00 42.04 ? 10  ASN A OD1 1 
ATOM   70   N ND2 . ASN A 1 10  ? -12.158 15.757  0.012   1.00 41.81 ? 10  ASN A ND2 1 
ATOM   71   N N   . GLU A 1 11  ? -10.100 11.202  -1.764  1.00 40.97 ? 11  GLU A N   1 
ATOM   72   C CA  . GLU A 1 11  ? -9.487  10.272  -0.837  1.00 41.09 ? 11  GLU A CA  1 
ATOM   73   C C   . GLU A 1 11  ? -8.331  9.411   -1.378  1.00 41.06 ? 11  GLU A C   1 
ATOM   74   O O   . GLU A 1 11  ? -7.659  8.744   -0.588  1.00 40.99 ? 11  GLU A O   1 
ATOM   75   C CB  . GLU A 1 11  ? -10.559 9.445   -0.082  1.00 41.23 ? 11  GLU A CB  1 
ATOM   76   C CG  . GLU A 1 11  ? -11.434 8.528   -0.939  1.00 41.77 ? 11  GLU A CG  1 
ATOM   77   C CD  . GLU A 1 11  ? -12.793 8.204   -0.297  1.00 42.95 ? 11  GLU A CD  1 
ATOM   78   O OE1 . GLU A 1 11  ? -13.003 8.492   0.909   1.00 42.17 ? 11  GLU A OE1 1 
ATOM   79   O OE2 . GLU A 1 11  ? -13.668 7.664   -1.017  1.00 43.37 ? 11  GLU A OE2 1 
ATOM   80   N N   . HIS A 1 12  ? -8.065  9.443   -2.689  1.00 41.03 ? 12  HIS A N   1 
ATOM   81   C CA  . HIS A 1 12  ? -6.938  8.657   -3.235  1.00 40.90 ? 12  HIS A CA  1 
ATOM   82   C C   . HIS A 1 12  ? -5.760  9.379   -3.957  1.00 41.02 ? 12  HIS A C   1 
ATOM   83   O O   . HIS A 1 12  ? -4.928  8.711   -4.585  1.00 40.93 ? 12  HIS A O   1 
ATOM   84   C CB  . HIS A 1 12  ? -7.439  7.440   -4.049  1.00 40.82 ? 12  HIS A CB  1 
ATOM   85   C CG  . HIS A 1 12  ? -7.989  7.787   -5.395  1.00 40.29 ? 12  HIS A CG  1 
ATOM   86   N ND1 . HIS A 1 12  ? -9.342  7.875   -5.643  1.00 39.60 ? 12  HIS A ND1 1 
ATOM   87   C CD2 . HIS A 1 12  ? -7.370  8.068   -6.567  1.00 39.19 ? 12  HIS A CD2 1 
ATOM   88   C CE1 . HIS A 1 12  ? -9.531  8.211   -6.905  1.00 38.37 ? 12  HIS A CE1 1 
ATOM   89   N NE2 . HIS A 1 12  ? -8.353  8.332   -7.489  1.00 37.48 ? 12  HIS A NE2 1 
ATOM   90   N N   . PRO A 1 13  ? -5.651  10.723  -3.841  1.00 41.03 ? 13  PRO A N   1 
ATOM   91   C CA  . PRO A 1 13  ? -4.501  11.421  -4.438  1.00 41.03 ? 13  PRO A CA  1 
ATOM   92   C C   . PRO A 1 13  ? -3.098  10.933  -4.007  1.00 41.19 ? 13  PRO A C   1 
ATOM   93   O O   . PRO A 1 13  ? -2.096  11.376  -4.573  1.00 40.91 ? 13  PRO A O   1 
ATOM   94   C CB  . PRO A 1 13  ? -4.708  12.866  -3.987  1.00 40.96 ? 13  PRO A CB  1 
ATOM   95   C CG  . PRO A 1 13  ? -6.152  13.000  -3.851  1.00 41.18 ? 13  PRO A CG  1 
ATOM   96   C CD  . PRO A 1 13  ? -6.611  11.688  -3.280  1.00 41.31 ? 13  PRO A CD  1 
ATOM   97   N N   . PHE A 1 14  ? -3.030  10.043  -3.020  1.00 41.39 ? 14  PHE A N   1 
ATOM   98   C CA  . PHE A 1 14  ? -1.747  9.515   -2.543  1.00 41.76 ? 14  PHE A CA  1 
ATOM   99   C C   . PHE A 1 14  ? -1.415  8.265   -3.347  1.00 41.79 ? 14  PHE A C   1 
ATOM   100  O O   . PHE A 1 14  ? -0.246  7.961   -3.593  1.00 41.49 ? 14  PHE A O   1 
ATOM   101  C CB  . PHE A 1 14  ? -1.808  9.197   -1.046  1.00 41.70 ? 14  PHE A CB  1 
ATOM   102  C CG  . PHE A 1 14  ? -2.958  9.865   -0.331  1.00 43.06 ? 14  PHE A CG  1 
ATOM   103  C CD1 . PHE A 1 14  ? -2.920  11.231  -0.029  1.00 44.45 ? 14  PHE A CD1 1 
ATOM   104  C CD2 . PHE A 1 14  ? -4.086  9.135   0.025   1.00 43.47 ? 14  PHE A CD2 1 
ATOM   105  C CE1 . PHE A 1 14  ? -3.993  11.855  0.624   1.00 44.75 ? 14  PHE A CE1 1 
ATOM   106  C CE2 . PHE A 1 14  ? -5.161  9.747   0.683   1.00 44.69 ? 14  PHE A CE2 1 
ATOM   107  C CZ  . PHE A 1 14  ? -5.117  11.110  0.979   1.00 44.89 ? 14  PHE A CZ  1 
ATOM   108  N N   . LEU A 1 15  ? -2.467  7.567   -3.778  1.00 41.90 ? 15  LEU A N   1 
ATOM   109  C CA  . LEU A 1 15  ? -2.334  6.365   -4.580  1.00 41.88 ? 15  LEU A CA  1 
ATOM   110  C C   . LEU A 1 15  ? -1.635  6.688   -5.900  1.00 42.23 ? 15  LEU A C   1 
ATOM   111  O O   . LEU A 1 15  ? -2.122  7.505   -6.683  1.00 42.17 ? 15  LEU A O   1 
ATOM   112  C CB  . LEU A 1 15  ? -3.710  5.751   -4.856  1.00 41.51 ? 15  LEU A CB  1 
ATOM   113  C CG  . LEU A 1 15  ? -3.973  4.267   -4.551  1.00 41.04 ? 15  LEU A CG  1 
ATOM   114  C CD1 . LEU A 1 15  ? -5.095  3.752   -5.442  1.00 40.19 ? 15  LEU A CD1 1 
ATOM   115  C CD2 . LEU A 1 15  ? -2.746  3.383   -4.705  1.00 40.09 ? 15  LEU A CD2 1 
ATOM   116  N N   . ALA A 1 16  ? -0.479  6.060   -6.118  1.00 42.55 ? 16  ALA A N   1 
ATOM   117  C CA  . ALA A 1 16  ? 0.203   6.096   -7.409  1.00 42.72 ? 16  ALA A CA  1 
ATOM   118  C C   . ALA A 1 16  ? 0.072   4.740   -8.127  1.00 43.01 ? 16  ALA A C   1 
ATOM   119  O O   . ALA A 1 16  ? -0.595  3.826   -7.635  1.00 42.68 ? 16  ALA A O   1 
ATOM   120  C CB  . ALA A 1 16  ? 1.673   6.511   -7.246  1.00 42.66 ? 16  ALA A CB  1 
ATOM   121  N N   . PHE A 1 17  ? 0.737   4.618   -9.275  1.00 43.37 ? 17  PHE A N   1 
ATOM   122  C CA  . PHE A 1 17  ? 0.414   3.609   -10.274 1.00 43.56 ? 17  PHE A CA  1 
ATOM   123  C C   . PHE A 1 17  ? 1.714   3.070   -10.873 1.00 43.67 ? 17  PHE A C   1 
ATOM   124  O O   . PHE A 1 17  ? 2.520   3.847   -11.391 1.00 43.64 ? 17  PHE A O   1 
ATOM   125  C CB  . PHE A 1 17  ? -0.405  4.314   -11.353 1.00 43.65 ? 17  PHE A CB  1 
ATOM   126  C CG  . PHE A 1 17  ? -1.394  3.448   -12.068 1.00 44.26 ? 17  PHE A CG  1 
ATOM   127  C CD1 . PHE A 1 17  ? -2.582  3.061   -11.452 1.00 45.05 ? 17  PHE A CD1 1 
ATOM   128  C CD2 . PHE A 1 17  ? -1.173  3.080   -13.397 1.00 44.68 ? 17  PHE A CD2 1 
ATOM   129  C CE1 . PHE A 1 17  ? -3.524  2.277   -12.138 1.00 45.57 ? 17  PHE A CE1 1 
ATOM   130  C CE2 . PHE A 1 17  ? -2.106  2.304   -14.100 1.00 45.04 ? 17  PHE A CE2 1 
ATOM   131  C CZ  . PHE A 1 17  ? -3.283  1.899   -13.470 1.00 45.47 ? 17  PHE A CZ  1 
ATOM   132  N N   . LEU A 1 18  ? 1.933   1.758   -10.814 1.00 44.02 ? 18  LEU A N   1 
ATOM   133  C CA  . LEU A 1 18  ? 3.152   1.185   -11.418 1.00 44.35 ? 18  LEU A CA  1 
ATOM   134  C C   . LEU A 1 18  ? 2.907   0.361   -12.675 1.00 44.53 ? 18  LEU A C   1 
ATOM   135  O O   . LEU A 1 18  ? 2.243   -0.681  -12.639 1.00 44.29 ? 18  LEU A O   1 
ATOM   136  C CB  . LEU A 1 18  ? 3.981   0.391   -10.411 1.00 44.33 ? 18  LEU A CB  1 
ATOM   137  C CG  . LEU A 1 18  ? 4.612   1.221   -9.296  1.00 44.77 ? 18  LEU A CG  1 
ATOM   138  C CD1 . LEU A 1 18  ? 5.644   0.404   -8.536  1.00 45.28 ? 18  LEU A CD1 1 
ATOM   139  C CD2 . LEU A 1 18  ? 5.235   2.495   -9.845  1.00 45.55 ? 18  LEU A CD2 1 
ATOM   140  N N   . TYR A 1 19  ? 3.484   0.844   -13.775 1.00 44.80 ? 19  TYR A N   1 
ATOM   141  C CA  . TYR A 1 19  ? 3.269   0.280   -15.100 1.00 44.82 ? 19  TYR A CA  1 
ATOM   142  C C   . TYR A 1 19  ? 4.552   0.199   -15.904 1.00 45.30 ? 19  TYR A C   1 
ATOM   143  O O   . TYR A 1 19  ? 5.424   1.066   -15.788 1.00 45.27 ? 19  TYR A O   1 
ATOM   144  C CB  . TYR A 1 19  ? 2.257   1.128   -15.880 1.00 44.40 ? 19  TYR A CB  1 
ATOM   145  C CG  . TYR A 1 19  ? 2.714   2.546   -16.124 1.00 43.39 ? 19  TYR A CG  1 
ATOM   146  C CD1 . TYR A 1 19  ? 3.190   2.947   -17.373 1.00 42.48 ? 19  TYR A CD1 1 
ATOM   147  C CD2 . TYR A 1 19  ? 2.677   3.485   -15.102 1.00 42.27 ? 19  TYR A CD2 1 
ATOM   148  C CE1 . TYR A 1 19  ? 3.610   4.258   -17.588 1.00 42.27 ? 19  TYR A CE1 1 
ATOM   149  C CE2 . TYR A 1 19  ? 3.096   4.774   -15.303 1.00 42.09 ? 19  TYR A CE2 1 
ATOM   150  C CZ  . TYR A 1 19  ? 3.558   5.162   -16.539 1.00 42.47 ? 19  TYR A CZ  1 
ATOM   151  O OH  . TYR A 1 19  ? 3.962   6.466   -16.699 1.00 43.56 ? 19  TYR A OH  1 
ATOM   152  N N   . SER A 1 20  ? 4.647   -0.851  -16.718 1.00 45.98 ? 20  SER A N   1 
ATOM   153  C CA  . SER A 1 20  ? 5.618   -0.933  -17.807 1.00 46.51 ? 20  SER A CA  1 
ATOM   154  C C   . SER A 1 20  ? 5.122   -1.873  -18.917 1.00 46.96 ? 20  SER A C   1 
ATOM   155  O O   . SER A 1 20  ? 4.922   -1.425  -20.045 1.00 47.34 ? 20  SER A O   1 
ATOM   156  C CB  . SER A 1 20  ? 7.022   -1.290  -17.304 1.00 46.56 ? 20  SER A CB  1 
ATOM   157  O OG  . SER A 1 20  ? 6.989   -1.916  -16.036 1.00 46.69 ? 20  SER A OG  1 
ATOM   158  N N   . HIS A 1 21  ? 4.911   -3.153  -18.595 1.00 47.39 ? 21  HIS A N   1 
ATOM   159  C CA  . HIS A 1 21  ? 4.213   -4.105  -19.498 1.00 47.75 ? 21  HIS A CA  1 
ATOM   160  C C   . HIS A 1 21  ? 2.681   -3.894  -19.468 1.00 47.44 ? 21  HIS A C   1 
ATOM   161  O O   . HIS A 1 21  ? 1.931   -4.478  -20.261 1.00 47.23 ? 21  HIS A O   1 
ATOM   162  C CB  . HIS A 1 21  ? 4.507   -5.558  -19.093 1.00 48.17 ? 21  HIS A CB  1 
ATOM   163  C CG  . HIS A 1 21  ? 5.937   -5.982  -19.285 1.00 49.86 ? 21  HIS A CG  1 
ATOM   164  N ND1 . HIS A 1 21  ? 6.970   -5.534  -18.482 1.00 51.05 ? 21  HIS A ND1 1 
ATOM   165  C CD2 . HIS A 1 21  ? 6.496   -6.847  -20.169 1.00 51.06 ? 21  HIS A CD2 1 
ATOM   166  C CE1 . HIS A 1 21  ? 8.104   -6.088  -18.876 1.00 51.89 ? 21  HIS A CE1 1 
ATOM   167  N NE2 . HIS A 1 21  ? 7.844   -6.889  -19.899 1.00 52.31 ? 21  HIS A NE2 1 
ATOM   168  N N   . GLY A 1 22  ? 2.240   -3.056  -18.530 1.00 47.08 ? 22  GLY A N   1 
ATOM   169  C CA  . GLY A 1 22  ? 0.833   -2.881  -18.181 1.00 46.12 ? 22  GLY A CA  1 
ATOM   170  C C   . GLY A 1 22  ? 0.819   -2.487  -16.718 1.00 45.52 ? 22  GLY A C   1 
ATOM   171  O O   . GLY A 1 22  ? 1.601   -1.643  -16.310 1.00 45.35 ? 22  GLY A O   1 
ATOM   172  N N   . TYR A 1 23  ? -0.029  -3.123  -15.915 1.00 44.94 ? 23  TYR A N   1 
ATOM   173  C CA  . TYR A 1 23  ? -0.109  -2.787  -14.500 1.00 44.25 ? 23  TYR A CA  1 
ATOM   174  C C   . TYR A 1 23  ? 0.656   -3.758  -13.592 1.00 43.87 ? 23  TYR A C   1 
ATOM   175  O O   . TYR A 1 23  ? 0.456   -4.969  -13.665 1.00 43.76 ? 23  TYR A O   1 
ATOM   176  C CB  . TYR A 1 23  ? -1.565  -2.671  -14.053 1.00 44.42 ? 23  TYR A CB  1 
ATOM   177  C CG  . TYR A 1 23  ? -1.691  -2.372  -12.586 1.00 44.66 ? 23  TYR A CG  1 
ATOM   178  C CD1 . TYR A 1 23  ? -1.345  -1.122  -12.080 1.00 45.17 ? 23  TYR A CD1 1 
ATOM   179  C CD2 . TYR A 1 23  ? -2.124  -3.349  -11.696 1.00 45.44 ? 23  TYR A CD2 1 
ATOM   180  C CE1 . TYR A 1 23  ? -1.446  -0.843  -10.721 1.00 45.63 ? 23  TYR A CE1 1 
ATOM   181  C CE2 . TYR A 1 23  ? -2.225  -3.085  -10.338 1.00 46.11 ? 23  TYR A CE2 1 
ATOM   182  C CZ  . TYR A 1 23  ? -1.885  -1.831  -9.857  1.00 45.59 ? 23  TYR A CZ  1 
ATOM   183  O OH  . TYR A 1 23  ? -1.987  -1.578  -8.510  1.00 46.02 ? 23  TYR A OH  1 
ATOM   184  N N   . PHE A 1 24  ? 1.510   -3.205  -12.726 1.00 43.30 ? 24  PHE A N   1 
ATOM   185  C CA  . PHE A 1 24  ? 2.320   -3.978  -11.779 1.00 42.74 ? 24  PHE A CA  1 
ATOM   186  C C   . PHE A 1 24  ? 1.923   -3.815  -10.303 1.00 42.21 ? 24  PHE A C   1 
ATOM   187  O O   . PHE A 1 24  ? 1.616   -4.800  -9.632  1.00 42.23 ? 24  PHE A O   1 
ATOM   188  C CB  . PHE A 1 24  ? 3.808   -3.666  -11.974 1.00 43.09 ? 24  PHE A CB  1 
ATOM   189  C CG  . PHE A 1 24  ? 4.369   -4.238  -13.237 1.00 43.88 ? 24  PHE A CG  1 
ATOM   190  C CD1 . PHE A 1 24  ? 4.613   -5.604  -13.344 1.00 45.03 ? 24  PHE A CD1 1 
ATOM   191  C CD2 . PHE A 1 24  ? 4.623   -3.424  -14.328 1.00 45.43 ? 24  PHE A CD2 1 
ATOM   192  C CE1 . PHE A 1 24  ? 5.115   -6.154  -14.518 1.00 46.08 ? 24  PHE A CE1 1 
ATOM   193  C CE2 . PHE A 1 24  ? 5.126   -3.960  -15.512 1.00 46.42 ? 24  PHE A CE2 1 
ATOM   194  C CZ  . PHE A 1 24  ? 5.377   -5.332  -15.603 1.00 46.75 ? 24  PHE A CZ  1 
ATOM   195  N N   . CYS A 1 25  ? 1.927   -2.580  -9.802  1.00 41.47 ? 25  CYS A N   1 
ATOM   196  C CA  . CYS A 1 25  ? 1.620   -2.315  -8.397  1.00 40.77 ? 25  CYS A CA  1 
ATOM   197  C C   . CYS A 1 25  ? 1.033   -0.924  -8.139  1.00 40.32 ? 25  CYS A C   1 
ATOM   198  O O   . CYS A 1 25  ? 1.294   0.027   -8.887  1.00 39.99 ? 25  CYS A O   1 
ATOM   199  C CB  . CYS A 1 25  ? 2.876   -2.489  -7.547  1.00 40.82 ? 25  CYS A CB  1 
ATOM   200  S SG  . CYS A 1 25  ? 3.376   -4.205  -7.344  1.00 41.67 ? 25  CYS A SG  1 
ATOM   201  N N   . GLY A 1 26  ? 0.232   -0.826  -7.076  1.00 39.52 ? 26  GLY A N   1 
ATOM   202  C CA  . GLY A 1 26  ? -0.174  0.455   -6.523  1.00 38.76 ? 26  GLY A CA  1 
ATOM   203  C C   . GLY A 1 26  ? 0.986   1.043   -5.730  1.00 38.43 ? 26  GLY A C   1 
ATOM   204  O O   . GLY A 1 26  ? 2.017   0.396   -5.523  1.00 38.09 ? 26  GLY A O   1 
ATOM   205  N N   . LEU A 1 27  ? 0.805   2.273   -5.271  1.00 37.85 ? 27  LEU A N   1 
ATOM   206  C CA  . LEU A 1 27  ? 1.860   3.012   -4.608  1.00 37.38 ? 27  LEU A CA  1 
ATOM   207  C C   . LEU A 1 27  ? 1.263   4.115   -3.771  1.00 36.64 ? 27  LEU A C   1 
ATOM   208  O O   . LEU A 1 27  ? 0.073   4.405   -3.866  1.00 36.19 ? 27  LEU A O   1 
ATOM   209  C CB  . LEU A 1 27  ? 2.755   3.688   -5.642  1.00 37.86 ? 27  LEU A CB  1 
ATOM   210  C CG  . LEU A 1 27  ? 3.845   2.978   -6.424  1.00 38.42 ? 27  LEU A CG  1 
ATOM   211  C CD1 . LEU A 1 27  ? 4.635   4.013   -7.162  1.00 39.52 ? 27  LEU A CD1 1 
ATOM   212  C CD2 . LEU A 1 27  ? 4.754   2.241   -5.508  1.00 40.17 ? 27  LEU A CD2 1 
ATOM   213  N N   . THR A 1 28  ? 2.115   4.759   -2.982  1.00 35.87 ? 28  THR A N   1 
ATOM   214  C CA  . THR A 1 28  ? 1.692   5.878   -2.166  1.00 35.32 ? 28  THR A CA  1 
ATOM   215  C C   . THR A 1 28  ? 2.702   7.008   -2.271  1.00 34.96 ? 28  THR A C   1 
ATOM   216  O O   . THR A 1 28  ? 3.908   6.787   -2.201  1.00 34.56 ? 28  THR A O   1 
ATOM   217  C CB  . THR A 1 28  ? 1.541   5.452   -0.701  1.00 35.50 ? 28  THR A CB  1 
ATOM   218  O OG1 . THR A 1 28  ? 1.020   4.116   -0.650  1.00 35.83 ? 28  THR A OG1 1 
ATOM   219  C CG2 . THR A 1 28  ? 0.623   6.409   0.067   1.00 34.85 ? 28  THR A CG2 1 
ATOM   220  N N   . LEU A 1 29  ? 2.199   8.218   -2.459  1.00 34.75 ? 29  LEU A N   1 
ATOM   221  C CA  . LEU A 1 29  ? 3.039   9.396   -2.373  1.00 35.05 ? 29  LEU A CA  1 
ATOM   222  C C   . LEU A 1 29  ? 3.127   9.826   -0.913  1.00 35.24 ? 29  LEU A C   1 
ATOM   223  O O   . LEU A 1 29  ? 2.104   9.915   -0.217  1.00 34.85 ? 29  LEU A O   1 
ATOM   224  C CB  . LEU A 1 29  ? 2.480   10.531  -3.234  1.00 34.66 ? 29  LEU A CB  1 
ATOM   225  C CG  . LEU A 1 29  ? 3.354   11.777  -3.388  1.00 34.93 ? 29  LEU A CG  1 
ATOM   226  C CD1 . LEU A 1 29  ? 4.443   11.548  -4.430  1.00 34.78 ? 29  LEU A CD1 1 
ATOM   227  C CD2 . LEU A 1 29  ? 2.499   12.992  -3.761  1.00 34.68 ? 29  LEU A CD2 1 
ATOM   228  N N   . ILE A 1 30  ? 4.352   10.068  -0.449  1.00 35.43 ? 30  ILE A N   1 
ATOM   229  C CA  . ILE A 1 30  ? 4.553   10.575  0.908   1.00 35.58 ? 30  ILE A CA  1 
ATOM   230  C C   . ILE A 1 30  ? 4.931   12.062  0.934   1.00 36.16 ? 30  ILE A C   1 
ATOM   231  O O   . ILE A 1 30  ? 4.638   12.755  1.912   1.00 36.09 ? 30  ILE A O   1 
ATOM   232  C CB  . ILE A 1 30  ? 5.517   9.699   1.749   1.00 35.46 ? 30  ILE A CB  1 
ATOM   233  C CG1 . ILE A 1 30  ? 6.859   9.474   1.042   1.00 33.92 ? 30  ILE A CG1 1 
ATOM   234  C CG2 . ILE A 1 30  ? 4.835   8.370   2.110   1.00 35.54 ? 30  ILE A CG2 1 
ATOM   235  C CD1 . ILE A 1 30  ? 7.903   8.832   1.930   1.00 31.15 ? 30  ILE A CD1 1 
ATOM   236  N N   . ASN A 1 31  ? 5.586   12.525  -0.135  1.00 36.89 ? 31  ASN A N   1 
ATOM   237  C CA  . ASN A 1 31  ? 5.814   13.952  -0.394  1.00 37.68 ? 31  ASN A CA  1 
ATOM   238  C C   . ASN A 1 31  ? 6.162   14.203  -1.866  1.00 38.37 ? 31  ASN A C   1 
ATOM   239  O O   . ASN A 1 31  ? 6.387   13.251  -2.616  1.00 38.76 ? 31  ASN A O   1 
ATOM   240  C CB  . ASN A 1 31  ? 6.882   14.537  0.539   1.00 37.65 ? 31  ASN A CB  1 
ATOM   241  C CG  . ASN A 1 31  ? 8.265   13.963  0.296   1.00 38.24 ? 31  ASN A CG  1 
ATOM   242  O OD1 . ASN A 1 31  ? 8.493   13.232  -0.663  1.00 38.54 ? 31  ASN A OD1 1 
ATOM   243  N ND2 . ASN A 1 31  ? 9.205   14.305  1.172   1.00 39.20 ? 31  ASN A ND2 1 
ATOM   244  N N   . GLN A 1 32  ? 6.215   15.474  -2.266  1.00 38.90 ? 32  GLN A N   1 
ATOM   245  C CA  . GLN A 1 32  ? 6.537   15.884  -3.652  1.00 39.18 ? 32  GLN A CA  1 
ATOM   246  C C   . GLN A 1 32  ? 7.646   15.096  -4.341  1.00 39.07 ? 32  GLN A C   1 
ATOM   247  O O   . GLN A 1 32  ? 7.639   14.949  -5.564  1.00 39.05 ? 32  GLN A O   1 
ATOM   248  C CB  . GLN A 1 32  ? 6.884   17.374  -3.702  1.00 39.24 ? 32  GLN A CB  1 
ATOM   249  C CG  . GLN A 1 32  ? 7.555   17.890  -2.441  1.00 40.67 ? 32  GLN A CG  1 
ATOM   250  C CD  . GLN A 1 32  ? 8.522   19.035  -2.695  1.00 42.74 ? 32  GLN A CD  1 
ATOM   251  O OE1 . GLN A 1 32  ? 9.548   19.140  -2.017  1.00 43.46 ? 32  GLN A OE1 1 
ATOM   252  N NE2 . GLN A 1 32  ? 8.203   19.900  -3.665  1.00 42.10 ? 32  GLN A NE2 1 
ATOM   253  N N   . GLU A 1 33  ? 8.601   14.597  -3.565  1.00 39.28 ? 33  GLU A N   1 
ATOM   254  C CA  . GLU A 1 33  ? 9.752   13.886  -4.132  1.00 39.47 ? 33  GLU A CA  1 
ATOM   255  C C   . GLU A 1 33  ? 9.707   12.363  -3.996  1.00 39.20 ? 33  GLU A C   1 
ATOM   256  O O   . GLU A 1 33  ? 10.259  11.655  -4.839  1.00 39.37 ? 33  GLU A O   1 
ATOM   257  C CB  . GLU A 1 33  ? 11.060  14.407  -3.530  1.00 39.64 ? 33  GLU A CB  1 
ATOM   258  C CG  . GLU A 1 33  ? 11.784  15.440  -4.390  1.00 41.89 ? 33  GLU A CG  1 
ATOM   259  C CD  . GLU A 1 33  ? 11.600  16.857  -3.892  1.00 44.14 ? 33  GLU A CD  1 
ATOM   260  O OE1 . GLU A 1 33  ? 11.556  17.047  -2.660  1.00 44.64 ? 33  GLU A OE1 1 
ATOM   261  O OE2 . GLU A 1 33  ? 11.511  17.785  -4.728  1.00 46.06 ? 33  GLU A OE2 1 
ATOM   262  N N   . TRP A 1 34  ? 9.062   11.859  -2.944  1.00 38.84 ? 34  TRP A N   1 
ATOM   263  C CA  . TRP A 1 34  ? 9.180   10.448  -2.595  1.00 38.78 ? 34  TRP A CA  1 
ATOM   264  C C   . TRP A 1 34  ? 7.880   9.662   -2.581  1.00 38.71 ? 34  TRP A C   1 
ATOM   265  O O   . TRP A 1 34  ? 6.862   10.125  -2.057  1.00 39.00 ? 34  TRP A O   1 
ATOM   266  C CB  . TRP A 1 34  ? 9.878   10.291  -1.246  1.00 38.90 ? 34  TRP A CB  1 
ATOM   267  C CG  . TRP A 1 34  ? 11.316  10.738  -1.256  1.00 39.55 ? 34  TRP A CG  1 
ATOM   268  C CD1 . TRP A 1 34  ? 11.784  12.029  -1.256  1.00 39.41 ? 34  TRP A CD1 1 
ATOM   269  C CD2 . TRP A 1 34  ? 12.472  9.893   -1.248  1.00 39.16 ? 34  TRP A CD2 1 
ATOM   270  N NE1 . TRP A 1 34  ? 13.157  12.031  -1.255  1.00 39.85 ? 34  TRP A NE1 1 
ATOM   271  C CE2 . TRP A 1 34  ? 13.604  10.734  -1.248  1.00 39.36 ? 34  TRP A CE2 1 
ATOM   272  C CE3 . TRP A 1 34  ? 12.659  8.505   -1.240  1.00 39.23 ? 34  TRP A CE3 1 
ATOM   273  C CZ2 . TRP A 1 34  ? 14.908  10.233  -1.247  1.00 40.12 ? 34  TRP A CZ2 1 
ATOM   274  C CZ3 . TRP A 1 34  ? 13.956  8.007   -1.243  1.00 39.74 ? 34  TRP A CZ3 1 
ATOM   275  C CH2 . TRP A 1 34  ? 15.063  8.871   -1.243  1.00 39.53 ? 34  TRP A CH2 1 
ATOM   276  N N   . VAL A 1 35  ? 7.944   8.464   -3.160  1.00 38.18 ? 35  VAL A N   1 
ATOM   277  C CA  . VAL A 1 35  ? 6.838   7.526   -3.195  1.00 37.78 ? 35  VAL A CA  1 
ATOM   278  C C   . VAL A 1 35  ? 7.232   6.286   -2.392  1.00 37.82 ? 35  VAL A C   1 
ATOM   279  O O   . VAL A 1 35  ? 8.411   5.960   -2.307  1.00 38.10 ? 35  VAL A O   1 
ATOM   280  C CB  . VAL A 1 35  ? 6.479   7.142   -4.661  1.00 37.91 ? 35  VAL A CB  1 
ATOM   281  C CG1 . VAL A 1 35  ? 5.584   5.909   -4.717  1.00 36.96 ? 35  VAL A CG1 1 
ATOM   282  C CG2 . VAL A 1 35  ? 5.810   8.304   -5.374  1.00 37.18 ? 35  VAL A CG2 1 
ATOM   283  N N   . VAL A 1 36  ? 6.246   5.604   -1.808  1.00 37.68 ? 36  VAL A N   1 
ATOM   284  C CA  . VAL A 1 36  ? 6.482   4.383   -1.024  1.00 37.53 ? 36  VAL A CA  1 
ATOM   285  C C   . VAL A 1 36  ? 5.766   3.168   -1.632  1.00 37.42 ? 36  VAL A C   1 
ATOM   286  O O   . VAL A 1 36  ? 4.765   3.321   -2.341  1.00 37.45 ? 36  VAL A O   1 
ATOM   287  C CB  . VAL A 1 36  ? 6.057   4.591   0.461   1.00 37.43 ? 36  VAL A CB  1 
ATOM   288  C CG1 . VAL A 1 36  ? 5.689   3.282   1.133   1.00 37.04 ? 36  VAL A CG1 1 
ATOM   289  C CG2 . VAL A 1 36  ? 7.150   5.300   1.233   1.00 37.42 ? 36  VAL A CG2 1 
ATOM   290  N N   . THR A 1 37  ? 6.291   1.975   -1.352  1.00 37.13 ? 37  THR A N   1 
ATOM   291  C CA  . THR A 1 37  ? 5.629   0.715   -1.713  1.00 37.18 ? 37  THR A CA  1 
ATOM   292  C C   . THR A 1 37  ? 6.316   -0.525  -1.120  1.00 37.06 ? 37  THR A C   1 
ATOM   293  O O   . THR A 1 37  ? 7.233   -0.405  -0.300  1.00 36.99 ? 37  THR A O   1 
ATOM   294  C CB  . THR A 1 37  ? 5.496   0.549   -3.242  1.00 37.36 ? 37  THR A CB  1 
ATOM   295  O OG1 . THR A 1 37  ? 4.795   -0.672  -3.528  1.00 37.49 ? 37  THR A OG1 1 
ATOM   296  C CG2 . THR A 1 37  ? 6.874   0.555   -3.921  1.00 36.97 ? 37  THR A CG2 1 
ATOM   297  N N   . ALA A 1 38  ? 5.863   -1.705  -1.541  1.00 36.76 ? 38  ALA A N   1 
ATOM   298  C CA  . ALA A 1 38  ? 6.377   -2.973  -1.037  1.00 36.91 ? 38  ALA A CA  1 
ATOM   299  C C   . ALA A 1 38  ? 7.557   -3.436  -1.872  1.00 37.18 ? 38  ALA A C   1 
ATOM   300  O O   . ALA A 1 38  ? 7.548   -3.301  -3.095  1.00 37.20 ? 38  ALA A O   1 
ATOM   301  C CB  . ALA A 1 38  ? 5.278   -4.033  -1.037  1.00 36.43 ? 38  ALA A CB  1 
ATOM   302  N N   . ALA A 1 39  ? 8.573   -3.973  -1.202  1.00 37.61 ? 39  ALA A N   1 
ATOM   303  C CA  . ALA A 1 39  ? 9.701   -4.612  -1.877  1.00 38.16 ? 39  ALA A CA  1 
ATOM   304  C C   . ALA A 1 39  ? 9.216   -5.612  -2.938  1.00 38.76 ? 39  ALA A C   1 
ATOM   305  O O   . ALA A 1 39  ? 9.668   -5.586  -4.088  1.00 38.71 ? 39  ALA A O   1 
ATOM   306  C CB  . ALA A 1 39  ? 10.603  -5.302  -0.859  1.00 37.87 ? 39  ALA A CB  1 
ATOM   307  N N   . HIS A 1 40  ? 8.271   -6.466  -2.543  1.00 39.53 ? 40  HIS A N   1 
ATOM   308  C CA  . HIS A 1 40  ? 7.686   -7.492  -3.414  1.00 40.47 ? 40  HIS A CA  1 
ATOM   309  C C   . HIS A 1 40  ? 7.221   -6.911  -4.751  1.00 40.68 ? 40  HIS A C   1 
ATOM   310  O O   . HIS A 1 40  ? 7.132   -7.611  -5.763  1.00 40.64 ? 40  HIS A O   1 
ATOM   311  C CB  . HIS A 1 40  ? 6.511   -8.169  -2.702  1.00 40.49 ? 40  HIS A CB  1 
ATOM   312  C CG  . HIS A 1 40  ? 6.324   -9.609  -3.073  1.00 42.03 ? 40  HIS A CG  1 
ATOM   313  N ND1 . HIS A 1 40  ? 5.425   -10.024 -4.038  1.00 43.12 ? 40  HIS A ND1 1 
ATOM   314  C CD2 . HIS A 1 40  ? 6.924   -10.732 -2.610  1.00 42.27 ? 40  HIS A CD2 1 
ATOM   315  C CE1 . HIS A 1 40  ? 5.484   -11.340 -4.156  1.00 43.22 ? 40  HIS A CE1 1 
ATOM   316  N NE2 . HIS A 1 40  ? 6.385   -11.794 -3.300  1.00 43.48 ? 40  HIS A NE2 1 
ATOM   317  N N   . CYS A 1 41  ? 6.930   -5.618  -4.734  1.00 41.12 ? 41  CYS A N   1 
ATOM   318  C CA  . CYS A 1 41  ? 6.456   -4.904  -5.903  1.00 41.67 ? 41  CYS A CA  1 
ATOM   319  C C   . CYS A 1 41  ? 7.560   -4.375  -6.824  1.00 41.74 ? 41  CYS A C   1 
ATOM   320  O O   . CYS A 1 41  ? 7.280   -3.628  -7.762  1.00 41.36 ? 41  CYS A O   1 
ATOM   321  C CB  . CYS A 1 41  ? 5.545   -3.772  -5.448  1.00 41.90 ? 41  CYS A CB  1 
ATOM   322  S SG  . CYS A 1 41  ? 3.842   -4.290  -5.389  1.00 42.95 ? 41  CYS A SG  1 
ATOM   323  N N   . ASP A 1 42  ? 8.805   -4.770  -6.570  1.00 42.18 ? 42  ASP A N   1 
ATOM   324  C CA  . ASP A 1 42  ? 9.902   -4.323  -7.413  1.00 42.66 ? 42  ASP A CA  1 
ATOM   325  C C   . ASP A 1 42  ? 9.873   -5.050  -8.740  1.00 42.67 ? 42  ASP A C   1 
ATOM   326  O O   . ASP A 1 42  ? 9.927   -6.282  -8.788  1.00 42.92 ? 42  ASP A O   1 
ATOM   327  C CB  . ASP A 1 42  ? 11.269  -4.507  -6.744  1.00 42.86 ? 42  ASP A CB  1 
ATOM   328  C CG  . ASP A 1 42  ? 12.431  -4.113  -7.666  1.00 43.89 ? 42  ASP A CG  1 
ATOM   329  O OD1 . ASP A 1 42  ? 12.297  -3.115  -8.410  1.00 44.58 ? 42  ASP A OD1 1 
ATOM   330  O OD2 . ASP A 1 42  ? 13.483  -4.798  -7.651  1.00 45.38 ? 42  ASP A OD2 1 
ATOM   331  N N   . SER A 1 43  ? 9.745   -4.270  -9.809  1.00 42.62 ? 43  SER A N   1 
ATOM   332  C CA  . SER A 1 43  ? 10.007  -4.755  -11.154 1.00 42.37 ? 43  SER A CA  1 
ATOM   333  C C   . SER A 1 43  ? 11.222  -4.008  -11.665 1.00 42.56 ? 43  SER A C   1 
ATOM   334  O O   . SER A 1 43  ? 11.493  -2.877  -11.238 1.00 42.56 ? 43  SER A O   1 
ATOM   335  C CB  . SER A 1 43  ? 8.814   -4.557  -12.084 1.00 42.18 ? 43  SER A CB  1 
ATOM   336  O OG  . SER A 1 43  ? 9.112   -5.067  -13.374 1.00 41.71 ? 43  SER A OG  1 
ATOM   337  N N   . THR A 1 44  ? 11.938  -4.646  -12.586 1.00 42.66 ? 44  THR A N   1 
ATOM   338  C CA  . THR A 1 44  ? 13.304  -4.267  -12.918 1.00 42.61 ? 44  THR A CA  1 
ATOM   339  C C   . THR A 1 44  ? 13.391  -2.947  -13.683 1.00 42.66 ? 44  THR A C   1 
ATOM   340  O O   . THR A 1 44  ? 14.339  -2.190  -13.496 1.00 42.92 ? 44  THR A O   1 
ATOM   341  C CB  . THR A 1 44  ? 14.057  -5.423  -13.643 1.00 42.71 ? 44  THR A CB  1 
ATOM   342  O OG1 . THR A 1 44  ? 13.763  -5.415  -15.047 1.00 42.75 ? 44  THR A OG1 1 
ATOM   343  C CG2 . THR A 1 44  ? 13.671  -6.781  -13.044 1.00 42.62 ? 44  THR A CG2 1 
ATOM   344  N N   . ASN A 1 45  ? 12.404  -2.676  -14.534 1.00 42.74 ? 45  ASN A N   1 
ATOM   345  C CA  . ASN A 1 45  ? 12.326  -1.404  -15.263 1.00 42.87 ? 45  ASN A CA  1 
ATOM   346  C C   . ASN A 1 45  ? 10.863  -0.925  -15.338 1.00 42.80 ? 45  ASN A C   1 
ATOM   347  O O   . ASN A 1 45  ? 10.085  -1.426  -16.164 1.00 42.96 ? 45  ASN A O   1 
ATOM   348  C CB  . ASN A 1 45  ? 12.938  -1.524  -16.673 1.00 43.03 ? 45  ASN A CB  1 
ATOM   349  C CG  . ASN A 1 45  ? 14.302  -2.242  -16.686 1.00 44.36 ? 45  ASN A CG  1 
ATOM   350  O OD1 . ASN A 1 45  ? 15.260  -1.829  -16.018 1.00 45.57 ? 45  ASN A OD1 1 
ATOM   351  N ND2 . ASN A 1 45  ? 14.387  -3.319  -17.464 1.00 44.86 ? 45  ASN A ND2 1 
ATOM   352  N N   . PHE A 1 46  ? 10.496  0.026   -14.472 1.00 42.29 ? 46  PHE A N   1 
ATOM   353  C CA  . PHE A 1 46  ? 9.093   0.465   -14.317 1.00 41.87 ? 46  PHE A CA  1 
ATOM   354  C C   . PHE A 1 46  ? 8.941   1.987   -14.206 1.00 41.63 ? 46  PHE A C   1 
ATOM   355  O O   . PHE A 1 46  ? 9.935   2.698   -14.067 1.00 41.70 ? 46  PHE A O   1 
ATOM   356  C CB  . PHE A 1 46  ? 8.451   -0.223  -13.101 1.00 42.02 ? 46  PHE A CB  1 
ATOM   357  C CG  . PHE A 1 46  ? 8.925   0.310   -11.768 1.00 41.68 ? 46  PHE A CG  1 
ATOM   358  C CD1 . PHE A 1 46  ? 8.216   1.308   -11.112 1.00 40.78 ? 46  PHE A CD1 1 
ATOM   359  C CD2 . PHE A 1 46  ? 10.082  -0.189  -11.172 1.00 41.11 ? 46  PHE A CD2 1 
ATOM   360  C CE1 . PHE A 1 46  ? 8.657   1.799   -9.884  1.00 40.83 ? 46  PHE A CE1 1 
ATOM   361  C CE2 . PHE A 1 46  ? 10.523  0.299   -9.947  1.00 40.68 ? 46  PHE A CE2 1 
ATOM   362  C CZ  . PHE A 1 46  ? 9.809   1.294   -9.304  1.00 40.13 ? 46  PHE A CZ  1 
ATOM   363  N N   . GLN A 1 47  ? 7.700   2.479   -14.264 1.00 41.32 ? 47  GLN A N   1 
ATOM   364  C CA  . GLN A 1 47  ? 7.422   3.928   -14.160 1.00 41.12 ? 47  GLN A CA  1 
ATOM   365  C C   . GLN A 1 47  ? 6.179   4.261   -13.322 1.00 40.95 ? 47  GLN A C   1 
ATOM   366  O O   . GLN A 1 47  ? 5.383   3.373   -12.987 1.00 40.75 ? 47  GLN A O   1 
ATOM   367  C CB  . GLN A 1 47  ? 7.272   4.557   -15.547 1.00 41.24 ? 47  GLN A CB  1 
ATOM   368  C CG  . GLN A 1 47  ? 8.342   4.195   -16.560 1.00 41.56 ? 47  GLN A CG  1 
ATOM   369  C CD  . GLN A 1 47  ? 7.812   4.289   -17.974 1.00 42.93 ? 47  GLN A CD  1 
ATOM   370  O OE1 . GLN A 1 47  ? 7.353   3.288   -18.556 1.00 41.50 ? 47  GLN A OE1 1 
ATOM   371  N NE2 . GLN A 1 47  ? 7.836   5.505   -18.531 1.00 42.53 ? 47  GLN A NE2 1 
ATOM   372  N N   . MET A 1 48  ? 6.015   5.555   -13.019 1.00 40.96 ? 48  MET A N   1 
ATOM   373  C CA  . MET A 1 48  ? 4.956   6.061   -12.125 1.00 40.83 ? 48  MET A CA  1 
ATOM   374  C C   . MET A 1 48  ? 3.890   6.876   -12.813 1.00 40.31 ? 48  MET A C   1 
ATOM   375  O O   . MET A 1 48  ? 4.193   7.754   -13.611 1.00 40.79 ? 48  MET A O   1 
ATOM   376  C CB  . MET A 1 48  ? 5.541   6.947   -11.018 1.00 41.05 ? 48  MET A CB  1 
ATOM   377  C CG  . MET A 1 48  ? 5.704   6.262   -9.672  1.00 42.11 ? 48  MET A CG  1 
ATOM   378  S SD  . MET A 1 48  ? 7.417   5.988   -9.166  1.00 43.93 ? 48  MET A SD  1 
ATOM   379  C CE  . MET A 1 48  ? 8.026   4.965   -10.493 1.00 42.88 ? 48  MET A CE  1 
ATOM   380  N N   . GLN A 1 49  ? 2.642   6.600   -12.468 1.00 39.83 ? 49  GLN A N   1 
ATOM   381  C CA  . GLN A 1 49  ? 1.520   7.438   -12.860 1.00 39.34 ? 49  GLN A CA  1 
ATOM   382  C C   . GLN A 1 49  ? 0.792   7.957   -11.622 1.00 39.34 ? 49  GLN A C   1 
ATOM   383  O O   . GLN A 1 49  ? 0.225   7.185   -10.847 1.00 39.46 ? 49  GLN A O   1 
ATOM   384  C CB  . GLN A 1 49  ? 0.565   6.668   -13.760 1.00 39.33 ? 49  GLN A CB  1 
ATOM   385  C CG  . GLN A 1 49  ? 0.557   7.141   -15.206 1.00 39.25 ? 49  GLN A CG  1 
ATOM   386  C CD  . GLN A 1 49  ? -0.573  8.099   -15.495 1.00 39.17 ? 49  GLN A CD  1 
ATOM   387  O OE1 . GLN A 1 49  ? -1.321  7.914   -16.453 1.00 38.51 ? 49  GLN A OE1 1 
ATOM   388  N NE2 . GLN A 1 49  ? -0.719  9.125   -14.654 1.00 40.50 ? 49  GLN A NE2 1 
ATOM   389  N N   . LEU A 1 50  ? 0.830   9.273   -11.446 1.00 38.98 ? 50  LEU A N   1 
ATOM   390  C CA  . LEU A 1 50  ? 0.248   9.943   -10.290 1.00 38.68 ? 50  LEU A CA  1 
ATOM   391  C C   . LEU A 1 50  ? -1.104  10.578  -10.651 1.00 38.39 ? 50  LEU A C   1 
ATOM   392  O O   . LEU A 1 50  ? -1.271  11.126  -11.738 1.00 37.97 ? 50  LEU A O   1 
ATOM   393  C CB  . LEU A 1 50  ? 1.206   11.029  -9.772  1.00 38.82 ? 50  LEU A CB  1 
ATOM   394  C CG  . LEU A 1 50  ? 2.654   10.807  -9.279  1.00 39.35 ? 50  LEU A CG  1 
ATOM   395  C CD1 . LEU A 1 50  ? 2.713   9.961   -8.004  1.00 39.68 ? 50  LEU A CD1 1 
ATOM   396  C CD2 . LEU A 1 50  ? 3.620   10.264  -10.349 1.00 38.97 ? 50  LEU A CD2 1 
ATOM   397  N N   . GLY A 1 51  ? -2.069  10.493  -9.742  1.00 38.35 ? 51  GLY A N   1 
ATOM   398  C CA  . GLY A 1 51  ? -3.365  11.132  -9.942  1.00 38.56 ? 51  GLY A CA  1 
ATOM   399  C C   . GLY A 1 51  ? -4.240  10.570  -11.049 1.00 38.79 ? 51  GLY A C   1 
ATOM   400  O O   . GLY A 1 51  ? -4.946  11.323  -11.728 1.00 38.50 ? 51  GLY A O   1 
ATOM   401  N N   . VAL A 1 52  ? -4.194  9.250   -11.231 1.00 39.08 ? 52  VAL A N   1 
ATOM   402  C CA  . VAL A 1 52  ? -5.140  8.543   -12.095 1.00 39.59 ? 52  VAL A CA  1 
ATOM   403  C C   . VAL A 1 52  ? -6.447  8.346   -11.316 1.00 40.19 ? 52  VAL A C   1 
ATOM   404  O O   . VAL A 1 52  ? -6.413  7.960   -10.136 1.00 40.51 ? 52  VAL A O   1 
ATOM   405  C CB  . VAL A 1 52  ? -4.593  7.159   -12.534 1.00 39.61 ? 52  VAL A CB  1 
ATOM   406  C CG1 . VAL A 1 52  ? -5.517  6.506   -13.553 1.00 39.62 ? 52  VAL A CG1 1 
ATOM   407  C CG2 . VAL A 1 52  ? -3.189  7.282   -13.112 1.00 39.05 ? 52  VAL A CG2 1 
ATOM   408  N N   . HIS A 1 53  ? -7.586  8.633   -11.952 1.00 40.45 ? 53  HIS A N   1 
ATOM   409  C CA  . HIS A 1 53  ? -8.892  8.320   -11.351 1.00 40.85 ? 53  HIS A CA  1 
ATOM   410  C C   . HIS A 1 53  ? -9.706  7.319   -12.197 1.00 41.38 ? 53  HIS A C   1 
ATOM   411  O O   . HIS A 1 53  ? -9.898  6.185   -11.763 1.00 41.89 ? 53  HIS A O   1 
ATOM   412  C CB  . HIS A 1 53  ? -9.680  9.600   -10.971 1.00 40.77 ? 53  HIS A CB  1 
ATOM   413  C CG  . HIS A 1 53  ? -10.855 9.365   -10.055 1.00 39.48 ? 53  HIS A CG  1 
ATOM   414  N ND1 . HIS A 1 53  ? -10.836 8.448   -9.024  1.00 37.72 ? 53  HIS A ND1 1 
ATOM   415  C CD2 . HIS A 1 53  ? -12.079 9.947   -10.009 1.00 38.30 ? 53  HIS A CD2 1 
ATOM   416  C CE1 . HIS A 1 53  ? -11.996 8.470   -8.389  1.00 36.87 ? 53  HIS A CE1 1 
ATOM   417  N NE2 . HIS A 1 53  ? -12.770 9.367   -8.969  1.00 35.78 ? 53  HIS A NE2 1 
ATOM   418  N N   . SER A 1 54  ? -10.145 7.699   -13.400 1.00 41.71 ? 54  SER A N   1 
ATOM   419  C CA  . SER A 1 54  ? -11.016 6.818   -14.207 1.00 42.12 ? 54  SER A CA  1 
ATOM   420  C C   . SER A 1 54  ? -10.455 6.450   -15.573 1.00 42.41 ? 54  SER A C   1 
ATOM   421  O O   . SER A 1 54  ? -10.085 7.318   -16.354 1.00 42.22 ? 54  SER A O   1 
ATOM   422  C CB  . SER A 1 54  ? -12.417 7.428   -14.376 1.00 41.93 ? 54  SER A CB  1 
ATOM   423  O OG  . SER A 1 54  ? -13.244 6.651   -15.223 1.00 42.17 ? 54  SER A OG  1 
ATOM   424  N N   . LYS A 1 55  ? -10.421 5.154   -15.864 1.00 43.05 ? 55  LYS A N   1 
ATOM   425  C CA  . LYS A 1 55  ? -9.984  4.664   -17.173 1.00 43.65 ? 55  LYS A CA  1 
ATOM   426  C C   . LYS A 1 55  ? -10.764 5.342   -18.308 1.00 44.01 ? 55  LYS A C   1 
ATOM   427  O O   . LYS A 1 55  ? -10.180 5.744   -19.322 1.00 44.19 ? 55  LYS A O   1 
ATOM   428  C CB  . LYS A 1 55  ? -10.122 3.135   -17.251 1.00 43.68 ? 55  LYS A CB  1 
ATOM   429  C CG  . LYS A 1 55  ? -9.132  2.381   -16.350 1.00 44.04 ? 55  LYS A CG  1 
ATOM   430  C CD  . LYS A 1 55  ? -9.493  0.907   -16.212 1.00 43.88 ? 55  LYS A CD  1 
ATOM   431  C CE  . LYS A 1 55  ? -8.336  0.088   -15.632 1.00 44.85 ? 55  LYS A CE  1 
ATOM   432  N NZ  . LYS A 1 55  ? -7.727  0.684   -14.396 1.00 45.77 ? 55  LYS A NZ  1 
ATOM   433  N N   . LYS A 1 56  ? -12.075 5.490   -18.102 1.00 44.11 ? 56  LYS A N   1 
ATOM   434  C CA  . LYS A 1 56  ? -13.000 6.065   -19.085 1.00 44.25 ? 56  LYS A CA  1 
ATOM   435  C C   . LYS A 1 56  ? -12.800 7.553   -19.398 1.00 44.12 ? 56  LYS A C   1 
ATOM   436  O O   . LYS A 1 56  ? -13.331 8.054   -20.399 1.00 44.05 ? 56  LYS A O   1 
ATOM   437  C CB  . LYS A 1 56  ? -14.450 5.845   -18.627 1.00 44.51 ? 56  LYS A CB  1 
ATOM   438  C CG  . LYS A 1 56  ? -15.158 4.661   -19.282 1.00 45.47 ? 56  LYS A CG  1 
ATOM   439  C CD  . LYS A 1 56  ? -16.675 4.844   -19.211 1.00 47.37 ? 56  LYS A CD  1 
ATOM   440  C CE  . LYS A 1 56  ? -17.423 3.723   -19.930 1.00 48.30 ? 56  LYS A CE  1 
ATOM   441  N NZ  . LYS A 1 56  ? -17.316 2.430   -19.186 1.00 49.52 ? 56  LYS A NZ  1 
ATOM   442  N N   . VAL A 1 57  ? -12.053 8.253   -18.540 1.00 43.73 ? 57  VAL A N   1 
ATOM   443  C CA  . VAL A 1 57  ? -11.875 9.708   -18.636 1.00 43.43 ? 57  VAL A CA  1 
ATOM   444  C C   . VAL A 1 57  ? -10.594 10.162  -17.930 1.00 43.19 ? 57  VAL A C   1 
ATOM   445  O O   . VAL A 1 57  ? -10.417 9.925   -16.731 1.00 43.52 ? 57  VAL A O   1 
ATOM   446  C CB  . VAL A 1 57  ? -13.120 10.485  -18.061 1.00 43.64 ? 57  VAL A CB  1 
ATOM   447  C CG1 . VAL A 1 57  ? -13.783 9.723   -16.913 1.00 43.45 ? 57  VAL A CG1 1 
ATOM   448  C CG2 . VAL A 1 57  ? -12.758 11.916  -17.622 1.00 43.75 ? 57  VAL A CG2 1 
ATOM   449  N N   . LEU A 1 58  ? -9.698  10.818  -18.654 1.00 42.69 ? 58  LEU A N   1 
ATOM   450  C CA  . LEU A 1 58  ? -8.485  11.325  -18.016 1.00 42.31 ? 58  LEU A CA  1 
ATOM   451  C C   . LEU A 1 58  ? -8.675  12.782  -17.574 1.00 41.89 ? 58  LEU A C   1 
ATOM   452  O O   . LEU A 1 58  ? -8.824  13.680  -18.403 1.00 41.72 ? 58  LEU A O   1 
ATOM   453  C CB  . LEU A 1 58  ? -7.257  11.149  -18.915 1.00 42.17 ? 58  LEU A CB  1 
ATOM   454  C CG  . LEU A 1 58  ? -7.082  9.824   -19.672 1.00 42.67 ? 58  LEU A CG  1 
ATOM   455  C CD1 . LEU A 1 58  ? -5.826  9.866   -20.560 1.00 43.18 ? 58  LEU A CD1 1 
ATOM   456  C CD2 . LEU A 1 58  ? -7.058  8.606   -18.747 1.00 42.60 ? 58  LEU A CD2 1 
ATOM   457  N N   . ASN A 1 59  ? -8.702  12.999  -16.260 1.00 41.63 ? 59  ASN A N   1 
ATOM   458  C CA  . ASN A 1 59  ? -8.787  14.351  -15.694 1.00 41.09 ? 59  ASN A CA  1 
ATOM   459  C C   . ASN A 1 59  ? -7.568  15.187  -16.143 1.00 41.62 ? 59  ASN A C   1 
ATOM   460  O O   . ASN A 1 59  ? -6.493  14.629  -16.439 1.00 41.57 ? 59  ASN A O   1 
ATOM   461  C CB  . ASN A 1 59  ? -8.920  14.311  -14.151 1.00 40.37 ? 59  ASN A CB  1 
ATOM   462  C CG  . ASN A 1 59  ? -10.240 13.661  -13.666 1.00 37.20 ? 59  ASN A CG  1 
ATOM   463  O OD1 . ASN A 1 59  ? -10.466 13.452  -12.459 1.00 27.44 ? 59  ASN A OD1 1 
ATOM   464  N ND2 . ASN A 1 59  ? -11.103 13.336  -14.612 1.00 35.49 ? 59  ASN A ND2 1 
ATOM   465  N N   . GLU A 1 60  ? -7.747  16.511  -16.205 1.00 41.75 ? 60  GLU A N   1 
ATOM   466  C CA  . GLU A 1 60  ? -6.758  17.428  -16.808 1.00 42.10 ? 60  GLU A CA  1 
ATOM   467  C C   . GLU A 1 60  ? -5.278  17.248  -16.355 1.00 42.37 ? 60  GLU A C   1 
ATOM   468  O O   . GLU A 1 60  ? -4.367  17.710  -17.044 1.00 42.34 ? 60  GLU A O   1 
ATOM   469  C CB  . GLU A 1 60  ? -7.238  18.899  -16.704 1.00 41.90 ? 60  GLU A CB  1 
ATOM   470  C CG  . GLU A 1 60  ? -8.202  19.317  -17.860 1.00 41.76 ? 60  GLU A CG  1 
ATOM   471  C CD  . GLU A 1 60  ? -9.262  20.380  -17.491 1.00 41.17 ? 60  GLU A CD  1 
ATOM   472  O OE1 . GLU A 1 60  ? -8.906  21.435  -16.923 1.00 39.74 ? 60  GLU A OE1 1 
ATOM   473  O OE2 . GLU A 1 60  ? -10.460 20.173  -17.817 1.00 40.51 ? 60  GLU A OE2 1 
ATOM   474  N N   . ASP A 1 61  ? -5.037  16.540  -15.244 1.00 42.36 ? 61  ASP A N   1 
ATOM   475  C CA  . ASP A 1 61  ? -3.703  16.542  -14.628 1.00 42.12 ? 61  ASP A CA  1 
ATOM   476  C C   . ASP A 1 61  ? -3.136  15.224  -14.047 1.00 41.80 ? 61  ASP A C   1 
ATOM   477  O O   . ASP A 1 61  ? -2.769  15.170  -12.874 1.00 41.81 ? 61  ASP A O   1 
ATOM   478  C CB  . ASP A 1 61  ? -3.655  17.627  -13.544 1.00 42.29 ? 61  ASP A CB  1 
ATOM   479  C CG  . ASP A 1 61  ? -4.416  17.227  -12.299 1.00 42.01 ? 61  ASP A CG  1 
ATOM   480  O OD1 . ASP A 1 61  ? -5.565  16.776  -12.440 1.00 41.68 ? 61  ASP A OD1 1 
ATOM   481  O OD2 . ASP A 1 61  ? -3.852  17.333  -11.189 1.00 41.85 ? 61  ASP A OD2 1 
ATOM   482  N N   . GLU A 1 62  ? -3.016  14.180  -14.857 1.00 41.22 ? 62  GLU A N   1 
ATOM   483  C CA  . GLU A 1 62  ? -2.166  13.049  -14.467 1.00 40.88 ? 62  GLU A CA  1 
ATOM   484  C C   . GLU A 1 62  ? -0.702  13.484  -14.591 1.00 40.69 ? 62  GLU A C   1 
ATOM   485  O O   . GLU A 1 62  ? -0.399  14.444  -15.297 1.00 40.70 ? 62  GLU A O   1 
ATOM   486  C CB  . GLU A 1 62  ? -2.416  11.826  -15.351 1.00 40.91 ? 62  GLU A CB  1 
ATOM   487  C CG  . GLU A 1 62  ? -3.869  11.622  -15.736 1.00 40.44 ? 62  GLU A CG  1 
ATOM   488  C CD  . GLU A 1 62  ? -4.115  10.302  -16.419 1.00 40.64 ? 62  GLU A CD  1 
ATOM   489  O OE1 . GLU A 1 62  ? -3.143  9.603   -16.785 1.00 39.15 ? 62  GLU A OE1 1 
ATOM   490  O OE2 . GLU A 1 62  ? -5.301  9.964   -16.590 1.00 41.94 ? 62  GLU A OE2 1 
ATOM   491  N N   . GLN A 1 63  ? 0.196   12.782  -13.909 1.00 40.42 ? 63  GLN A N   1 
ATOM   492  C CA  . GLN A 1 63  ? 1.614   13.117  -13.932 1.00 40.62 ? 63  GLN A CA  1 
ATOM   493  C C   . GLN A 1 63  ? 2.451   11.848  -14.033 1.00 41.04 ? 63  GLN A C   1 
ATOM   494  O O   . GLN A 1 63  ? 2.234   10.890  -13.283 1.00 40.94 ? 63  GLN A O   1 
ATOM   495  C CB  . GLN A 1 63  ? 2.008   13.916  -12.679 1.00 40.74 ? 63  GLN A CB  1 
ATOM   496  C CG  . GLN A 1 63  ? 1.335   15.290  -12.543 1.00 40.09 ? 63  GLN A CG  1 
ATOM   497  C CD  . GLN A 1 63  ? 2.031   16.364  -13.348 1.00 40.16 ? 63  GLN A CD  1 
ATOM   498  O OE1 . GLN A 1 63  ? 3.079   16.877  -12.942 1.00 41.23 ? 63  GLN A OE1 1 
ATOM   499  N NE2 . GLN A 1 63  ? 1.455   16.716  -14.498 1.00 38.62 ? 63  GLN A NE2 1 
ATOM   500  N N   . THR A 1 64  ? 3.404   11.850  -14.967 1.00 41.32 ? 64  THR A N   1 
ATOM   501  C CA  . THR A 1 64  ? 4.262   10.691  -15.230 1.00 41.51 ? 64  THR A CA  1 
ATOM   502  C C   . THR A 1 64  ? 5.704   10.941  -14.783 1.00 41.39 ? 64  THR A C   1 
ATOM   503  O O   . THR A 1 64  ? 6.336   11.907  -15.206 1.00 40.87 ? 64  THR A O   1 
ATOM   504  C CB  . THR A 1 64  ? 4.215   10.285  -16.731 1.00 41.85 ? 64  THR A CB  1 
ATOM   505  O OG1 . THR A 1 64  ? 2.961   9.645   -17.011 1.00 42.47 ? 64  THR A OG1 1 
ATOM   506  C CG2 . THR A 1 64  ? 5.362   9.324   -17.099 1.00 41.82 ? 64  THR A CG2 1 
ATOM   507  N N   . ARG A 1 65  ? 6.203   10.054  -13.922 1.00 41.50 ? 65  ARG A N   1 
ATOM   508  C CA  . ARG A 1 65  ? 7.563   10.141  -13.378 1.00 41.67 ? 65  ARG A CA  1 
ATOM   509  C C   . ARG A 1 65  ? 8.336   8.815   -13.455 1.00 41.65 ? 65  ARG A C   1 
ATOM   510  O O   . ARG A 1 65  ? 7.754   7.744   -13.659 1.00 41.64 ? 65  ARG A O   1 
ATOM   511  C CB  . ARG A 1 65  ? 7.528   10.628  -11.925 1.00 41.84 ? 65  ARG A CB  1 
ATOM   512  C CG  . ARG A 1 65  ? 6.927   12.012  -11.713 1.00 42.54 ? 65  ARG A CG  1 
ATOM   513  C CD  . ARG A 1 65  ? 7.859   13.110  -12.207 1.00 42.98 ? 65  ARG A CD  1 
ATOM   514  N NE  . ARG A 1 65  ? 7.455   14.426  -11.715 1.00 42.46 ? 65  ARG A NE  1 
ATOM   515  C CZ  . ARG A 1 65  ? 6.567   15.220  -12.305 1.00 41.79 ? 65  ARG A CZ  1 
ATOM   516  N NH1 . ARG A 1 65  ? 5.961   14.844  -13.426 1.00 41.90 ? 65  ARG A NH1 1 
ATOM   517  N NH2 . ARG A 1 65  ? 6.282   16.394  -11.765 1.00 41.25 ? 65  ARG A NH2 1 
ATOM   518  N N   . ASN A 1 66  ? 9.650   8.904   -13.287 1.00 41.57 ? 66  ASN A N   1 
ATOM   519  C CA  . ASN A 1 66  ? 10.522  7.740   -13.317 1.00 41.80 ? 66  ASN A CA  1 
ATOM   520  C C   . ASN A 1 66  ? 11.241  7.557   -11.975 1.00 41.85 ? 66  ASN A C   1 
ATOM   521  O O   . ASN A 1 66  ? 11.320  8.509   -11.185 1.00 41.74 ? 66  ASN A O   1 
ATOM   522  C CB  . ASN A 1 66  ? 11.549  7.868   -14.452 1.00 41.87 ? 66  ASN A CB  1 
ATOM   523  C CG  . ASN A 1 66  ? 10.965  7.565   -15.827 1.00 42.00 ? 66  ASN A CG  1 
ATOM   524  O OD1 . ASN A 1 66  ? 9.888   6.979   -15.954 1.00 41.58 ? 66  ASN A OD1 1 
ATOM   525  N ND2 . ASN A 1 66  ? 11.694  7.961   -16.874 1.00 42.31 ? 66  ASN A ND2 1 
ATOM   526  N N   . PRO A 1 67  ? 11.755  6.332   -11.712 1.00 41.80 ? 67  PRO A N   1 
ATOM   527  C CA  . PRO A 1 67  ? 12.519  6.027   -10.501 1.00 41.84 ? 67  PRO A CA  1 
ATOM   528  C C   . PRO A 1 67  ? 14.000  6.406   -10.597 1.00 41.97 ? 67  PRO A C   1 
ATOM   529  O O   . PRO A 1 67  ? 14.806  5.635   -11.123 1.00 42.06 ? 67  PRO A O   1 
ATOM   530  C CB  . PRO A 1 67  ? 12.376  4.499   -10.365 1.00 42.00 ? 67  PRO A CB  1 
ATOM   531  C CG  . PRO A 1 67  ? 11.452  4.060   -11.471 1.00 41.80 ? 67  PRO A CG  1 
ATOM   532  C CD  . PRO A 1 67  ? 11.507  5.116   -12.506 1.00 41.59 ? 67  PRO A CD  1 
ATOM   533  N N   . LYS A 1 68  ? 14.350  7.582   -10.085 1.00 42.10 ? 68  LYS A N   1 
ATOM   534  C CA  . LYS A 1 68  ? 15.742  8.020   -10.028 1.00 42.29 ? 68  LYS A CA  1 
ATOM   535  C C   . LYS A 1 68  ? 16.504  7.085   -9.093  1.00 42.64 ? 68  LYS A C   1 
ATOM   536  O O   . LYS A 1 68  ? 17.596  6.612   -9.418  1.00 42.78 ? 68  LYS A O   1 
ATOM   537  C CB  . LYS A 1 68  ? 15.818  9.460   -9.512  1.00 42.25 ? 68  LYS A CB  1 
ATOM   538  C CG  . LYS A 1 68  ? 16.852  10.340  -10.203 1.00 42.75 ? 68  LYS A CG  1 
ATOM   539  C CD  . LYS A 1 68  ? 17.191  11.577  -9.358  1.00 43.52 ? 68  LYS A CD  1 
ATOM   540  C CE  . LYS A 1 68  ? 18.329  12.412  -9.980  1.00 43.54 ? 68  LYS A CE  1 
ATOM   541  N NZ  . LYS A 1 68  ? 17.854  13.648  -10.691 1.00 43.37 ? 68  LYS A NZ  1 
ATOM   542  N N   . GLU A 1 69  ? 15.900  6.811   -7.936  1.00 42.98 ? 69  GLU A N   1 
ATOM   543  C CA  . GLU A 1 69  ? 16.504  5.978   -6.894  1.00 43.23 ? 69  GLU A CA  1 
ATOM   544  C C   . GLU A 1 69  ? 15.461  5.068   -6.241  1.00 43.16 ? 69  GLU A C   1 
ATOM   545  O O   . GLU A 1 69  ? 14.269  5.360   -6.249  1.00 43.09 ? 69  GLU A O   1 
ATOM   546  C CB  . GLU A 1 69  ? 17.161  6.851   -5.810  1.00 43.37 ? 69  GLU A CB  1 
ATOM   547  C CG  . GLU A 1 69  ? 18.116  7.930   -6.325  1.00 44.02 ? 69  GLU A CG  1 
ATOM   548  C CD  . GLU A 1 69  ? 19.220  8.242   -5.335  1.00 44.79 ? 69  GLU A CD  1 
ATOM   549  O OE1 . GLU A 1 69  ? 18.909  8.822   -4.274  1.00 45.13 ? 69  GLU A OE1 1 
ATOM   550  O OE2 . GLU A 1 69  ? 20.394  7.901   -5.620  1.00 44.03 ? 69  GLU A OE2 1 
ATOM   551  N N   . LYS A 1 70  ? 15.926  3.962   -5.678  1.00 43.54 ? 70  LYS A N   1 
ATOM   552  C CA  . LYS A 1 70  ? 15.090  3.066   -4.884  1.00 43.82 ? 70  LYS A CA  1 
ATOM   553  C C   . LYS A 1 70  ? 15.877  2.609   -3.663  1.00 44.40 ? 70  LYS A C   1 
ATOM   554  O O   . LYS A 1 70  ? 17.115  2.647   -3.656  1.00 44.36 ? 70  LYS A O   1 
ATOM   555  C CB  . LYS A 1 70  ? 14.663  1.839   -5.696  1.00 43.76 ? 70  LYS A CB  1 
ATOM   556  C CG  . LYS A 1 70  ? 13.876  2.137   -6.958  1.00 42.83 ? 70  LYS A CG  1 
ATOM   557  C CD  . LYS A 1 70  ? 13.481  0.860   -7.678  1.00 41.83 ? 70  LYS A CD  1 
ATOM   558  C CE  . LYS A 1 70  ? 14.683  0.018   -8.033  1.00 39.95 ? 70  LYS A CE  1 
ATOM   559  N NZ  . LYS A 1 70  ? 14.309  -0.986  -9.040  1.00 39.44 ? 70  LYS A NZ  1 
ATOM   560  N N   . PHE A 1 71  ? 15.158  2.182   -2.629  1.00 45.15 ? 71  PHE A N   1 
ATOM   561  C CA  . PHE A 1 71  ? 15.793  1.646   -1.425  1.00 45.87 ? 71  PHE A CA  1 
ATOM   562  C C   . PHE A 1 71  ? 14.969  0.505   -0.851  1.00 46.62 ? 71  PHE A C   1 
ATOM   563  O O   . PHE A 1 71  ? 13.737  0.567   -0.835  1.00 46.72 ? 71  PHE A O   1 
ATOM   564  C CB  . PHE A 1 71  ? 15.983  2.744   -0.370  1.00 45.78 ? 71  PHE A CB  1 
ATOM   565  C CG  . PHE A 1 71  ? 17.003  3.783   -0.750  1.00 45.48 ? 71  PHE A CG  1 
ATOM   566  C CD1 . PHE A 1 71  ? 18.348  3.584   -0.476  1.00 45.37 ? 71  PHE A CD1 1 
ATOM   567  C CD2 . PHE A 1 71  ? 16.616  4.958   -1.379  1.00 45.37 ? 71  PHE A CD2 1 
ATOM   568  C CE1 . PHE A 1 71  ? 19.296  4.537   -0.832  1.00 46.05 ? 71  PHE A CE1 1 
ATOM   569  C CE2 . PHE A 1 71  ? 17.557  5.924   -1.738  1.00 46.07 ? 71  PHE A CE2 1 
ATOM   570  C CZ  . PHE A 1 71  ? 18.899  5.713   -1.463  1.00 45.98 ? 71  PHE A CZ  1 
ATOM   571  N N   . ILE A 1 72  ? 15.657  -0.544  -0.409  1.00 47.39 ? 72  ILE A N   1 
ATOM   572  C CA  . ILE A 1 72  ? 15.031  -1.655  0.293   1.00 48.35 ? 72  ILE A CA  1 
ATOM   573  C C   . ILE A 1 72  ? 15.734  -1.814  1.626   1.00 49.21 ? 72  ILE A C   1 
ATOM   574  O O   . ILE A 1 72  ? 16.836  -1.290  1.799   1.00 49.45 ? 72  ILE A O   1 
ATOM   575  C CB  . ILE A 1 72  ? 15.073  -2.981  -0.520  1.00 48.27 ? 72  ILE A CB  1 
ATOM   576  C CG1 . ILE A 1 72  ? 16.514  -3.384  -0.877  1.00 48.35 ? 72  ILE A CG1 1 
ATOM   577  C CG2 . ILE A 1 72  ? 14.199  -2.870  -1.767  1.00 48.38 ? 72  ILE A CG2 1 
ATOM   578  C CD1 . ILE A 1 72  ? 16.624  -4.713  -1.641  1.00 47.46 ? 72  ILE A CD1 1 
ATOM   579  N N   . CYS A 1 73  ? 15.098  -2.511  2.567   1.00 50.27 ? 73  CYS A N   1 
ATOM   580  C CA  . CYS A 1 73  ? 15.688  -2.732  3.888   1.00 51.16 ? 73  CYS A CA  1 
ATOM   581  C C   . CYS A 1 73  ? 16.999  -3.487  3.751   1.00 51.65 ? 73  CYS A C   1 
ATOM   582  O O   . CYS A 1 73  ? 17.019  -4.585  3.197   1.00 51.68 ? 73  CYS A O   1 
ATOM   583  C CB  . CYS A 1 73  ? 14.741  -3.503  4.811   1.00 51.42 ? 73  CYS A CB  1 
ATOM   584  S SG  . CYS A 1 73  ? 13.476  -2.519  5.649   1.00 51.86 ? 73  CYS A SG  1 
ATOM   585  N N   . PRO A 1 74  ? 18.101  -2.882  4.233   1.00 52.24 ? 74  PRO A N   1 
ATOM   586  C CA  . PRO A 1 74  ? 19.446  -3.462  4.157   1.00 52.76 ? 74  PRO A CA  1 
ATOM   587  C C   . PRO A 1 74  ? 19.594  -4.818  4.862   1.00 53.15 ? 74  PRO A C   1 
ATOM   588  O O   . PRO A 1 74  ? 20.359  -5.671  4.407   1.00 53.07 ? 74  PRO A O   1 
ATOM   589  C CB  . PRO A 1 74  ? 20.315  -2.399  4.846   1.00 52.66 ? 74  PRO A CB  1 
ATOM   590  C CG  . PRO A 1 74  ? 19.585  -1.134  4.623   1.00 52.39 ? 74  PRO A CG  1 
ATOM   591  C CD  . PRO A 1 74  ? 18.139  -1.500  4.747   1.00 52.24 ? 74  PRO A CD  1 
ATOM   592  N N   . ASN A 1 75  ? 18.870  -5.002  5.962   1.00 53.77 ? 75  ASN A N   1 
ATOM   593  C CA  . ASN A 1 75  ? 18.949  -6.231  6.754   1.00 54.38 ? 75  ASN A CA  1 
ATOM   594  C C   . ASN A 1 75  ? 17.950  -7.303  6.310   1.00 54.69 ? 75  ASN A C   1 
ATOM   595  O O   . ASN A 1 75  ? 17.687  -8.261  7.045   1.00 54.81 ? 75  ASN A O   1 
ATOM   596  C CB  . ASN A 1 75  ? 18.788  -5.913  8.253   1.00 54.37 ? 75  ASN A CB  1 
ATOM   597  C CG  . ASN A 1 75  ? 17.482  -5.168  8.578   1.00 55.04 ? 75  ASN A CG  1 
ATOM   598  O OD1 . ASN A 1 75  ? 16.956  -4.388  7.770   1.00 55.11 ? 75  ASN A OD1 1 
ATOM   599  N ND2 . ASN A 1 75  ? 16.966  -5.401  9.782   1.00 55.06 ? 75  ASN A ND2 1 
ATOM   600  N N   . LYS A 1 76  ? 17.409  -7.138  5.102   1.00 55.08 ? 76  LYS A N   1 
ATOM   601  C CA  . LYS A 1 76  ? 16.314  -7.969  4.603   1.00 55.43 ? 76  LYS A CA  1 
ATOM   602  C C   . LYS A 1 76  ? 16.811  -9.303  4.044   1.00 55.91 ? 76  LYS A C   1 
ATOM   603  O O   . LYS A 1 76  ? 17.898  -9.379  3.451   1.00 55.91 ? 76  LYS A O   1 
ATOM   604  C CB  . LYS A 1 76  ? 15.503  -7.201  3.539   1.00 55.28 ? 76  LYS A CB  1 
ATOM   605  C CG  . LYS A 1 76  ? 14.237  -7.905  3.018   1.00 54.97 ? 76  LYS A CG  1 
ATOM   606  C CD  . LYS A 1 76  ? 13.540  -7.097  1.913   1.00 53.94 ? 76  LYS A CD  1 
ATOM   607  C CE  . LYS A 1 76  ? 12.341  -7.839  1.305   1.00 53.09 ? 76  LYS A CE  1 
ATOM   608  N NZ  . LYS A 1 76  ? 12.720  -8.828  0.249   1.00 51.79 ? 76  LYS A NZ  1 
ATOM   609  N N   . ASN A 1 77  ? 16.007  -10.348 4.251   1.00 56.30 ? 77  ASN A N   1 
ATOM   610  C CA  . ASN A 1 77  ? 16.156  -11.603 3.517   1.00 56.75 ? 77  ASN A CA  1 
ATOM   611  C C   . ASN A 1 77  ? 15.845  -11.374 2.033   1.00 56.68 ? 77  ASN A C   1 
ATOM   612  O O   . ASN A 1 77  ? 14.752  -10.909 1.682   1.00 56.82 ? 77  ASN A O   1 
ATOM   613  C CB  . ASN A 1 77  ? 15.233  -12.685 4.091   1.00 56.90 ? 77  ASN A CB  1 
ATOM   614  C CG  . ASN A 1 77  ? 15.650  -13.138 5.483   1.00 57.59 ? 77  ASN A CG  1 
ATOM   615  O OD1 . ASN A 1 77  ? 15.426  -12.438 6.476   1.00 57.47 ? 77  ASN A OD1 1 
ATOM   616  N ND2 . ASN A 1 77  ? 16.248  -14.329 5.564   1.00 58.08 ? 77  ASN A ND2 1 
ATOM   617  N N   . MET A 1 78  ? 16.811  -11.695 1.175   1.00 56.49 ? 78  MET A N   1 
ATOM   618  C CA  . MET A 1 78  ? 16.703  -11.466 -0.270  1.00 56.63 ? 78  MET A CA  1 
ATOM   619  C C   . MET A 1 78  ? 15.685  -12.404 -0.931  1.00 56.40 ? 78  MET A C   1 
ATOM   620  O O   . MET A 1 78  ? 15.072  -12.058 -1.949  1.00 56.23 ? 78  MET A O   1 
ATOM   621  C CB  . MET A 1 78  ? 18.085  -11.615 -0.924  1.00 56.84 ? 78  MET A CB  1 
ATOM   622  C CG  . MET A 1 78  ? 18.169  -11.240 -2.403  1.00 57.68 ? 78  MET A CG  1 
ATOM   623  S SD  . MET A 1 78  ? 19.724  -11.777 -3.164  1.00 59.10 ? 78  MET A SD  1 
ATOM   624  C CE  . MET A 1 78  ? 19.536  -13.568 -3.093  1.00 59.12 ? 78  MET A CE  1 
ATOM   625  N N   . SER A 1 79  ? 15.516  -13.585 -0.336  1.00 56.23 ? 79  SER A N   1 
ATOM   626  C CA  . SER A 1 79  ? 14.612  -14.615 -0.850  1.00 56.14 ? 79  SER A CA  1 
ATOM   627  C C   . SER A 1 79  ? 13.221  -14.577 -0.208  1.00 56.04 ? 79  SER A C   1 
ATOM   628  O O   . SER A 1 79  ? 12.212  -14.492 -0.924  1.00 56.30 ? 79  SER A O   1 
ATOM   629  C CB  . SER A 1 79  ? 15.236  -16.009 -0.694  1.00 56.19 ? 79  SER A CB  1 
ATOM   630  O OG  . SER A 1 79  ? 15.619  -16.262 0.646   1.00 56.14 ? 79  SER A OG  1 
ATOM   631  N N   . GLU A 1 80  ? 13.176  -14.635 1.126   1.00 55.67 ? 80  GLU A N   1 
ATOM   632  C CA  . GLU A 1 80  ? 11.919  -14.666 1.899   1.00 55.20 ? 80  GLU A CA  1 
ATOM   633  C C   . GLU A 1 80  ? 10.962  -13.521 1.507   1.00 54.64 ? 80  GLU A C   1 
ATOM   634  O O   . GLU A 1 80  ? 11.310  -12.339 1.604   1.00 54.66 ? 80  GLU A O   1 
ATOM   635  C CB  . GLU A 1 80  ? 12.226  -14.679 3.407   1.00 55.42 ? 80  GLU A CB  1 
ATOM   636  C CG  . GLU A 1 80  ? 11.201  -15.409 4.280   1.00 55.50 ? 80  GLU A CG  1 
ATOM   637  C CD  . GLU A 1 80  ? 10.204  -14.468 4.944   1.00 55.89 ? 80  GLU A CD  1 
ATOM   638  O OE1 . GLU A 1 80  ? 9.687   -13.557 4.258   1.00 56.16 ? 80  GLU A OE1 1 
ATOM   639  O OE2 . GLU A 1 80  ? 9.932   -14.643 6.153   1.00 55.48 ? 80  GLU A OE2 1 
ATOM   640  N N   . VAL A 1 81  ? 9.760   -13.912 1.074   1.00 53.91 ? 81  VAL A N   1 
ATOM   641  C CA  . VAL A 1 81  ? 8.783   -13.062 0.355   1.00 53.02 ? 81  VAL A CA  1 
ATOM   642  C C   . VAL A 1 81  ? 8.273   -11.794 1.071   1.00 52.18 ? 81  VAL A C   1 
ATOM   643  O O   . VAL A 1 81  ? 8.023   -10.767 0.430   1.00 52.41 ? 81  VAL A O   1 
ATOM   644  C CB  . VAL A 1 81  ? 7.554   -13.934 -0.077  1.00 53.11 ? 81  VAL A CB  1 
ATOM   645  C CG1 . VAL A 1 81  ? 6.254   -13.120 -0.161  1.00 53.48 ? 81  VAL A CG1 1 
ATOM   646  C CG2 . VAL A 1 81  ? 7.833   -14.672 -1.384  1.00 53.36 ? 81  VAL A CG2 1 
ATOM   647  N N   . LEU A 1 82  ? 8.136   -11.876 2.391   1.00 50.90 ? 82  LEU A N   1 
ATOM   648  C CA  . LEU A 1 82  ? 7.236   -11.001 3.135   1.00 49.55 ? 82  LEU A CA  1 
ATOM   649  C C   . LEU A 1 82  ? 7.915   -10.195 4.233   1.00 48.66 ? 82  LEU A C   1 
ATOM   650  O O   . LEU A 1 82  ? 7.332   -9.267  4.799   1.00 48.43 ? 82  LEU A O   1 
ATOM   651  C CB  . LEU A 1 82  ? 6.110   -11.856 3.720   1.00 49.77 ? 82  LEU A CB  1 
ATOM   652  C CG  . LEU A 1 82  ? 6.407   -13.349 3.917   1.00 49.45 ? 82  LEU A CG  1 
ATOM   653  C CD1 . LEU A 1 82  ? 6.645   -13.677 5.374   1.00 49.53 ? 82  LEU A CD1 1 
ATOM   654  C CD2 . LEU A 1 82  ? 5.271   -14.194 3.364   1.00 50.17 ? 82  LEU A CD2 1 
ATOM   655  N N   . ASP A 1 83  ? 9.155   -10.561 4.526   1.00 47.56 ? 83  ASP A N   1 
ATOM   656  C CA  . ASP A 1 83  ? 9.931   -9.899  5.554   1.00 46.30 ? 83  ASP A CA  1 
ATOM   657  C C   . ASP A 1 83  ? 10.343  -8.524  5.054   1.00 45.64 ? 83  ASP A C   1 
ATOM   658  O O   . ASP A 1 83  ? 11.008  -8.410  4.013   1.00 45.58 ? 83  ASP A O   1 
ATOM   659  C CB  . ASP A 1 83  ? 11.160  -10.744 5.892   1.00 46.19 ? 83  ASP A CB  1 
ATOM   660  C CG  . ASP A 1 83  ? 11.962  -10.180 7.051   1.00 45.92 ? 83  ASP A CG  1 
ATOM   661  O OD1 . ASP A 1 83  ? 11.475  -10.215 8.208   1.00 45.03 ? 83  ASP A OD1 1 
ATOM   662  O OD2 . ASP A 1 83  ? 13.093  -9.716  6.794   1.00 45.10 ? 83  ASP A OD2 1 
ATOM   663  N N   . LYS A 1 84  ? 9.922   -7.488  5.786   1.00 44.55 ? 84  LYS A N   1 
ATOM   664  C CA  . LYS A 1 84  ? 10.277  -6.087  5.501   1.00 43.34 ? 84  LYS A CA  1 
ATOM   665  C C   . LYS A 1 84  ? 9.835   -5.651  4.106   1.00 42.50 ? 84  LYS A C   1 
ATOM   666  O O   . LYS A 1 84  ? 10.609  -5.069  3.336   1.00 42.42 ? 84  LYS A O   1 
ATOM   667  C CB  . LYS A 1 84  ? 11.779  -5.849  5.702   1.00 43.42 ? 84  LYS A CB  1 
ATOM   668  C CG  . LYS A 1 84  ? 12.245  -6.126  7.116   1.00 44.13 ? 84  LYS A CG  1 
ATOM   669  C CD  . LYS A 1 84  ? 13.724  -5.853  7.309   1.00 44.82 ? 84  LYS A CD  1 
ATOM   670  C CE  . LYS A 1 84  ? 14.146  -6.216  8.718   1.00 45.46 ? 84  LYS A CE  1 
ATOM   671  N NZ  . LYS A 1 84  ? 13.915  -7.662  9.030   1.00 45.50 ? 84  LYS A NZ  1 
ATOM   672  N N   . ASP A 1 85  ? 8.577   -5.933  3.797   1.00 41.36 ? 85  ASP A N   1 
ATOM   673  C CA  . ASP A 1 85  ? 8.030   -5.697  2.473   1.00 40.38 ? 85  ASP A CA  1 
ATOM   674  C C   . ASP A 1 85  ? 7.818   -4.207  2.273   1.00 39.81 ? 85  ASP A C   1 
ATOM   675  O O   . ASP A 1 85  ? 6.707   -3.705  2.420   1.00 39.41 ? 85  ASP A O   1 
ATOM   676  C CB  . ASP A 1 85  ? 6.712   -6.464  2.318   1.00 40.38 ? 85  ASP A CB  1 
ATOM   677  C CG  . ASP A 1 85  ? 6.478   -6.931  0.912   1.00 39.16 ? 85  ASP A CG  1 
ATOM   678  O OD1 . ASP A 1 85  ? 7.308   -6.619  0.041   1.00 38.05 ? 85  ASP A OD1 1 
ATOM   679  O OD2 . ASP A 1 85  ? 5.462   -7.611  0.678   1.00 38.69 ? 85  ASP A OD2 1 
ATOM   680  N N   . ILE A 1 86  ? 8.906   -3.506  1.962   1.00 39.46 ? 86  ILE A N   1 
ATOM   681  C CA  . ILE A 1 86  ? 8.902   -2.046  1.840   1.00 38.99 ? 86  ILE A CA  1 
ATOM   682  C C   . ILE A 1 86  ? 10.020  -1.538  0.921   1.00 38.93 ? 86  ILE A C   1 
ATOM   683  O O   . ILE A 1 86  ? 11.139  -2.039  0.947   1.00 38.71 ? 86  ILE A O   1 
ATOM   684  C CB  . ILE A 1 86  ? 8.949   -1.348  3.238   1.00 38.80 ? 86  ILE A CB  1 
ATOM   685  C CG1 . ILE A 1 86  ? 8.684   0.159   3.122   1.00 38.68 ? 86  ILE A CG1 1 
ATOM   686  C CG2 . ILE A 1 86  ? 10.258  -1.633  3.951   1.00 38.83 ? 86  ILE A CG2 1 
ATOM   687  C CD1 . ILE A 1 86  ? 8.233   0.817   4.420   1.00 38.11 ? 86  ILE A CD1 1 
ATOM   688  N N   . MET A 1 87  ? 9.686   -0.537  0.113   1.00 39.10 ? 87  MET A N   1 
ATOM   689  C CA  . MET A 1 87  ? 10.603  0.079   -0.831  1.00 39.29 ? 87  MET A CA  1 
ATOM   690  C C   . MET A 1 87  ? 10.161  1.521   -1.054  1.00 39.84 ? 87  MET A C   1 
ATOM   691  O O   . MET A 1 87  ? 8.977   1.777   -1.285  1.00 39.90 ? 87  MET A O   1 
ATOM   692  C CB  . MET A 1 87  ? 10.594  -0.697  -2.159  1.00 38.95 ? 87  MET A CB  1 
ATOM   693  C CG  . MET A 1 87  ? 11.479  -0.119  -3.268  1.00 37.78 ? 87  MET A CG  1 
ATOM   694  S SD  . MET A 1 87  ? 11.498  -1.096  -4.803  1.00 35.59 ? 87  MET A SD  1 
ATOM   695  C CE  . MET A 1 87  ? 9.868   -0.752  -5.467  1.00 32.84 ? 87  MET A CE  1 
ATOM   696  N N   . LEU A 1 88  ? 11.108  2.455   -0.957  1.00 40.46 ? 88  LEU A N   1 
ATOM   697  C CA  . LEU A 1 88  ? 10.891  3.852   -1.357  1.00 41.26 ? 88  LEU A CA  1 
ATOM   698  C C   . LEU A 1 88  ? 11.169  4.024   -2.845  1.00 41.72 ? 88  LEU A C   1 
ATOM   699  O O   . LEU A 1 88  ? 11.813  3.177   -3.475  1.00 42.01 ? 88  LEU A O   1 
ATOM   700  C CB  . LEU A 1 88  ? 11.847  4.783   -0.615  1.00 41.42 ? 88  LEU A CB  1 
ATOM   701  C CG  . LEU A 1 88  ? 11.822  5.082   0.886   1.00 41.93 ? 88  LEU A CG  1 
ATOM   702  C CD1 . LEU A 1 88  ? 11.400  3.894   1.736   1.00 42.57 ? 88  LEU A CD1 1 
ATOM   703  C CD2 . LEU A 1 88  ? 13.204  5.568   1.300   1.00 41.69 ? 88  LEU A CD2 1 
ATOM   704  N N   . ILE A 1 89  ? 10.698  5.128   -3.410  1.00 42.08 ? 89  ILE A N   1 
ATOM   705  C CA  . ILE A 1 89  ? 11.033  5.467   -4.784  1.00 42.39 ? 89  ILE A CA  1 
ATOM   706  C C   . ILE A 1 89  ? 11.210  6.974   -4.929  1.00 43.02 ? 89  ILE A C   1 
ATOM   707  O O   . ILE A 1 89  ? 10.243  7.742   -4.890  1.00 43.40 ? 89  ILE A O   1 
ATOM   708  C CB  . ILE A 1 89  ? 9.995   4.936   -5.805  1.00 42.17 ? 89  ILE A CB  1 
ATOM   709  C CG1 . ILE A 1 89  ? 9.739   3.435   -5.588  1.00 41.69 ? 89  ILE A CG1 1 
ATOM   710  C CG2 . ILE A 1 89  ? 10.488  5.200   -7.223  1.00 42.19 ? 89  ILE A CG2 1 
ATOM   711  C CD1 . ILE A 1 89  ? 8.566   2.854   -6.337  1.00 38.97 ? 89  ILE A CD1 1 
ATOM   712  N N   . LYS A 1 90  ? 12.459  7.391   -5.083  1.00 43.33 ? 90  LYS A N   1 
ATOM   713  C CA  . LYS A 1 90  ? 12.759  8.776   -5.353  1.00 44.06 ? 90  LYS A CA  1 
ATOM   714  C C   . LYS A 1 90  ? 12.336  9.058   -6.788  1.00 44.45 ? 90  LYS A C   1 
ATOM   715  O O   . LYS A 1 90  ? 12.841  8.430   -7.717  1.00 44.65 ? 90  LYS A O   1 
ATOM   716  C CB  . LYS A 1 90  ? 14.256  9.035   -5.147  1.00 44.08 ? 90  LYS A CB  1 
ATOM   717  C CG  . LYS A 1 90  ? 14.784  10.371  -5.682  1.00 44.57 ? 90  LYS A CG  1 
ATOM   718  C CD  . LYS A 1 90  ? 14.244  11.559  -4.900  1.00 45.54 ? 90  LYS A CD  1 
ATOM   719  C CE  . LYS A 1 90  ? 15.327  12.597  -4.681  1.00 45.19 ? 90  LYS A CE  1 
ATOM   720  N NZ  . LYS A 1 90  ? 16.392  12.050  -3.797  1.00 45.64 ? 90  LYS A NZ  1 
ATOM   721  N N   . LEU A 1 91  ? 11.383  9.972   -6.958  1.00 44.92 ? 91  LEU A N   1 
ATOM   722  C CA  . LEU A 1 91  ? 10.957  10.412  -8.292  1.00 45.23 ? 91  LEU A CA  1 
ATOM   723  C C   . LEU A 1 91  ? 12.069  11.254  -8.902  1.00 45.66 ? 91  LEU A C   1 
ATOM   724  O O   . LEU A 1 91  ? 12.755  12.002  -8.190  1.00 45.89 ? 91  LEU A O   1 
ATOM   725  C CB  . LEU A 1 91  ? 9.649   11.219  -8.229  1.00 44.91 ? 91  LEU A CB  1 
ATOM   726  C CG  . LEU A 1 91  ? 8.393   10.581  -7.615  1.00 44.85 ? 91  LEU A CG  1 
ATOM   727  C CD1 . LEU A 1 91  ? 7.260   11.591  -7.553  1.00 44.99 ? 91  LEU A CD1 1 
ATOM   728  C CD2 . LEU A 1 91  ? 7.941   9.351   -8.381  1.00 44.46 ? 91  LEU A CD2 1 
ATOM   729  N N   . ASP A 1 92  ? 12.259  11.133  -10.213 1.00 45.97 ? 92  ASP A N   1 
ATOM   730  C CA  . ASP A 1 92  ? 13.350  11.852  -10.867 1.00 46.38 ? 92  ASP A CA  1 
ATOM   731  C C   . ASP A 1 92  ? 13.065  13.351  -11.007 1.00 46.37 ? 92  ASP A C   1 
ATOM   732  O O   . ASP A 1 92  ? 13.964  14.139  -11.321 1.00 46.59 ? 92  ASP A O   1 
ATOM   733  C CB  . ASP A 1 92  ? 13.736  11.202  -12.207 1.00 46.42 ? 92  ASP A CB  1 
ATOM   734  C CG  . ASP A 1 92  ? 12.570  11.087  -13.173 1.00 47.43 ? 92  ASP A CG  1 
ATOM   735  O OD1 . ASP A 1 92  ? 11.435  11.470  -12.811 1.00 48.12 ? 92  ASP A OD1 1 
ATOM   736  O OD2 . ASP A 1 92  ? 12.802  10.610  -14.309 1.00 48.15 ? 92  ASP A OD2 1 
ATOM   737  N N   . LYS A 1 93  ? 11.814  13.732  -10.750 1.00 46.28 ? 93  LYS A N   1 
ATOM   738  C CA  . LYS A 1 93  ? 11.366  15.119  -10.839 1.00 46.23 ? 93  LYS A CA  1 
ATOM   739  C C   . LYS A 1 93  ? 10.265  15.348  -9.800  1.00 46.44 ? 93  LYS A C   1 
ATOM   740  O O   . LYS A 1 93  ? 9.323   14.559  -9.734  1.00 46.56 ? 93  LYS A O   1 
ATOM   741  C CB  . LYS A 1 93  ? 10.824  15.423  -12.244 1.00 45.99 ? 93  LYS A CB  1 
ATOM   742  C CG  . LYS A 1 93  ? 11.527  14.675  -13.380 1.00 45.87 ? 93  LYS A CG  1 
ATOM   743  C CD  . LYS A 1 93  ? 11.311  15.309  -14.744 1.00 44.91 ? 93  LYS A CD  1 
ATOM   744  C CE  . LYS A 1 93  ? 12.420  14.893  -15.712 1.00 44.32 ? 93  LYS A CE  1 
ATOM   745  N NZ  . LYS A 1 93  ? 12.333  13.472  -16.163 1.00 43.95 ? 93  LYS A NZ  1 
ATOM   746  N N   . PRO A 1 94  ? 10.369  16.424  -8.990  1.00 46.60 ? 94  PRO A N   1 
ATOM   747  C CA  . PRO A 1 94  ? 9.345   16.720  -7.966  1.00 46.68 ? 94  PRO A CA  1 
ATOM   748  C C   . PRO A 1 94  ? 7.957   16.953  -8.559  1.00 46.81 ? 94  PRO A C   1 
ATOM   749  O O   . PRO A 1 94  ? 7.845   17.406  -9.700  1.00 47.03 ? 94  PRO A O   1 
ATOM   750  C CB  . PRO A 1 94  ? 9.847   18.013  -7.315  1.00 46.49 ? 94  PRO A CB  1 
ATOM   751  C CG  . PRO A 1 94  ? 10.796  18.610  -8.306  1.00 47.02 ? 94  PRO A CG  1 
ATOM   752  C CD  . PRO A 1 94  ? 11.429  17.451  -9.021  1.00 46.70 ? 94  PRO A CD  1 
ATOM   753  N N   . ILE A 1 95  ? 6.915   16.643  -7.790  1.00 46.89 ? 95  ILE A N   1 
ATOM   754  C CA  . ILE A 1 95  ? 5.533   16.825  -8.246  1.00 46.86 ? 95  ILE A CA  1 
ATOM   755  C C   . ILE A 1 95  ? 4.766   17.824  -7.385  1.00 46.79 ? 95  ILE A C   1 
ATOM   756  O O   . ILE A 1 95  ? 5.012   17.940  -6.184  1.00 46.85 ? 95  ILE A O   1 
ATOM   757  C CB  . ILE A 1 95  ? 4.739   15.489  -8.322  1.00 46.89 ? 95  ILE A CB  1 
ATOM   758  C CG1 . ILE A 1 95  ? 4.591   14.844  -6.949  1.00 47.26 ? 95  ILE A CG1 1 
ATOM   759  C CG2 . ILE A 1 95  ? 5.399   14.516  -9.270  1.00 46.90 ? 95  ILE A CG2 1 
ATOM   760  C CD1 . ILE A 1 95  ? 3.746   13.601  -6.987  1.00 48.85 ? 95  ILE A CD1 1 
ATOM   761  N N   . SER A 1 96  ? 3.834   18.539  -8.008  1.00 46.58 ? 96  SER A N   1 
ATOM   762  C CA  . SER A 1 96  ? 3.067   19.563  -7.313  1.00 46.57 ? 96  SER A CA  1 
ATOM   763  C C   . SER A 1 96  ? 1.689   19.068  -6.891  1.00 46.63 ? 96  SER A C   1 
ATOM   764  O O   . SER A 1 96  ? 1.073   18.227  -7.556  1.00 46.66 ? 96  SER A O   1 
ATOM   765  C CB  . SER A 1 96  ? 2.926   20.831  -8.171  1.00 46.60 ? 96  SER A CB  1 
ATOM   766  O OG  . SER A 1 96  ? 4.132   21.579  -8.214  1.00 46.32 ? 96  SER A OG  1 
ATOM   767  N N   . ASN A 1 97  ? 1.217   19.611  -5.776  1.00 46.61 ? 97  ASN A N   1 
ATOM   768  C CA  . ASN A 1 97  ? -0.124  19.364  -5.292  1.00 46.57 ? 97  ASN A CA  1 
ATOM   769  C C   . ASN A 1 97  ? -1.133  20.056  -6.204  1.00 46.61 ? 97  ASN A C   1 
ATOM   770  O O   . ASN A 1 97  ? -1.120  21.279  -6.337  1.00 46.96 ? 97  ASN A O   1 
ATOM   771  C CB  . ASN A 1 97  ? -0.280  19.885  -3.847  1.00 46.64 ? 97  ASN A CB  1 
ATOM   772  C CG  . ASN A 1 97  ? 0.295   18.926  -2.783  1.00 46.30 ? 97  ASN A CG  1 
ATOM   773  O OD1 . ASN A 1 97  ? -0.248  18.824  -1.679  1.00 44.80 ? 97  ASN A OD1 1 
ATOM   774  N ND2 . ASN A 1 97  ? 1.393   18.240  -3.110  1.00 45.82 ? 97  ASN A ND2 1 
ATOM   775  N N   . SER A 1 98  ? -1.979  19.270  -6.858  1.00 46.42 ? 98  SER A N   1 
ATOM   776  C CA  . SER A 1 98  ? -3.168  19.807  -7.515  1.00 46.27 ? 98  SER A CA  1 
ATOM   777  C C   . SER A 1 98  ? -4.381  18.969  -7.110  1.00 45.96 ? 98  SER A C   1 
ATOM   778  O O   . SER A 1 98  ? -4.302  18.179  -6.175  1.00 45.84 ? 98  SER A O   1 
ATOM   779  C CB  . SER A 1 98  ? -2.990  19.877  -9.044  1.00 46.38 ? 98  SER A CB  1 
ATOM   780  O OG  . SER A 1 98  ? -3.290  18.644  -9.671  1.00 46.21 ? 98  SER A OG  1 
ATOM   781  N N   . LYS A 1 99  ? -5.496  19.146  -7.806  1.00 45.89 ? 99  LYS A N   1 
ATOM   782  C CA  . LYS A 1 99  ? -6.726  18.416  -7.501  1.00 45.84 ? 99  LYS A CA  1 
ATOM   783  C C   . LYS A 1 99  ? -6.503  16.913  -7.301  1.00 45.93 ? 99  LYS A C   1 
ATOM   784  O O   . LYS A 1 99  ? -6.969  16.339  -6.318  1.00 46.20 ? 99  LYS A O   1 
ATOM   785  C CB  . LYS A 1 99  ? -7.784  18.679  -8.583  1.00 45.56 ? 99  LYS A CB  1 
ATOM   786  C CG  . LYS A 1 99  ? -9.051  17.835  -8.485  1.00 45.45 ? 99  LYS A CG  1 
ATOM   787  C CD  . LYS A 1 99  ? -9.464  17.563  -7.042  1.00 45.90 ? 99  LYS A CD  1 
ATOM   788  C CE  . LYS A 1 99  ? -10.047 16.153  -6.914  1.00 46.92 ? 99  LYS A CE  1 
ATOM   789  N NZ  . LYS A 1 99  ? -9.403  15.307  -5.851  1.00 45.68 ? 99  LYS A NZ  1 
ATOM   790  N N   . HIS A 1 100 ? -5.772  16.289  -8.216  1.00 45.81 ? 100 HIS A N   1 
ATOM   791  C CA  . HIS A 1 100 ? -5.652  14.837  -8.228  1.00 45.77 ? 100 HIS A CA  1 
ATOM   792  C C   . HIS A 1 100 ? -4.374  14.309  -7.573  1.00 45.81 ? 100 HIS A C   1 
ATOM   793  O O   . HIS A 1 100 ? -4.125  13.109  -7.586  1.00 45.53 ? 100 HIS A O   1 
ATOM   794  C CB  . HIS A 1 100 ? -5.770  14.328  -9.667  1.00 45.90 ? 100 HIS A CB  1 
ATOM   795  C CG  . HIS A 1 100 ? -7.059  14.701  -10.326 1.00 45.57 ? 100 HIS A CG  1 
ATOM   796  N ND1 . HIS A 1 100 ? -7.293  15.955  -10.849 1.00 45.58 ? 100 HIS A ND1 1 
ATOM   797  C CD2 . HIS A 1 100 ? -8.193  13.991  -10.527 1.00 45.78 ? 100 HIS A CD2 1 
ATOM   798  C CE1 . HIS A 1 100 ? -8.512  15.997  -11.357 1.00 45.69 ? 100 HIS A CE1 1 
ATOM   799  N NE2 . HIS A 1 100 ? -9.083  14.822  -11.164 1.00 45.88 ? 100 HIS A NE2 1 
ATOM   800  N N   . ILE A 1 101 ? -3.571  15.205  -7.003  1.00 46.17 ? 101 ILE A N   1 
ATOM   801  C CA  . ILE A 1 101 ? -2.277  14.835  -6.428  1.00 46.40 ? 101 ILE A CA  1 
ATOM   802  C C   . ILE A 1 101 ? -2.069  15.512  -5.072  1.00 46.41 ? 101 ILE A C   1 
ATOM   803  O O   . ILE A 1 101 ? -2.212  16.731  -4.953  1.00 46.36 ? 101 ILE A O   1 
ATOM   804  C CB  . ILE A 1 101 ? -1.089  15.161  -7.400  1.00 46.56 ? 101 ILE A CB  1 
ATOM   805  C CG1 . ILE A 1 101 ? -1.084  14.230  -8.623  1.00 46.38 ? 101 ILE A CG1 1 
ATOM   806  C CG2 . ILE A 1 101 ? 0.260   15.038  -6.694  1.00 47.00 ? 101 ILE A CG2 1 
ATOM   807  C CD1 . ILE A 1 101 ? -1.715  14.821  -9.869  1.00 45.57 ? 101 ILE A CD1 1 
ATOM   808  N N   . ALA A 1 102 ? -1.750  14.701  -4.059  1.00 46.45 ? 102 ALA A N   1 
ATOM   809  C CA  . ALA A 1 102 ? -1.463  15.173  -2.700  1.00 46.57 ? 102 ALA A CA  1 
ATOM   810  C C   . ALA A 1 102 ? -0.815  14.066  -1.863  1.00 46.79 ? 102 ALA A C   1 
ATOM   811  O O   . ALA A 1 102 ? -1.216  12.896  -1.962  1.00 46.93 ? 102 ALA A O   1 
ATOM   812  C CB  . ALA A 1 102 ? -2.732  15.681  -2.017  1.00 46.50 ? 102 ALA A CB  1 
ATOM   813  N N   . PRO A 1 103 ? 0.170   14.431  -1.019  1.00 46.69 ? 103 PRO A N   1 
ATOM   814  C CA  . PRO A 1 103 ? 0.892   13.455  -0.214  1.00 46.72 ? 103 PRO A CA  1 
ATOM   815  C C   . PRO A 1 103 ? 0.057   12.926  0.943   1.00 46.67 ? 103 PRO A C   1 
ATOM   816  O O   . PRO A 1 103 ? -0.970  13.517  1.288   1.00 46.76 ? 103 PRO A O   1 
ATOM   817  C CB  . PRO A 1 103 ? 2.077   14.263  0.346   1.00 46.69 ? 103 PRO A CB  1 
ATOM   818  C CG  . PRO A 1 103 ? 2.039   15.591  -0.339  1.00 46.57 ? 103 PRO A CG  1 
ATOM   819  C CD  . PRO A 1 103 ? 0.620   15.799  -0.722  1.00 46.79 ? 103 PRO A CD  1 
ATOM   820  N N   . LEU A 1 104 ? 0.517   11.822  1.526   1.00 46.56 ? 104 LEU A N   1 
ATOM   821  C CA  . LEU A 1 104 ? -0.053  11.258  2.742   1.00 46.65 ? 104 LEU A CA  1 
ATOM   822  C C   . LEU A 1 104 ? 0.934   11.437  3.892   1.00 46.96 ? 104 LEU A C   1 
ATOM   823  O O   . LEU A 1 104 ? 2.127   11.153  3.735   1.00 46.96 ? 104 LEU A O   1 
ATOM   824  C CB  . LEU A 1 104 ? -0.332  9.767   2.548   1.00 46.52 ? 104 LEU A CB  1 
ATOM   825  C CG  . LEU A 1 104 ? -1.714  9.252   2.941   1.00 46.33 ? 104 LEU A CG  1 
ATOM   826  C CD1 . LEU A 1 104 ? -1.848  7.800   2.536   1.00 46.53 ? 104 LEU A CD1 1 
ATOM   827  C CD2 . LEU A 1 104 ? -2.024  9.442   4.427   1.00 46.43 ? 104 LEU A CD2 1 
ATOM   828  N N   . SER A 1 105 ? 0.445   11.894  5.046   1.00 47.24 ? 105 SER A N   1 
ATOM   829  C CA  . SER A 1 105 ? 1.320   12.109  6.200   1.00 47.70 ? 105 SER A CA  1 
ATOM   830  C C   . SER A 1 105 ? 1.639   10.802  6.952   1.00 47.87 ? 105 SER A C   1 
ATOM   831  O O   . SER A 1 105 ? 0.812   9.892   7.041   1.00 47.97 ? 105 SER A O   1 
ATOM   832  C CB  . SER A 1 105 ? 0.773   13.198  7.132   1.00 47.66 ? 105 SER A CB  1 
ATOM   833  O OG  . SER A 1 105 ? -0.254  12.701  7.968   1.00 48.49 ? 105 SER A OG  1 
ATOM   834  N N   . LEU A 1 106 ? 2.856   10.727  7.476   1.00 48.11 ? 106 LEU A N   1 
ATOM   835  C CA  . LEU A 1 106 ? 3.395   9.505   8.057   1.00 48.27 ? 106 LEU A CA  1 
ATOM   836  C C   . LEU A 1 106 ? 2.849   9.286   9.459   1.00 48.61 ? 106 LEU A C   1 
ATOM   837  O O   . LEU A 1 106 ? 2.349   10.238  10.075  1.00 48.97 ? 106 LEU A O   1 
ATOM   838  C CB  . LEU A 1 106 ? 4.925   9.588   8.107   1.00 48.23 ? 106 LEU A CB  1 
ATOM   839  C CG  . LEU A 1 106 ? 5.707   9.677   6.798   1.00 47.69 ? 106 LEU A CG  1 
ATOM   840  C CD1 . LEU A 1 106 ? 7.048   10.322  7.057   1.00 47.77 ? 106 LEU A CD1 1 
ATOM   841  C CD2 . LEU A 1 106 ? 5.875   8.299   6.161   1.00 47.50 ? 106 LEU A CD2 1 
ATOM   842  N N   . PRO A 1 107 ? 2.940   8.037   9.970   1.00 48.65 ? 107 PRO A N   1 
ATOM   843  C CA  . PRO A 1 107 ? 2.505   7.739   11.340  1.00 48.75 ? 107 PRO A CA  1 
ATOM   844  C C   . PRO A 1 107 ? 3.463   8.255   12.424  1.00 48.87 ? 107 PRO A C   1 
ATOM   845  O O   . PRO A 1 107 ? 4.673   8.017   12.354  1.00 48.72 ? 107 PRO A O   1 
ATOM   846  C CB  . PRO A 1 107 ? 2.439   6.204   11.370  1.00 48.65 ? 107 PRO A CB  1 
ATOM   847  C CG  . PRO A 1 107 ? 3.326   5.753   10.289  1.00 48.35 ? 107 PRO A CG  1 
ATOM   848  C CD  . PRO A 1 107 ? 3.353   6.822   9.243   1.00 48.61 ? 107 PRO A CD  1 
ATOM   849  N N   . SER A 1 108 ? 2.905   8.969   13.403  1.00 49.00 ? 108 SER A N   1 
ATOM   850  C CA  . SER A 1 108 ? 3.616   9.363   14.621  1.00 48.91 ? 108 SER A CA  1 
ATOM   851  C C   . SER A 1 108 ? 3.298   8.395   15.758  1.00 48.75 ? 108 SER A C   1 
ATOM   852  O O   . SER A 1 108 ? 4.174   8.043   16.554  1.00 48.89 ? 108 SER A O   1 
ATOM   853  C CB  . SER A 1 108 ? 3.255   10.793  15.013  1.00 48.98 ? 108 SER A CB  1 
ATOM   854  O OG  . SER A 1 108 ? 3.917   11.722  14.172  1.00 49.60 ? 108 SER A OG  1 
ATOM   855  N N   . ASN A 1 109 ? 2.039   7.976   15.830  1.00 48.48 ? 109 ASN A N   1 
ATOM   856  C CA  . ASN A 1 109 ? 1.634   6.863   16.690  1.00 48.50 ? 109 ASN A CA  1 
ATOM   857  C C   . ASN A 1 109 ? 1.097   5.667   15.875  1.00 48.34 ? 109 ASN A C   1 
ATOM   858  O O   . ASN A 1 109 ? 0.494   5.854   14.813  1.00 48.45 ? 109 ASN A O   1 
ATOM   859  C CB  . ASN A 1 109 ? 0.633   7.307   17.782  1.00 48.50 ? 109 ASN A CB  1 
ATOM   860  C CG  . ASN A 1 109 ? -0.023  8.665   17.490  1.00 48.74 ? 109 ASN A CG  1 
ATOM   861  O OD1 . ASN A 1 109 ? 0.659   9.687   17.366  1.00 49.12 ? 109 ASN A OD1 1 
ATOM   862  N ND2 . ASN A 1 109 ? -1.353  8.681   17.417  1.00 47.58 ? 109 ASN A ND2 1 
ATOM   863  N N   . PRO A 1 110 ? 1.333   4.432   16.362  1.00 48.09 ? 110 PRO A N   1 
ATOM   864  C CA  . PRO A 1 110 ? 0.836   3.251   15.648  1.00 47.65 ? 110 PRO A CA  1 
ATOM   865  C C   . PRO A 1 110 ? -0.661  3.039   15.885  1.00 46.94 ? 110 PRO A C   1 
ATOM   866  O O   . PRO A 1 110 ? -1.221  3.632   16.803  1.00 46.97 ? 110 PRO A O   1 
ATOM   867  C CB  . PRO A 1 110 ? 1.656   2.104   16.250  1.00 47.84 ? 110 PRO A CB  1 
ATOM   868  C CG  . PRO A 1 110 ? 2.018   2.567   17.632  1.00 48.04 ? 110 PRO A CG  1 
ATOM   869  C CD  . PRO A 1 110 ? 2.081   4.074   17.589  1.00 48.34 ? 110 PRO A CD  1 
ATOM   870  N N   . PRO A 1 111 ? -1.310  2.195   15.068  1.00 46.28 ? 111 PRO A N   1 
ATOM   871  C CA  . PRO A 1 111 ? -2.750  2.101   15.204  1.00 45.79 ? 111 PRO A CA  1 
ATOM   872  C C   . PRO A 1 111 ? -3.161  1.084   16.258  1.00 45.35 ? 111 PRO A C   1 
ATOM   873  O O   . PRO A 1 111 ? -2.896  -0.113  16.117  1.00 44.89 ? 111 PRO A O   1 
ATOM   874  C CB  . PRO A 1 111 ? -3.199  1.659   13.811  1.00 45.76 ? 111 PRO A CB  1 
ATOM   875  C CG  . PRO A 1 111 ? -2.000  0.958   13.213  1.00 46.16 ? 111 PRO A CG  1 
ATOM   876  C CD  . PRO A 1 111 ? -0.794  1.236   14.074  1.00 46.35 ? 111 PRO A CD  1 
ATOM   877  N N   . SER A 1 112 ? -3.801  1.576   17.313  1.00 44.99 ? 112 SER A N   1 
ATOM   878  C CA  . SER A 1 112 ? -4.266  0.718   18.386  1.00 44.99 ? 112 SER A CA  1 
ATOM   879  C C   . SER A 1 112 ? -5.381  -0.179  17.862  1.00 44.67 ? 112 SER A C   1 
ATOM   880  O O   . SER A 1 112 ? -6.395  0.300   17.337  1.00 44.83 ? 112 SER A O   1 
ATOM   881  C CB  . SER A 1 112 ? -4.749  1.545   19.573  1.00 44.96 ? 112 SER A CB  1 
ATOM   882  O OG  . SER A 1 112 ? -5.654  2.541   19.129  1.00 46.38 ? 112 SER A OG  1 
ATOM   883  N N   . VAL A 1 113 ? -5.156  -1.482  17.998  1.00 44.14 ? 113 VAL A N   1 
ATOM   884  C CA  . VAL A 1 113 ? -6.073  -2.528  17.562  1.00 43.79 ? 113 VAL A CA  1 
ATOM   885  C C   . VAL A 1 113 ? -7.541  -2.141  17.750  1.00 43.60 ? 113 VAL A C   1 
ATOM   886  O O   . VAL A 1 113 ? -7.898  -1.467  18.719  1.00 43.48 ? 113 VAL A O   1 
ATOM   887  C CB  . VAL A 1 113 ? -5.777  -3.863  18.308  1.00 43.85 ? 113 VAL A CB  1 
ATOM   888  C CG1 . VAL A 1 113 ? -6.585  -5.025  17.710  1.00 43.89 ? 113 VAL A CG1 1 
ATOM   889  C CG2 . VAL A 1 113 ? -4.285  -4.192  18.270  1.00 43.63 ? 113 VAL A CG2 1 
ATOM   890  N N   . GLY A 1 114 ? -8.384  -2.568  16.812  1.00 43.49 ? 114 GLY A N   1 
ATOM   891  C CA  . GLY A 1 114 ? -9.814  -2.302  16.889  1.00 43.40 ? 114 GLY A CA  1 
ATOM   892  C C   . GLY A 1 114 ? -10.221 -0.990  16.241  1.00 43.38 ? 114 GLY A C   1 
ATOM   893  O O   . GLY A 1 114 ? -11.392 -0.614  16.291  1.00 43.50 ? 114 GLY A O   1 
ATOM   894  N N   . SER A 1 115 ? -9.256  -0.298  15.633  1.00 43.13 ? 115 SER A N   1 
ATOM   895  C CA  . SER A 1 115 ? -9.529  0.937   14.893  1.00 43.05 ? 115 SER A CA  1 
ATOM   896  C C   . SER A 1 115 ? -10.132 0.670   13.521  1.00 42.70 ? 115 SER A C   1 
ATOM   897  O O   . SER A 1 115 ? -9.957  -0.403  12.946  1.00 42.58 ? 115 SER A O   1 
ATOM   898  C CB  . SER A 1 115 ? -8.258  1.776   14.736  1.00 43.11 ? 115 SER A CB  1 
ATOM   899  O OG  . SER A 1 115 ? -8.014  2.545   15.896  1.00 43.42 ? 115 SER A OG  1 
ATOM   900  N N   . VAL A 1 116 ? -10.832 1.667   12.994  1.00 42.51 ? 116 VAL A N   1 
ATOM   901  C CA  . VAL A 1 116 ? -11.535 1.518   11.727  1.00 42.56 ? 116 VAL A CA  1 
ATOM   902  C C   . VAL A 1 116 ? -10.788 2.269   10.619  1.00 42.48 ? 116 VAL A C   1 
ATOM   903  O O   . VAL A 1 116 ? -10.772 3.507   10.599  1.00 42.54 ? 116 VAL A O   1 
ATOM   904  C CB  . VAL A 1 116 ? -13.023 1.971   11.840  1.00 42.64 ? 116 VAL A CB  1 
ATOM   905  C CG1 . VAL A 1 116 ? -13.857 1.359   10.722  1.00 42.61 ? 116 VAL A CG1 1 
ATOM   906  C CG2 . VAL A 1 116 ? -13.607 1.572   13.189  1.00 42.10 ? 116 VAL A CG2 1 
ATOM   907  N N   . CYS A 1 117 ? -10.176 1.503   9.709   1.00 42.20 ? 117 CYS A N   1 
ATOM   908  C CA  . CYS A 1 117 ? -9.243  2.033   8.704   1.00 41.96 ? 117 CYS A CA  1 
ATOM   909  C C   . CYS A 1 117 ? -9.724  1.827   7.265   1.00 41.85 ? 117 CYS A C   1 
ATOM   910  O O   . CYS A 1 117 ? -10.593 0.990   7.017   1.00 41.96 ? 117 CYS A O   1 
ATOM   911  C CB  . CYS A 1 117 ? -7.859  1.399   8.892   1.00 41.96 ? 117 CYS A CB  1 
ATOM   912  S SG  . CYS A 1 117 ? -7.096  1.700   10.507  1.00 41.89 ? 117 CYS A SG  1 
ATOM   913  N N   . ARG A 1 118 ? -9.141  2.575   6.323   1.00 41.67 ? 118 ARG A N   1 
ATOM   914  C CA  . ARG A 1 118 ? -9.573  2.548   4.913   1.00 41.60 ? 118 ARG A CA  1 
ATOM   915  C C   . ARG A 1 118 ? -8.554  1.982   3.909   1.00 41.21 ? 118 ARG A C   1 
ATOM   916  O O   . ARG A 1 118 ? -7.508  2.577   3.678   1.00 41.18 ? 118 ARG A O   1 
ATOM   917  C CB  . ARG A 1 118 ? -10.007 3.949   4.459   1.00 41.69 ? 118 ARG A CB  1 
ATOM   918  C CG  . ARG A 1 118 ? -11.316 4.436   5.065   1.00 42.64 ? 118 ARG A CG  1 
ATOM   919  C CD  . ARG A 1 118 ? -12.534 3.842   4.356   1.00 44.41 ? 118 ARG A CD  1 
ATOM   920  N NE  . ARG A 1 118 ? -13.061 4.721   3.310   1.00 45.26 ? 118 ARG A NE  1 
ATOM   921  C CZ  . ARG A 1 118 ? -14.233 4.557   2.700   1.00 45.67 ? 118 ARG A CZ  1 
ATOM   922  N NH1 . ARG A 1 118 ? -15.032 3.545   3.022   1.00 46.18 ? 118 ARG A NH1 1 
ATOM   923  N NH2 . ARG A 1 118 ? -14.612 5.415   1.765   1.00 46.26 ? 118 ARG A NH2 1 
ATOM   924  N N   . ILE A 1 119 ? -8.883  0.831   3.320   1.00 41.03 ? 119 ILE A N   1 
ATOM   925  C CA  . ILE A 1 119 ? -8.131  0.252   2.189   1.00 40.43 ? 119 ILE A CA  1 
ATOM   926  C C   . ILE A 1 119 ? -8.685  0.711   0.841   1.00 40.23 ? 119 ILE A C   1 
ATOM   927  O O   . ILE A 1 119 ? -9.804  1.219   0.769   1.00 39.66 ? 119 ILE A O   1 
ATOM   928  C CB  . ILE A 1 119 ? -8.114  -1.299  2.206   1.00 40.25 ? 119 ILE A CB  1 
ATOM   929  C CG1 . ILE A 1 119 ? -9.509  -1.869  2.519   1.00 40.21 ? 119 ILE A CG1 1 
ATOM   930  C CG2 . ILE A 1 119 ? -7.062  -1.778  3.169   1.00 40.01 ? 119 ILE A CG2 1 
ATOM   931  C CD1 . ILE A 1 119 ? -9.674  -3.386  2.291   1.00 40.15 ? 119 ILE A CD1 1 
ATOM   932  N N   . MET A 1 120 ? -7.891  0.514   -0.214  1.00 40.20 ? 120 MET A N   1 
ATOM   933  C CA  . MET A 1 120 ? -8.212  0.995   -1.564  1.00 40.46 ? 120 MET A CA  1 
ATOM   934  C C   . MET A 1 120 ? -7.217  0.490   -2.624  1.00 40.38 ? 120 MET A C   1 
ATOM   935  O O   . MET A 1 120 ? -6.136  -0.006  -2.289  1.00 39.98 ? 120 MET A O   1 
ATOM   936  C CB  . MET A 1 120 ? -8.267  2.529   -1.598  1.00 40.44 ? 120 MET A CB  1 
ATOM   937  C CG  . MET A 1 120 ? -6.965  3.201   -1.200  1.00 41.29 ? 120 MET A CG  1 
ATOM   938  S SD  . MET A 1 120 ? -6.954  4.975   -1.514  1.00 43.94 ? 120 MET A SD  1 
ATOM   939  C CE  . MET A 1 120 ? -8.042  5.530   -0.194  1.00 43.22 ? 120 MET A CE  1 
ATOM   940  N N   . GLY A 1 121 ? -7.594  0.644   -3.894  1.00 40.30 ? 121 GLY A N   1 
ATOM   941  C CA  . GLY A 1 121 ? -6.775  0.207   -5.024  1.00 40.68 ? 121 GLY A CA  1 
ATOM   942  C C   . GLY A 1 121 ? -7.545  -0.193  -6.276  1.00 40.74 ? 121 GLY A C   1 
ATOM   943  O O   . GLY A 1 121 ? -8.778  -0.071  -6.336  1.00 40.79 ? 121 GLY A O   1 
ATOM   944  N N   . TRP A 1 122 ? -6.803  -0.665  -7.276  1.00 40.81 ? 122 TRP A N   1 
ATOM   945  C CA  . TRP A 1 122 ? -7.360  -1.062  -8.578  1.00 41.37 ? 122 TRP A CA  1 
ATOM   946  C C   . TRP A 1 122 ? -7.463  -2.580  -8.746  1.00 41.72 ? 122 TRP A C   1 
ATOM   947  O O   . TRP A 1 122 ? -7.803  -3.078  -9.828  1.00 41.80 ? 122 TRP A O   1 
ATOM   948  C CB  . TRP A 1 122 ? -6.516  -0.492  -9.724  1.00 41.19 ? 122 TRP A CB  1 
ATOM   949  C CG  . TRP A 1 122 ? -6.976  0.834   -10.265 1.00 40.89 ? 122 TRP A CG  1 
ATOM   950  C CD1 . TRP A 1 122 ? -7.980  1.050   -11.170 1.00 40.83 ? 122 TRP A CD1 1 
ATOM   951  C CD2 . TRP A 1 122 ? -6.422  2.117   -9.966  1.00 40.51 ? 122 TRP A CD2 1 
ATOM   952  N NE1 . TRP A 1 122 ? -8.092  2.392   -11.444 1.00 40.96 ? 122 TRP A NE1 1 
ATOM   953  C CE2 . TRP A 1 122 ? -7.144  3.070   -10.718 1.00 41.35 ? 122 TRP A CE2 1 
ATOM   954  C CE3 . TRP A 1 122 ? -5.380  2.559   -9.138  1.00 40.91 ? 122 TRP A CE3 1 
ATOM   955  C CZ2 . TRP A 1 122 ? -6.859  4.441   -10.661 1.00 41.72 ? 122 TRP A CZ2 1 
ATOM   956  C CZ3 . TRP A 1 122 ? -5.098  3.921   -9.083  1.00 41.20 ? 122 TRP A CZ3 1 
ATOM   957  C CH2 . TRP A 1 122 ? -5.836  4.843   -9.836  1.00 41.26 ? 122 TRP A CH2 1 
ATOM   958  N N   . GLY A 1 123 ? -7.159  -3.307  -7.677  1.00 42.09 ? 123 GLY A N   1 
ATOM   959  C CA  . GLY A 1 123 ? -7.220  -4.755  -7.681  1.00 42.88 ? 123 GLY A CA  1 
ATOM   960  C C   . GLY A 1 123 ? -8.611  -5.293  -7.951  1.00 43.48 ? 123 GLY A C   1 
ATOM   961  O O   . GLY A 1 123 ? -9.573  -4.530  -8.075  1.00 43.48 ? 123 GLY A O   1 
ATOM   962  N N   . SER A 1 124 ? -8.703  -6.617  -8.042  1.00 44.03 ? 124 SER A N   1 
ATOM   963  C CA  . SER A 1 124 ? -9.951  -7.298  -8.348  1.00 44.77 ? 124 SER A CA  1 
ATOM   964  C C   . SER A 1 124 ? -11.025 -6.919  -7.350  1.00 45.26 ? 124 SER A C   1 
ATOM   965  O O   . SER A 1 124 ? -10.754 -6.747  -6.158  1.00 45.38 ? 124 SER A O   1 
ATOM   966  C CB  . SER A 1 124 ? -9.747  -8.811  -8.337  1.00 44.87 ? 124 SER A CB  1 
ATOM   967  O OG  . SER A 1 124 ? -10.945 -9.471  -8.692  1.00 45.38 ? 124 SER A OG  1 
ATOM   968  N N   . ILE A 1 125 ? -12.247 -6.784  -7.851  1.00 45.92 ? 125 ILE A N   1 
ATOM   969  C CA  . ILE A 1 125 ? -13.373 -6.333  -7.032  1.00 46.40 ? 125 ILE A CA  1 
ATOM   970  C C   . ILE A 1 125 ? -14.211 -7.500  -6.521  1.00 46.50 ? 125 ILE A C   1 
ATOM   971  O O   . ILE A 1 125 ? -15.248 -7.319  -5.872  1.00 46.28 ? 125 ILE A O   1 
ATOM   972  C CB  . ILE A 1 125 ? -14.185 -5.265  -7.797  1.00 46.64 ? 125 ILE A CB  1 
ATOM   973  C CG1 . ILE A 1 125 ? -13.763 -3.885  -7.313  1.00 46.88 ? 125 ILE A CG1 1 
ATOM   974  C CG2 . ILE A 1 125 ? -15.714 -5.455  -7.659  1.00 47.34 ? 125 ILE A CG2 1 
ATOM   975  C CD1 . ILE A 1 125 ? -13.682 -2.918  -8.404  1.00 47.94 ? 125 ILE A CD1 1 
ATOM   976  N N   . THR A 1 126 ? -13.710 -8.705  -6.770  1.00 46.83 ? 126 THR A N   1 
ATOM   977  C CA  . THR A 1 126 ? -14.495 -9.901  -6.545  1.00 47.23 ? 126 THR A CA  1 
ATOM   978  C C   . THR A 1 126 ? -13.787 -10.971 -5.717  1.00 47.48 ? 126 THR A C   1 
ATOM   979  O O   . THR A 1 126 ? -12.568 -10.950 -5.511  1.00 47.48 ? 126 THR A O   1 
ATOM   980  C CB  . THR A 1 126 ? -15.045 -10.449 -7.893  1.00 47.38 ? 126 THR A CB  1 
ATOM   981  O OG1 . THR A 1 126 ? -15.642 -11.736 -7.710  1.00 47.28 ? 126 THR A OG1 1 
ATOM   982  C CG2 . THR A 1 126 ? -13.948 -10.525 -8.924  1.00 47.62 ? 126 THR A CG2 1 
ATOM   983  N N   . ILE A 1 127 ? -14.600 -11.894 -5.227  1.00 47.76 ? 127 ILE A N   1 
ATOM   984  C CA  . ILE A 1 127 ? -14.187 -12.980 -4.369  1.00 48.05 ? 127 ILE A CA  1 
ATOM   985  C C   . ILE A 1 127 ? -13.327 -13.978 -5.161  1.00 48.03 ? 127 ILE A C   1 
ATOM   986  O O   . ILE A 1 127 ? -12.180 -14.241 -4.778  1.00 47.99 ? 127 ILE A O   1 
ATOM   987  C CB  . ILE A 1 127 ? -15.443 -13.665 -3.749  1.00 48.34 ? 127 ILE A CB  1 
ATOM   988  C CG1 . ILE A 1 127 ? -16.565 -12.639 -3.499  1.00 49.29 ? 127 ILE A CG1 1 
ATOM   989  C CG2 . ILE A 1 127 ? -15.107 -14.396 -2.456  1.00 48.80 ? 127 ILE A CG2 1 
ATOM   990  C CD1 . ILE A 1 127 ? -17.364 -12.201 -4.764  1.00 49.70 ? 127 ILE A CD1 1 
ATOM   991  N N   . PRO A 1 128 ? -13.861 -14.520 -6.284  1.00 48.09 ? 128 PRO A N   1 
ATOM   992  C CA  . PRO A 1 128 ? -13.120 -15.534 -7.030  1.00 48.00 ? 128 PRO A CA  1 
ATOM   993  C C   . PRO A 1 128 ? -12.462 -15.029 -8.319  1.00 47.92 ? 128 PRO A C   1 
ATOM   994  O O   . PRO A 1 128 ? -11.403 -15.526 -8.704  1.00 47.92 ? 128 PRO A O   1 
ATOM   995  C CB  . PRO A 1 128 ? -14.221 -16.539 -7.394  1.00 48.04 ? 128 PRO A CB  1 
ATOM   996  C CG  . PRO A 1 128 ? -15.499 -15.726 -7.455  1.00 47.84 ? 128 PRO A CG  1 
ATOM   997  C CD  . PRO A 1 128 ? -15.236 -14.390 -6.808  1.00 48.07 ? 128 PRO A CD  1 
ATOM   998  N N   . ASN A 1 129 ? -13.106 -14.059 -8.970  1.00 47.77 ? 129 ASN A N   1 
ATOM   999  C CA  . ASN A 1 129 ? -12.763 -13.620 -10.324 1.00 47.17 ? 129 ASN A CA  1 
ATOM   1000 C C   . ASN A 1 129 ? -11.625 -12.597 -10.402 1.00 46.91 ? 129 ASN A C   1 
ATOM   1001 O O   . ASN A 1 129 ? -11.071 -12.161 -9.382  1.00 46.74 ? 129 ASN A O   1 
ATOM   1002 C CB  . ASN A 1 129 ? -14.007 -13.009 -10.996 1.00 46.95 ? 129 ASN A CB  1 
ATOM   1003 C CG  . ASN A 1 129 ? -14.849 -14.026 -11.739 1.00 46.94 ? 129 ASN A CG  1 
ATOM   1004 O OD1 . ASN A 1 129 ? -16.074 -14.084 -11.558 1.00 46.92 ? 129 ASN A OD1 1 
ATOM   1005 N ND2 . ASN A 1 129 ? -14.208 -14.819 -12.598 1.00 45.49 ? 129 ASN A ND2 1 
ATOM   1006 N N   . GLU A 1 130 ? -11.290 -12.248 -11.642 1.00 46.44 ? 130 GLU A N   1 
ATOM   1007 C CA  . GLU A 1 130 ? -10.526 -11.062 -11.978 1.00 45.92 ? 130 GLU A CA  1 
ATOM   1008 C C   . GLU A 1 130 ? -11.466 -10.077 -12.676 1.00 45.43 ? 130 GLU A C   1 
ATOM   1009 O O   . GLU A 1 130 ? -11.620 -10.125 -13.901 1.00 45.44 ? 130 GLU A O   1 
ATOM   1010 C CB  . GLU A 1 130 ? -9.381  -11.419 -12.920 1.00 46.08 ? 130 GLU A CB  1 
ATOM   1011 C CG  . GLU A 1 130 ? -8.129  -11.936 -12.245 1.00 46.75 ? 130 GLU A CG  1 
ATOM   1012 C CD  . GLU A 1 130 ? -7.037  -12.262 -13.243 1.00 48.14 ? 130 GLU A CD  1 
ATOM   1013 O OE1 . GLU A 1 130 ? -6.159  -13.082 -12.901 1.00 48.63 ? 130 GLU A OE1 1 
ATOM   1014 O OE2 . GLU A 1 130 ? -7.056  -11.705 -14.371 1.00 48.76 ? 130 GLU A OE2 1 
ATOM   1015 N N   . THR A 1 131 ? -12.118 -9.219  -11.888 1.00 44.69 ? 131 THR A N   1 
ATOM   1016 C CA  . THR A 1 131 ? -12.937 -8.123  -12.415 1.00 43.68 ? 131 THR A CA  1 
ATOM   1017 C C   . THR A 1 131 ? -12.297 -6.800  -12.007 1.00 43.00 ? 131 THR A C   1 
ATOM   1018 O O   . THR A 1 131 ? -12.293 -6.434  -10.833 1.00 42.57 ? 131 THR A O   1 
ATOM   1019 C CB  . THR A 1 131 ? -14.399 -8.188  -11.916 1.00 43.91 ? 131 THR A CB  1 
ATOM   1020 O OG1 . THR A 1 131 ? -14.857 -9.545  -11.932 1.00 44.57 ? 131 THR A OG1 1 
ATOM   1021 C CG2 . THR A 1 131 ? -15.330 -7.330  -12.790 1.00 43.40 ? 131 THR A CG2 1 
ATOM   1022 N N   . TYR A 1 132 ? -11.749 -6.100  -12.997 1.00 42.47 ? 132 TYR A N   1 
ATOM   1023 C CA  . TYR A 1 132 ? -10.997 -4.873  -12.776 1.00 41.93 ? 132 TYR A CA  1 
ATOM   1024 C C   . TYR A 1 132 ? -11.850 -3.645  -13.026 1.00 41.63 ? 132 TYR A C   1 
ATOM   1025 O O   . TYR A 1 132 ? -12.555 -3.567  -14.050 1.00 41.43 ? 132 TYR A O   1 
ATOM   1026 C CB  . TYR A 1 132 ? -9.726  -4.856  -13.636 1.00 42.08 ? 132 TYR A CB  1 
ATOM   1027 C CG  . TYR A 1 132 ? -8.776  -5.957  -13.237 1.00 42.22 ? 132 TYR A CG  1 
ATOM   1028 C CD1 . TYR A 1 132 ? -8.823  -7.197  -13.866 1.00 42.15 ? 132 TYR A CD1 1 
ATOM   1029 C CD2 . TYR A 1 132 ? -7.858  -5.773  -12.197 1.00 42.67 ? 132 TYR A CD2 1 
ATOM   1030 C CE1 . TYR A 1 132 ? -7.976  -8.218  -13.486 1.00 42.46 ? 132 TYR A CE1 1 
ATOM   1031 C CE2 . TYR A 1 132 ? -7.002  -6.795  -11.811 1.00 42.27 ? 132 TYR A CE2 1 
ATOM   1032 C CZ  . TYR A 1 132 ? -7.071  -8.013  -12.460 1.00 41.92 ? 132 TYR A CZ  1 
ATOM   1033 O OH  . TYR A 1 132 ? -6.242  -9.040  -12.095 1.00 42.17 ? 132 TYR A OH  1 
ATOM   1034 N N   . PRO A 1 133 ? -11.797 -2.686  -12.078 1.00 41.21 ? 133 PRO A N   1 
ATOM   1035 C CA  . PRO A 1 133 ? -12.593 -1.462  -12.048 1.00 40.80 ? 133 PRO A CA  1 
ATOM   1036 C C   . PRO A 1 133 ? -12.056 -0.362  -12.963 1.00 40.35 ? 133 PRO A C   1 
ATOM   1037 O O   . PRO A 1 133 ? -10.992 -0.528  -13.566 1.00 40.05 ? 133 PRO A O   1 
ATOM   1038 C CB  . PRO A 1 133 ? -12.490 -1.031  -10.590 1.00 40.67 ? 133 PRO A CB  1 
ATOM   1039 C CG  . PRO A 1 133 ? -11.151 -1.479  -10.176 1.00 41.13 ? 133 PRO A CG  1 
ATOM   1040 C CD  . PRO A 1 133 ? -10.909 -2.778  -10.904 1.00 41.48 ? 133 PRO A CD  1 
ATOM   1041 N N   . ASP A 1 134 ? -12.808 0.739   -13.057 1.00 39.94 ? 134 ASP A N   1 
ATOM   1042 C CA  . ASP A 1 134 ? -12.454 1.900   -13.881 1.00 39.56 ? 134 ASP A CA  1 
ATOM   1043 C C   . ASP A 1 134 ? -11.964 3.061   -13.017 1.00 39.43 ? 134 ASP A C   1 
ATOM   1044 O O   . ASP A 1 134 ? -11.075 3.812   -13.422 1.00 39.64 ? 134 ASP A O   1 
ATOM   1045 C CB  . ASP A 1 134 ? -13.649 2.334   -14.729 1.00 39.73 ? 134 ASP A CB  1 
ATOM   1046 C CG  . ASP A 1 134 ? -13.824 1.481   -15.979 1.00 40.09 ? 134 ASP A CG  1 
ATOM   1047 O OD1 . ASP A 1 134 ? -14.681 0.575   -15.970 1.00 40.54 ? 134 ASP A OD1 1 
ATOM   1048 O OD2 . ASP A 1 134 ? -13.102 1.716   -16.974 1.00 41.65 ? 134 ASP A OD2 1 
ATOM   1049 N N   . VAL A 1 135 ? -12.569 3.213   -11.841 1.00 38.85 ? 135 VAL A N   1 
ATOM   1050 C CA  . VAL A 1 135 ? -12.016 4.025   -10.761 1.00 38.31 ? 135 VAL A CA  1 
ATOM   1051 C C   . VAL A 1 135 ? -11.627 3.082   -9.594  1.00 38.10 ? 135 VAL A C   1 
ATOM   1052 O O   . VAL A 1 135 ? -12.165 1.974   -9.501  1.00 37.97 ? 135 VAL A O   1 
ATOM   1053 C CB  . VAL A 1 135 ? -13.017 5.112   -10.282 1.00 38.35 ? 135 VAL A CB  1 
ATOM   1054 C CG1 . VAL A 1 135 ? -13.409 6.037   -11.417 1.00 38.67 ? 135 VAL A CG1 1 
ATOM   1055 C CG2 . VAL A 1 135 ? -14.250 4.489   -9.716  1.00 38.45 ? 135 VAL A CG2 1 
ATOM   1056 N N   . PRO A 1 136 ? -10.690 3.502   -8.709  1.00 37.67 ? 136 PRO A N   1 
ATOM   1057 C CA  . PRO A 1 136 ? -10.373 2.675   -7.536  1.00 37.65 ? 136 PRO A CA  1 
ATOM   1058 C C   . PRO A 1 136 ? -11.576 2.471   -6.614  1.00 37.72 ? 136 PRO A C   1 
ATOM   1059 O O   . PRO A 1 136 ? -12.543 3.230   -6.695  1.00 37.73 ? 136 PRO A O   1 
ATOM   1060 C CB  . PRO A 1 136 ? -9.295  3.487   -6.811  1.00 37.51 ? 136 PRO A CB  1 
ATOM   1061 C CG  . PRO A 1 136 ? -9.441  4.855   -7.328  1.00 37.58 ? 136 PRO A CG  1 
ATOM   1062 C CD  . PRO A 1 136 ? -9.859  4.715   -8.744  1.00 37.29 ? 136 PRO A CD  1 
ATOM   1063 N N   . TYR A 1 137 ? -11.514 1.453   -5.756  1.00 37.59 ? 137 TYR A N   1 
ATOM   1064 C CA  . TYR A 1 137 ? -12.601 1.155   -4.815  1.00 37.48 ? 137 TYR A CA  1 
ATOM   1065 C C   . TYR A 1 137 ? -12.130 1.300   -3.364  1.00 37.58 ? 137 TYR A C   1 
ATOM   1066 O O   . TYR A 1 137 ? -10.929 1.164   -3.075  1.00 37.46 ? 137 TYR A O   1 
ATOM   1067 C CB  . TYR A 1 137 ? -13.163 -0.248  -5.063  1.00 37.52 ? 137 TYR A CB  1 
ATOM   1068 C CG  . TYR A 1 137 ? -14.251 -0.326  -6.123  1.00 38.46 ? 137 TYR A CG  1 
ATOM   1069 C CD1 . TYR A 1 137 ? -15.466 -0.940  -5.845  1.00 39.12 ? 137 TYR A CD1 1 
ATOM   1070 C CD2 . TYR A 1 137 ? -14.064 0.209   -7.399  1.00 38.78 ? 137 TYR A CD2 1 
ATOM   1071 C CE1 . TYR A 1 137 ? -16.470 -1.020  -6.794  1.00 40.34 ? 137 TYR A CE1 1 
ATOM   1072 C CE2 . TYR A 1 137 ? -15.061 0.133   -8.360  1.00 40.02 ? 137 TYR A CE2 1 
ATOM   1073 C CZ  . TYR A 1 137 ? -16.271 -0.483  -8.055  1.00 41.18 ? 137 TYR A CZ  1 
ATOM   1074 O OH  . TYR A 1 137 ? -17.287 -0.572  -9.006  1.00 41.07 ? 137 TYR A OH  1 
ATOM   1075 N N   . CYS A 1 138 ? -13.085 1.576   -2.468  1.00 37.43 ? 138 CYS A N   1 
ATOM   1076 C CA  . CYS A 1 138 ? -12.844 1.893   -1.059  1.00 37.61 ? 138 CYS A CA  1 
ATOM   1077 C C   . CYS A 1 138 ? -13.647 0.965   -0.143  1.00 37.24 ? 138 CYS A C   1 
ATOM   1078 O O   . CYS A 1 138 ? -14.758 0.553   -0.493  1.00 37.22 ? 138 CYS A O   1 
ATOM   1079 C CB  . CYS A 1 138 ? -13.338 3.311   -0.753  1.00 38.18 ? 138 CYS A CB  1 
ATOM   1080 S SG  . CYS A 1 138 ? -12.394 4.737   -1.331  1.00 41.11 ? 138 CYS A SG  1 
ATOM   1081 N N   . ALA A 1 139 ? -13.109 0.703   1.051   1.00 36.39 ? 139 ALA A N   1 
ATOM   1082 C CA  . ALA A 1 139 ? -13.765 -0.102  2.076   1.00 35.69 ? 139 ALA A CA  1 
ATOM   1083 C C   . ALA A 1 139 ? -13.155 0.120   3.465   1.00 35.55 ? 139 ALA A C   1 
ATOM   1084 O O   . ALA A 1 139 ? -11.936 0.289   3.609   1.00 35.10 ? 139 ALA A O   1 
ATOM   1085 C CB  . ALA A 1 139 ? -13.705 -1.575  1.717   1.00 35.46 ? 139 ALA A CB  1 
ATOM   1086 N N   . ASN A 1 140 ? -14.024 0.111   4.476   1.00 35.38 ? 140 ASN A N   1 
ATOM   1087 C CA  . ASN A 1 140 ? -13.640 0.229   5.874   1.00 35.26 ? 140 ASN A CA  1 
ATOM   1088 C C   . ASN A 1 140 ? -13.374 -1.146  6.448   1.00 35.09 ? 140 ASN A C   1 
ATOM   1089 O O   . ASN A 1 140 ? -14.231 -2.018  6.356   1.00 35.43 ? 140 ASN A O   1 
ATOM   1090 C CB  . ASN A 1 140 ? -14.777 0.844   6.695   1.00 35.37 ? 140 ASN A CB  1 
ATOM   1091 C CG  . ASN A 1 140 ? -15.161 2.224   6.241   1.00 36.34 ? 140 ASN A CG  1 
ATOM   1092 O OD1 . ASN A 1 140 ? -14.429 3.180   6.473   1.00 38.12 ? 140 ASN A OD1 1 
ATOM   1093 N ND2 . ASN A 1 140 ? -16.344 2.352   5.631   1.00 36.97 ? 140 ASN A ND2 1 
ATOM   1094 N N   . ILE A 1 141 ? -12.211 -1.337  7.061   1.00 34.81 ? 141 ILE A N   1 
ATOM   1095 C CA  . ILE A 1 141 ? -11.936 -2.562  7.816   1.00 34.87 ? 141 ILE A CA  1 
ATOM   1096 C C   . ILE A 1 141 ? -11.527 -2.220  9.256   1.00 35.37 ? 141 ILE A C   1 
ATOM   1097 O O   . ILE A 1 141 ? -11.423 -1.040  9.607   1.00 35.49 ? 141 ILE A O   1 
ATOM   1098 C CB  . ILE A 1 141 ? -10.876 -3.495  7.119   1.00 34.53 ? 141 ILE A CB  1 
ATOM   1099 C CG1 . ILE A 1 141 ? -9.538  -2.770  6.900   1.00 34.39 ? 141 ILE A CG1 1 
ATOM   1100 C CG2 . ILE A 1 141 ? -11.438 -4.084  5.826   1.00 34.22 ? 141 ILE A CG2 1 
ATOM   1101 C CD1 . ILE A 1 141 ? -8.555  -3.508  5.976   1.00 34.48 ? 141 ILE A CD1 1 
ATOM   1102 N N   . ASN A 1 142 ? -11.336 -3.247  10.084  1.00 35.63 ? 142 ASN A N   1 
ATOM   1103 C CA  . ASN A 1 142 ? -10.803 -3.078  11.429  1.00 36.18 ? 142 ASN A CA  1 
ATOM   1104 C C   . ASN A 1 142 ? -9.374  -3.599  11.522  1.00 36.46 ? 142 ASN A C   1 
ATOM   1105 O O   . ASN A 1 142 ? -8.980  -4.501  10.762  1.00 36.55 ? 142 ASN A O   1 
ATOM   1106 C CB  . ASN A 1 142 ? -11.643 -3.847  12.449  1.00 36.45 ? 142 ASN A CB  1 
ATOM   1107 C CG  . ASN A 1 142 ? -13.102 -3.459  12.422  1.00 36.86 ? 142 ASN A CG  1 
ATOM   1108 O OD1 . ASN A 1 142 ? -13.926 -4.160  11.835  1.00 37.29 ? 142 ASN A OD1 1 
ATOM   1109 N ND2 . ASN A 1 142 ? -13.435 -2.346  13.073  1.00 37.10 ? 142 ASN A ND2 1 
ATOM   1110 N N   . LEU A 1 143 ? -8.610  -3.036  12.457  1.00 36.48 ? 143 LEU A N   1 
ATOM   1111 C CA  . LEU A 1 143 ? -7.306  -3.572  12.814  1.00 36.65 ? 143 LEU A CA  1 
ATOM   1112 C C   . LEU A 1 143 ? -7.528  -4.610  13.910  1.00 37.09 ? 143 LEU A C   1 
ATOM   1113 O O   . LEU A 1 143 ? -8.219  -4.333  14.908  1.00 37.05 ? 143 LEU A O   1 
ATOM   1114 C CB  . LEU A 1 143 ? -6.384  -2.462  13.300  1.00 36.59 ? 143 LEU A CB  1 
ATOM   1115 C CG  . LEU A 1 143 ? -6.308  -1.225  12.402  1.00 36.80 ? 143 LEU A CG  1 
ATOM   1116 C CD1 . LEU A 1 143 ? -5.806  -0.071  13.228  1.00 37.98 ? 143 LEU A CD1 1 
ATOM   1117 C CD2 . LEU A 1 143 ? -5.438  -1.422  11.155  1.00 35.78 ? 143 LEU A CD2 1 
ATOM   1118 N N   . VAL A 1 144 ? -6.950  -5.798  13.712  1.00 37.00 ? 144 VAL A N   1 
ATOM   1119 C CA  . VAL A 1 144 ? -7.271  -6.978  14.517  1.00 37.02 ? 144 VAL A CA  1 
ATOM   1120 C C   . VAL A 1 144 ? -6.056  -7.573  15.268  1.00 37.23 ? 144 VAL A C   1 
ATOM   1121 O O   . VAL A 1 144 ? -4.923  -7.147  15.050  1.00 36.68 ? 144 VAL A O   1 
ATOM   1122 C CB  . VAL A 1 144 ? -8.022  -8.070  13.665  1.00 36.98 ? 144 VAL A CB  1 
ATOM   1123 C CG1 . VAL A 1 144 ? -9.456  -7.656  13.380  1.00 36.72 ? 144 VAL A CG1 1 
ATOM   1124 C CG2 . VAL A 1 144 ? -7.304  -8.358  12.365  1.00 37.00 ? 144 VAL A CG2 1 
ATOM   1125 N N   . ASP A 1 145 ? -6.323  -8.534  16.164  1.00 37.79 ? 145 ASP A N   1 
ATOM   1126 C CA  . ASP A 1 145 ? -5.309  -9.256  16.960  1.00 38.18 ? 145 ASP A CA  1 
ATOM   1127 C C   . ASP A 1 145 ? -4.106  -9.668  16.146  1.00 38.68 ? 145 ASP A C   1 
ATOM   1128 O O   . ASP A 1 145 ? -4.239  -9.926  14.952  1.00 38.88 ? 145 ASP A O   1 
ATOM   1129 C CB  . ASP A 1 145 ? -5.910  -10.552 17.523  1.00 37.78 ? 145 ASP A CB  1 
ATOM   1130 C CG  . ASP A 1 145 ? -6.587  -10.366 18.862  1.00 37.45 ? 145 ASP A CG  1 
ATOM   1131 O OD1 . ASP A 1 145 ? -7.825  -10.494 18.949  1.00 37.59 ? 145 ASP A OD1 1 
ATOM   1132 O OD2 . ASP A 1 145 ? -5.867  -10.102 19.846  1.00 33.78 ? 145 ASP A OD2 1 
ATOM   1133 N N   . TYR A 1 146 ? -2.942  -9.772  16.786  1.00 39.52 ? 146 TYR A N   1 
ATOM   1134 C CA  . TYR A 1 146 ? -1.823  -10.469 16.138  1.00 40.45 ? 146 TYR A CA  1 
ATOM   1135 C C   . TYR A 1 146 ? -1.898  -11.987 16.257  1.00 41.27 ? 146 TYR A C   1 
ATOM   1136 O O   . TYR A 1 146 ? -1.108  -12.701 15.631  1.00 41.20 ? 146 TYR A O   1 
ATOM   1137 C CB  . TYR A 1 146 ? -0.435  -9.978  16.554  1.00 40.59 ? 146 TYR A CB  1 
ATOM   1138 C CG  . TYR A 1 146 ? -0.300  -9.053  17.745  1.00 40.85 ? 146 TYR A CG  1 
ATOM   1139 C CD1 . TYR A 1 146 ? 0.227   -9.513  18.952  1.00 40.30 ? 146 TYR A CD1 1 
ATOM   1140 C CD2 . TYR A 1 146 ? -0.620  -7.697  17.636  1.00 39.57 ? 146 TYR A CD2 1 
ATOM   1141 C CE1 . TYR A 1 146 ? 0.390   -8.652  20.015  1.00 39.54 ? 146 TYR A CE1 1 
ATOM   1142 C CE2 . TYR A 1 146 ? -0.461  -6.847  18.687  1.00 37.91 ? 146 TYR A CE2 1 
ATOM   1143 C CZ  . TYR A 1 146 ? 0.044   -7.324  19.864  1.00 39.04 ? 146 TYR A CZ  1 
ATOM   1144 O OH  . TYR A 1 146 ? 0.199   -6.456  20.904  1.00 41.39 ? 146 TYR A OH  1 
ATOM   1145 N N   . GLU A 1 147 ? -2.846  -12.464 17.064  1.00 42.10 ? 147 GLU A N   1 
ATOM   1146 C CA  . GLU A 1 147 ? -3.189  -13.880 17.128  1.00 43.18 ? 147 GLU A CA  1 
ATOM   1147 C C   . GLU A 1 147 ? -4.154  -14.346 16.040  1.00 43.29 ? 147 GLU A C   1 
ATOM   1148 O O   . GLU A 1 147 ? -4.131  -15.520 15.666  1.00 43.57 ? 147 GLU A O   1 
ATOM   1149 C CB  . GLU A 1 147 ? -3.776  -14.224 18.485  1.00 43.31 ? 147 GLU A CB  1 
ATOM   1150 C CG  . GLU A 1 147 ? -2.740  -14.695 19.464  1.00 46.26 ? 147 GLU A CG  1 
ATOM   1151 C CD  . GLU A 1 147 ? -3.342  -15.161 20.768  1.00 50.39 ? 147 GLU A CD  1 
ATOM   1152 O OE1 . GLU A 1 147 ? -4.583  -15.260 20.827  1.00 51.85 ? 147 GLU A OE1 1 
ATOM   1153 O OE2 . GLU A 1 147 ? -2.588  -15.425 21.736  1.00 52.79 ? 147 GLU A OE2 1 
ATOM   1154 N N   . VAL A 1 148 ? -5.007  -13.439 15.557  1.00 43.27 ? 148 VAL A N   1 
ATOM   1155 C CA  . VAL A 1 148 ? -5.968  -13.747 14.491  1.00 43.34 ? 148 VAL A CA  1 
ATOM   1156 C C   . VAL A 1 148 ? -5.279  -13.655 13.108  1.00 43.62 ? 148 VAL A C   1 
ATOM   1157 O O   . VAL A 1 148 ? -5.835  -14.069 12.084  1.00 43.58 ? 148 VAL A O   1 
ATOM   1158 C CB  . VAL A 1 148 ? -7.272  -12.883 14.633  1.00 43.38 ? 148 VAL A CB  1 
ATOM   1159 C CG1 . VAL A 1 148 ? -8.283  -13.158 13.530  1.00 42.95 ? 148 VAL A CG1 1 
ATOM   1160 C CG2 . VAL A 1 148 ? -7.939  -13.154 15.993  1.00 43.58 ? 148 VAL A CG2 1 
ATOM   1161 N N   . CYS A 1 149 ? -4.053  -13.129 13.103  1.00 43.73 ? 149 CYS A N   1 
ATOM   1162 C CA  . CYS A 1 149 ? -3.154  -13.227 11.956  1.00 44.04 ? 149 CYS A CA  1 
ATOM   1163 C C   . CYS A 1 149 ? -2.414  -14.556 11.991  1.00 44.15 ? 149 CYS A C   1 
ATOM   1164 O O   . CYS A 1 149 ? -2.234  -15.216 10.963  1.00 44.20 ? 149 CYS A O   1 
ATOM   1165 C CB  . CYS A 1 149 ? -2.135  -12.083 11.970  1.00 44.00 ? 149 CYS A CB  1 
ATOM   1166 S SG  . CYS A 1 149 ? -2.276  -10.969 10.570  1.00 44.98 ? 149 CYS A SG  1 
ATOM   1167 N N   . GLN A 1 150 ? -1.983  -14.933 13.189  1.00 44.35 ? 150 GLN A N   1 
ATOM   1168 C CA  . GLN A 1 150 ? -1.240  -16.159 13.405  1.00 44.59 ? 150 GLN A CA  1 
ATOM   1169 C C   . GLN A 1 150 ? -2.125  -17.401 13.484  1.00 44.82 ? 150 GLN A C   1 
ATOM   1170 O O   . GLN A 1 150 ? -1.629  -18.518 13.356  1.00 45.18 ? 150 GLN A O   1 
ATOM   1171 C CB  . GLN A 1 150 ? -0.380  -16.042 14.662  1.00 44.50 ? 150 GLN A CB  1 
ATOM   1172 C CG  . GLN A 1 150 ? 0.911   -15.266 14.450  1.00 44.00 ? 150 GLN A CG  1 
ATOM   1173 C CD  . GLN A 1 150 ? 1.949   -15.598 15.496  1.00 44.27 ? 150 GLN A CD  1 
ATOM   1174 O OE1 . GLN A 1 150 ? 1.686   -15.524 16.704  1.00 44.39 ? 150 GLN A OE1 1 
ATOM   1175 N NE2 . GLN A 1 150 ? 3.138   -15.977 15.040  1.00 44.43 ? 150 GLN A NE2 1 
ATOM   1176 N N   . GLY A 1 151 ? -3.421  -17.205 13.697  1.00 45.11 ? 151 GLY A N   1 
ATOM   1177 C CA  . GLY A 1 151 ? -4.379  -18.309 13.695  1.00 45.75 ? 151 GLY A CA  1 
ATOM   1178 C C   . GLY A 1 151 ? -4.797  -18.610 12.270  1.00 46.37 ? 151 GLY A C   1 
ATOM   1179 O O   . GLY A 1 151 ? -5.004  -19.768 11.900  1.00 46.25 ? 151 GLY A O   1 
ATOM   1180 N N   . ALA A 1 152 ? -4.900  -17.552 11.468  1.00 47.07 ? 152 ALA A N   1 
ATOM   1181 C CA  . ALA A 1 152 ? -5.308  -17.642 10.068  1.00 47.79 ? 152 ALA A CA  1 
ATOM   1182 C C   . ALA A 1 152 ? -4.195  -18.141 9.146   1.00 48.31 ? 152 ALA A C   1 
ATOM   1183 O O   . ALA A 1 152 ? -4.452  -18.933 8.233   1.00 48.14 ? 152 ALA A O   1 
ATOM   1184 C CB  . ALA A 1 152 ? -5.810  -16.292 9.592   1.00 47.80 ? 152 ALA A CB  1 
ATOM   1185 N N   . TYR A 1 153 ? -2.967  -17.674 9.392   1.00 49.06 ? 153 TYR A N   1 
ATOM   1186 C CA  . TYR A 1 153 ? -1.828  -17.955 8.509   1.00 49.83 ? 153 TYR A CA  1 
ATOM   1187 C C   . TYR A 1 153 ? -0.697  -18.697 9.214   1.00 50.26 ? 153 TYR A C   1 
ATOM   1188 O O   . TYR A 1 153 ? 0.174   -18.073 9.834   1.00 50.44 ? 153 TYR A O   1 
ATOM   1189 C CB  . TYR A 1 153 ? -1.303  -16.663 7.873   1.00 49.92 ? 153 TYR A CB  1 
ATOM   1190 C CG  . TYR A 1 153 ? -2.269  -16.041 6.890   1.00 50.79 ? 153 TYR A CG  1 
ATOM   1191 C CD1 . TYR A 1 153 ? -2.429  -16.568 5.608   1.00 51.44 ? 153 TYR A CD1 1 
ATOM   1192 C CD2 . TYR A 1 153 ? -3.031  -14.932 7.244   1.00 51.49 ? 153 TYR A CD2 1 
ATOM   1193 C CE1 . TYR A 1 153 ? -3.326  -16.004 4.703   1.00 51.87 ? 153 TYR A CE1 1 
ATOM   1194 C CE2 . TYR A 1 153 ? -3.930  -14.362 6.350   1.00 51.80 ? 153 TYR A CE2 1 
ATOM   1195 C CZ  . TYR A 1 153 ? -4.069  -14.900 5.082   1.00 52.15 ? 153 TYR A CZ  1 
ATOM   1196 O OH  . TYR A 1 153 ? -4.957  -14.335 4.200   1.00 51.76 ? 153 TYR A OH  1 
ATOM   1197 N N   . ASN A 1 154 ? -0.712  -20.025 9.088   1.00 50.52 ? 154 ASN A N   1 
ATOM   1198 C CA  . ASN A 1 154 ? 0.241   -20.907 9.766   1.00 50.87 ? 154 ASN A CA  1 
ATOM   1199 C C   . ASN A 1 154 ? 1.718   -20.606 9.503   1.00 51.08 ? 154 ASN A C   1 
ATOM   1200 O O   . ASN A 1 154 ? 2.592   -21.198 10.141  1.00 51.40 ? 154 ASN A O   1 
ATOM   1201 C CB  . ASN A 1 154 ? -0.062  -22.374 9.444   1.00 51.04 ? 154 ASN A CB  1 
ATOM   1202 C CG  . ASN A 1 154 ? -1.386  -22.840 10.023  1.00 51.43 ? 154 ASN A CG  1 
ATOM   1203 O OD1 . ASN A 1 154 ? -1.949  -22.207 10.922  1.00 51.21 ? 154 ASN A OD1 1 
ATOM   1204 N ND2 . ASN A 1 154 ? -1.887  -23.962 9.514   1.00 51.35 ? 154 ASN A ND2 1 
ATOM   1205 N N   . GLY A 1 155 ? 1.995   -19.703 8.565   1.00 51.15 ? 155 GLY A N   1 
ATOM   1206 C CA  . GLY A 1 155 ? 3.343   -19.149 8.395   1.00 51.10 ? 155 GLY A CA  1 
ATOM   1207 C C   . GLY A 1 155 ? 3.432   -17.878 9.222   1.00 50.92 ? 155 GLY A C   1 
ATOM   1208 O O   . GLY A 1 155 ? 2.564   -17.013 9.115   1.00 50.78 ? 155 GLY A O   1 
ATOM   1209 N N   . LEU A 1 156 ? 4.467   -17.759 10.051  1.00 50.83 ? 156 LEU A N   1 
ATOM   1210 C CA  . LEU A 1 156 ? 4.551   -16.638 10.993  1.00 50.64 ? 156 LEU A CA  1 
ATOM   1211 C C   . LEU A 1 156 ? 4.680   -15.282 10.284  1.00 50.56 ? 156 LEU A C   1 
ATOM   1212 O O   . LEU A 1 156 ? 5.688   -15.023 9.616   1.00 50.71 ? 156 LEU A O   1 
ATOM   1213 C CB  . LEU A 1 156 ? 5.650   -16.856 12.049  1.00 50.60 ? 156 LEU A CB  1 
ATOM   1214 C CG  . LEU A 1 156 ? 7.145   -16.929 11.716  1.00 50.68 ? 156 LEU A CG  1 
ATOM   1215 C CD1 . LEU A 1 156 ? 7.786   -15.544 11.803  1.00 50.04 ? 156 LEU A CD1 1 
ATOM   1216 C CD2 . LEU A 1 156 ? 7.870   -17.914 12.653  1.00 50.25 ? 156 LEU A CD2 1 
ATOM   1217 N N   . PRO A 1 157 ? 3.633   -14.432 10.391  1.00 50.43 ? 157 PRO A N   1 
ATOM   1218 C CA  . PRO A 1 157 ? 3.732   -13.058 9.891   1.00 50.16 ? 157 PRO A CA  1 
ATOM   1219 C C   . PRO A 1 157 ? 4.790   -12.268 10.660  1.00 49.98 ? 157 PRO A C   1 
ATOM   1220 O O   . PRO A 1 157 ? 4.998   -12.498 11.863  1.00 49.97 ? 157 PRO A O   1 
ATOM   1221 C CB  . PRO A 1 157 ? 2.335   -12.487 10.159  1.00 50.19 ? 157 PRO A CB  1 
ATOM   1222 C CG  . PRO A 1 157 ? 1.441   -13.687 10.197  1.00 50.20 ? 157 PRO A CG  1 
ATOM   1223 C CD  . PRO A 1 157 ? 2.266   -14.738 10.861  1.00 50.40 ? 157 PRO A CD  1 
ATOM   1224 N N   . ALA A 1 158 ? 5.460   -11.351 9.966   1.00 49.66 ? 158 ALA A N   1 
ATOM   1225 C CA  . ALA A 1 158 ? 6.537   -10.577 10.570  1.00 49.02 ? 158 ALA A CA  1 
ATOM   1226 C C   . ALA A 1 158 ? 6.030   -9.804  11.778  1.00 48.55 ? 158 ALA A C   1 
ATOM   1227 O O   . ALA A 1 158 ? 4.907   -9.304  11.793  1.00 48.35 ? 158 ALA A O   1 
ATOM   1228 C CB  . ALA A 1 158 ? 7.177   -9.638  9.547   1.00 49.04 ? 158 ALA A CB  1 
ATOM   1229 N N   . LYS A 1 159 ? 6.867   -9.743  12.803  1.00 48.20 ? 159 LYS A N   1 
ATOM   1230 C CA  . LYS A 1 159 ? 6.607   -8.943  13.986  1.00 47.53 ? 159 LYS A CA  1 
ATOM   1231 C C   . LYS A 1 159 ? 6.360   -7.504  13.540  1.00 46.81 ? 159 LYS A C   1 
ATOM   1232 O O   . LYS A 1 159 ? 5.742   -6.712  14.267  1.00 46.73 ? 159 LYS A O   1 
ATOM   1233 C CB  . LYS A 1 159 ? 7.825   -8.996  14.911  1.00 47.99 ? 159 LYS A CB  1 
ATOM   1234 C CG  . LYS A 1 159 ? 8.462   -10.389 15.065  1.00 48.86 ? 159 LYS A CG  1 
ATOM   1235 C CD  . LYS A 1 159 ? 7.974   -11.114 16.320  1.00 49.64 ? 159 LYS A CD  1 
ATOM   1236 C CE  . LYS A 1 159 ? 8.828   -12.353 16.612  1.00 50.34 ? 159 LYS A CE  1 
ATOM   1237 N NZ  . LYS A 1 159 ? 8.446   -13.510 15.752  1.00 51.08 ? 159 LYS A NZ  1 
ATOM   1238 N N   . THR A 1 160 ? 6.840   -7.181  12.336  1.00 45.41 ? 160 THR A N   1 
ATOM   1239 C CA  . THR A 1 160 ? 6.661   -5.857  11.746  1.00 44.30 ? 160 THR A CA  1 
ATOM   1240 C C   . THR A 1 160 ? 5.502   -5.816  10.743  1.00 43.49 ? 160 THR A C   1 
ATOM   1241 O O   . THR A 1 160 ? 5.618   -5.232  9.652   1.00 43.00 ? 160 THR A O   1 
ATOM   1242 C CB  . THR A 1 160 ? 7.956   -5.351  11.067  1.00 44.40 ? 160 THR A CB  1 
ATOM   1243 O OG1 . THR A 1 160 ? 8.422   -6.319  10.116  1.00 44.52 ? 160 THR A OG1 1 
ATOM   1244 C CG2 . THR A 1 160 ? 9.040   -5.076  12.098  1.00 44.52 ? 160 THR A CG2 1 
ATOM   1245 N N   . THR A 1 161 ? 4.379   -6.427  11.122  1.00 42.44 ? 161 THR A N   1 
ATOM   1246 C CA  . THR A 1 161 ? 3.192   -6.428  10.272  1.00 41.47 ? 161 THR A CA  1 
ATOM   1247 C C   . THR A 1 161 ? 1.971   -5.865  10.965  1.00 41.07 ? 161 THR A C   1 
ATOM   1248 O O   . THR A 1 161 ? 1.847   -5.940  12.191  1.00 41.28 ? 161 THR A O   1 
ATOM   1249 C CB  . THR A 1 161 ? 2.834   -7.834  9.766   1.00 41.42 ? 161 THR A CB  1 
ATOM   1250 O OG1 . THR A 1 161 ? 2.929   -8.774  10.848  1.00 41.11 ? 161 THR A OG1 1 
ATOM   1251 C CG2 . THR A 1 161 ? 3.753   -8.241  8.631   1.00 40.97 ? 161 THR A CG2 1 
ATOM   1252 N N   . LEU A 1 162 ? 1.077   -5.294  10.168  1.00 40.45 ? 162 LEU A N   1 
ATOM   1253 C CA  . LEU A 1 162 ? -0.271  -4.980  10.621  1.00 40.13 ? 162 LEU A CA  1 
ATOM   1254 C C   . LEU A 1 162 ? -1.205  -6.099  10.214  1.00 39.92 ? 162 LEU A C   1 
ATOM   1255 O O   . LEU A 1 162 ? -0.984  -6.766  9.200   1.00 40.01 ? 162 LEU A O   1 
ATOM   1256 C CB  . LEU A 1 162 ? -0.768  -3.682  9.987   1.00 40.07 ? 162 LEU A CB  1 
ATOM   1257 C CG  . LEU A 1 162 ? -0.500  -2.360  10.697  1.00 39.05 ? 162 LEU A CG  1 
ATOM   1258 C CD1 . LEU A 1 162 ? -0.571  -1.239  9.700   1.00 37.48 ? 162 LEU A CD1 1 
ATOM   1259 C CD2 . LEU A 1 162 ? -1.496  -2.150  11.818  1.00 37.70 ? 162 LEU A CD2 1 
ATOM   1260 N N   . CYS A 1 163 ? -2.258  -6.289  10.995  1.00 39.71 ? 163 CYS A N   1 
ATOM   1261 C CA  . CYS A 1 163 ? -3.295  -7.248  10.650  1.00 39.67 ? 163 CYS A CA  1 
ATOM   1262 C C   . CYS A 1 163 ? -4.640  -6.549  10.616  1.00 38.97 ? 163 CYS A C   1 
ATOM   1263 O O   . CYS A 1 163 ? -5.076  -5.971  11.608  1.00 38.74 ? 163 CYS A O   1 
ATOM   1264 C CB  . CYS A 1 163 ? -3.333  -8.391  11.653  1.00 40.08 ? 163 CYS A CB  1 
ATOM   1265 S SG  . CYS A 1 163 ? -3.975  -9.900  10.945  1.00 42.69 ? 163 CYS A SG  1 
ATOM   1266 N N   . ALA A 1 164 ? -5.294  -6.588  9.466   1.00 38.49 ? 164 ALA A N   1 
ATOM   1267 C CA  . ALA A 1 164 ? -6.588  -5.943  9.337   1.00 38.09 ? 164 ALA A CA  1 
ATOM   1268 C C   . ALA A 1 164 ? -7.532  -6.817  8.557   1.00 37.90 ? 164 ALA A C   1 
ATOM   1269 O O   . ALA A 1 164 ? -7.118  -7.737  7.867   1.00 37.84 ? 164 ALA A O   1 
ATOM   1270 C CB  . ALA A 1 164 ? -6.450  -4.584  8.680   1.00 38.08 ? 164 ALA A CB  1 
ATOM   1271 N N   . GLY A 1 165 ? -8.813  -6.520  8.684   1.00 37.79 ? 165 GLY A N   1 
ATOM   1272 C CA  . GLY A 1 165 ? -9.842  -7.258  7.987   1.00 37.37 ? 165 GLY A CA  1 
ATOM   1273 C C   . GLY A 1 165 ? -11.153 -6.932  8.648   1.00 37.24 ? 165 GLY A C   1 
ATOM   1274 O O   . GLY A 1 165 ? -11.279 -5.923  9.353   1.00 37.05 ? 165 GLY A O   1 
ATOM   1275 N N   . VAL A 1 166 ? -12.132 -7.787  8.408   1.00 37.09 ? 166 VAL A N   1 
ATOM   1276 C CA  . VAL A 1 166 ? -13.426 -7.672  9.048   1.00 37.03 ? 166 VAL A CA  1 
ATOM   1277 C C   . VAL A 1 166 ? -13.679 -9.042  9.654   1.00 36.79 ? 166 VAL A C   1 
ATOM   1278 O O   . VAL A 1 166 ? -13.902 -10.008 8.931   1.00 36.90 ? 166 VAL A O   1 
ATOM   1279 C CB  . VAL A 1 166 ? -14.504 -7.225  8.027   1.00 37.12 ? 166 VAL A CB  1 
ATOM   1280 C CG1 . VAL A 1 166 ? -15.919 -7.509  8.535   1.00 37.45 ? 166 VAL A CG1 1 
ATOM   1281 C CG2 . VAL A 1 166 ? -14.329 -5.734  7.717   1.00 37.57 ? 166 VAL A CG2 1 
ATOM   1282 N N   . LEU A 1 167 ? -13.573 -9.133  10.976  1.00 36.57 ? 167 LEU A N   1 
ATOM   1283 C CA  . LEU A 1 167 ? -13.644 -10.424 11.663  1.00 36.49 ? 167 LEU A CA  1 
ATOM   1284 C C   . LEU A 1 167 ? -14.438 -11.466 10.881  1.00 36.43 ? 167 LEU A C   1 
ATOM   1285 O O   . LEU A 1 167 ? -13.863 -12.381 10.301  1.00 36.19 ? 167 LEU A O   1 
ATOM   1286 C CB  . LEU A 1 167 ? -14.218 -10.265 13.077  1.00 36.40 ? 167 LEU A CB  1 
ATOM   1287 C CG  . LEU A 1 167 ? -13.217 -10.317 14.225  1.00 35.64 ? 167 LEU A CG  1 
ATOM   1288 C CD1 . LEU A 1 167 ? -13.868 -9.750  15.469  1.00 34.56 ? 167 LEU A CD1 1 
ATOM   1289 C CD2 . LEU A 1 167 ? -12.732 -11.756 14.461  1.00 34.04 ? 167 LEU A CD2 1 
ATOM   1290 N N   . GLU A 1 168 ? -15.755 -11.282 10.837  1.00 36.55 ? 168 GLU A N   1 
ATOM   1291 C CA  . GLU A 1 168 ? -16.680 -12.208 10.180  1.00 36.84 ? 168 GLU A CA  1 
ATOM   1292 C C   . GLU A 1 168 ? -16.546 -12.281 8.635   1.00 36.66 ? 168 GLU A C   1 
ATOM   1293 O O   . GLU A 1 168 ? -17.311 -12.992 7.971   1.00 36.41 ? 168 GLU A O   1 
ATOM   1294 C CB  . GLU A 1 168 ? -18.121 -11.886 10.603  1.00 36.95 ? 168 GLU A CB  1 
ATOM   1295 C CG  . GLU A 1 168 ? -18.517 -10.401 10.528  1.00 38.49 ? 168 GLU A CG  1 
ATOM   1296 C CD  . GLU A 1 168 ? -17.876 -9.539  11.616  1.00 40.70 ? 168 GLU A CD  1 
ATOM   1297 O OE1 . GLU A 1 168 ? -17.583 -10.073 12.716  1.00 41.01 ? 168 GLU A OE1 1 
ATOM   1298 O OE2 . GLU A 1 168 ? -17.659 -8.325  11.368  1.00 41.30 ? 168 GLU A OE2 1 
ATOM   1299 N N   . GLY A 1 169 ? -15.573 -11.547 8.091   1.00 36.41 ? 169 GLY A N   1 
ATOM   1300 C CA  . GLY A 1 169 ? -15.255 -11.531 6.661   1.00 36.14 ? 169 GLY A CA  1 
ATOM   1301 C C   . GLY A 1 169 ? -16.048 -10.504 5.880   1.00 35.98 ? 169 GLY A C   1 
ATOM   1302 O O   . GLY A 1 169 ? -16.942 -9.870  6.420   1.00 36.10 ? 169 GLY A O   1 
ATOM   1303 N N   . GLY A 1 170 ? -15.723 -10.336 4.603   1.00 35.99 ? 170 GLY A N   1 
ATOM   1304 C CA  . GLY A 1 170 ? -16.566 -9.557  3.705   1.00 36.26 ? 170 GLY A CA  1 
ATOM   1305 C C   . GLY A 1 170 ? -15.975 -8.292  3.122   1.00 36.45 ? 170 GLY A C   1 
ATOM   1306 O O   . GLY A 1 170 ? -16.526 -7.733  2.180   1.00 36.58 ? 170 GLY A O   1 
ATOM   1307 N N   . LYS A 1 171 ? -14.871 -7.826  3.696   1.00 36.76 ? 171 LYS A N   1 
ATOM   1308 C CA  . LYS A 1 171 ? -14.124 -6.679  3.167   1.00 36.82 ? 171 LYS A CA  1 
ATOM   1309 C C   . LYS A 1 171 ? -12.640 -6.953  3.324   1.00 36.90 ? 171 LYS A C   1 
ATOM   1310 O O   . LYS A 1 171 ? -12.152 -7.124  4.442   1.00 36.60 ? 171 LYS A O   1 
ATOM   1311 C CB  . LYS A 1 171 ? -14.503 -5.385  3.883   1.00 36.93 ? 171 LYS A CB  1 
ATOM   1312 C CG  . LYS A 1 171 ? -15.660 -4.649  3.230   1.00 37.03 ? 171 LYS A CG  1 
ATOM   1313 C CD  . LYS A 1 171 ? -16.036 -3.401  4.003   1.00 36.82 ? 171 LYS A CD  1 
ATOM   1314 C CE  . LYS A 1 171 ? -17.155 -3.660  4.991   1.00 37.04 ? 171 LYS A CE  1 
ATOM   1315 N NZ  . LYS A 1 171 ? -17.386 -2.456  5.834   1.00 37.09 ? 171 LYS A NZ  1 
ATOM   1316 N N   . ASP A 1 172 ? -11.944 -6.999  2.185   1.00 36.83 ? 172 ASP A N   1 
ATOM   1317 C CA  . ASP A 1 172 ? -10.537 -7.360  2.109   1.00 36.71 ? 172 ASP A CA  1 
ATOM   1318 C C   . ASP A 1 172 ? -9.930  -6.810  0.813   1.00 36.78 ? 172 ASP A C   1 
ATOM   1319 O O   . ASP A 1 172 ? -10.654 -6.466  -0.131  1.00 36.68 ? 172 ASP A O   1 
ATOM   1320 C CB  . ASP A 1 172 ? -10.403 -8.885  2.141   1.00 36.69 ? 172 ASP A CB  1 
ATOM   1321 C CG  . ASP A 1 172 ? -9.063  -9.352  2.688   1.00 37.38 ? 172 ASP A CG  1 
ATOM   1322 O OD1 . ASP A 1 172 ? -8.187  -8.493  2.975   1.00 37.31 ? 172 ASP A OD1 1 
ATOM   1323 O OD2 . ASP A 1 172 ? -8.897  -10.593 2.834   1.00 36.87 ? 172 ASP A OD2 1 
ATOM   1324 N N   . THR A 1 173 ? -8.604  -6.719  0.771   1.00 36.67 ? 173 THR A N   1 
ATOM   1325 C CA  . THR A 1 173 ? -7.903  -6.390  -0.460  1.00 36.62 ? 173 THR A CA  1 
ATOM   1326 C C   . THR A 1 173 ? -7.929  -7.619  -1.373  1.00 36.90 ? 173 THR A C   1 
ATOM   1327 O O   . THR A 1 173 ? -8.356  -8.699  -0.966  1.00 36.60 ? 173 THR A O   1 
ATOM   1328 C CB  . THR A 1 173 ? -6.457  -5.921  -0.188  1.00 36.52 ? 173 THR A CB  1 
ATOM   1329 O OG1 . THR A 1 173 ? -5.735  -6.940  0.504   1.00 36.15 ? 173 THR A OG1 1 
ATOM   1330 C CG2 . THR A 1 173 ? -6.451  -4.656  0.659   1.00 36.97 ? 173 THR A CG2 1 
ATOM   1331 N N   . CYS A 1 174 ? -7.502  -7.448  -2.619  1.00 37.40 ? 174 CYS A N   1 
ATOM   1332 C CA  . CYS A 1 174 ? -7.545  -8.535  -3.585  1.00 38.07 ? 174 CYS A CA  1 
ATOM   1333 C C   . CYS A 1 174 ? -6.378  -8.484  -4.560  1.00 37.73 ? 174 CYS A C   1 
ATOM   1334 O O   . CYS A 1 174 ? -5.652  -7.478  -4.614  1.00 37.49 ? 174 CYS A O   1 
ATOM   1335 C CB  . CYS A 1 174 ? -8.850  -8.485  -4.375  1.00 38.33 ? 174 CYS A CB  1 
ATOM   1336 S SG  . CYS A 1 174 ? -10.288 -9.217  -3.576  1.00 41.31 ? 174 CYS A SG  1 
ATOM   1337 N N   . VAL A 1 175 ? -6.232  -9.572  -5.326  1.00 37.12 ? 175 VAL A N   1 
ATOM   1338 C CA  . VAL A 1 175 ? -5.269  -9.678  -6.423  1.00 37.01 ? 175 VAL A CA  1 
ATOM   1339 C C   . VAL A 1 175 ? -5.115  -8.331  -7.148  1.00 36.82 ? 175 VAL A C   1 
ATOM   1340 O O   . VAL A 1 175 ? -5.992  -7.918  -7.920  1.00 36.67 ? 175 VAL A O   1 
ATOM   1341 C CB  . VAL A 1 175 ? -5.668  -10.811 -7.444  1.00 37.19 ? 175 VAL A CB  1 
ATOM   1342 C CG1 . VAL A 1 175 ? -4.539  -11.063 -8.463  1.00 37.93 ? 175 VAL A CG1 1 
ATOM   1343 C CG2 . VAL A 1 175 ? -6.014  -12.122 -6.731  1.00 37.30 ? 175 VAL A CG2 1 
ATOM   1344 N N   . GLY A 1 176 ? -4.014  -7.633  -6.864  1.00 36.57 ? 176 GLY A N   1 
ATOM   1345 C CA  . GLY A 1 176 ? -3.701  -6.357  -7.532  1.00 36.25 ? 176 GLY A CA  1 
ATOM   1346 C C   . GLY A 1 176 ? -3.809  -5.104  -6.671  1.00 36.03 ? 176 GLY A C   1 
ATOM   1347 O O   . GLY A 1 176 ? -3.703  -3.976  -7.176  1.00 35.83 ? 176 GLY A O   1 
ATOM   1348 N N   . ASP A 1 177 ? -4.027  -5.296  -5.375  1.00 35.78 ? 177 ASP A N   1 
ATOM   1349 C CA  . ASP A 1 177 ? -4.108  -4.186  -4.424  1.00 35.55 ? 177 ASP A CA  1 
ATOM   1350 C C   . ASP A 1 177 ? -2.784  -4.006  -3.687  1.00 35.04 ? 177 ASP A C   1 
ATOM   1351 O O   . ASP A 1 177 ? -2.629  -3.072  -2.905  1.00 35.34 ? 177 ASP A O   1 
ATOM   1352 C CB  . ASP A 1 177 ? -5.247  -4.419  -3.414  1.00 35.70 ? 177 ASP A CB  1 
ATOM   1353 C CG  . ASP A 1 177 ? -6.621  -4.071  -3.977  1.00 35.97 ? 177 ASP A CG  1 
ATOM   1354 O OD1 . ASP A 1 177 ? -6.789  -2.965  -4.531  1.00 36.84 ? 177 ASP A OD1 1 
ATOM   1355 O OD2 . ASP A 1 177 ? -7.545  -4.899  -3.852  1.00 36.42 ? 177 ASP A OD2 1 
ATOM   1356 N N   . SER A 1 178 ? -1.838  -4.905  -3.942  1.00 34.45 ? 178 SER A N   1 
ATOM   1357 C CA  . SER A 1 178 ? -0.512  -4.856  -3.333  1.00 34.14 ? 178 SER A CA  1 
ATOM   1358 C C   . SER A 1 178 ? 0.123   -3.473  -3.417  1.00 34.16 ? 178 SER A C   1 
ATOM   1359 O O   . SER A 1 178 ? 0.057   -2.815  -4.453  1.00 34.41 ? 178 SER A O   1 
ATOM   1360 C CB  . SER A 1 178 ? 0.407   -5.881  -3.991  1.00 34.05 ? 178 SER A CB  1 
ATOM   1361 O OG  . SER A 1 178 ? -0.073  -7.194  -3.779  1.00 33.25 ? 178 SER A OG  1 
ATOM   1362 N N   . GLY A 1 179 ? 0.718   -3.032  -2.316  1.00 34.20 ? 179 GLY A N   1 
ATOM   1363 C CA  . GLY A 1 179 ? 1.401   -1.744  -2.269  1.00 34.38 ? 179 GLY A CA  1 
ATOM   1364 C C   . GLY A 1 179 ? 0.490   -0.548  -2.121  1.00 34.54 ? 179 GLY A C   1 
ATOM   1365 O O   . GLY A 1 179 ? 0.954   0.588   -2.088  1.00 34.41 ? 179 GLY A O   1 
ATOM   1366 N N   . GLY A 1 180 ? -0.814  -0.795  -2.042  1.00 35.15 ? 180 GLY A N   1 
ATOM   1367 C CA  . GLY A 1 180 ? -1.788  0.273   -1.808  1.00 35.60 ? 180 GLY A CA  1 
ATOM   1368 C C   . GLY A 1 180 ? -1.703  0.784   -0.374  1.00 36.21 ? 180 GLY A C   1 
ATOM   1369 O O   . GLY A 1 180 ? -0.939  0.244   0.445   1.00 36.07 ? 180 GLY A O   1 
ATOM   1370 N N   . PRO A 1 181 ? -2.480  1.831   -0.051  1.00 36.57 ? 181 PRO A N   1 
ATOM   1371 C CA  . PRO A 1 181 ? -2.437  2.342   1.316   1.00 36.93 ? 181 PRO A CA  1 
ATOM   1372 C C   . PRO A 1 181 ? -3.482  1.723   2.241   1.00 37.31 ? 181 PRO A C   1 
ATOM   1373 O O   . PRO A 1 181 ? -4.486  1.183   1.777   1.00 37.79 ? 181 PRO A O   1 
ATOM   1374 C CB  . PRO A 1 181 ? -2.708  3.845   1.141   1.00 36.82 ? 181 PRO A CB  1 
ATOM   1375 C CG  . PRO A 1 181 ? -3.002  4.063   -0.336  1.00 36.65 ? 181 PRO A CG  1 
ATOM   1376 C CD  . PRO A 1 181 ? -3.251  2.717   -0.936  1.00 36.50 ? 181 PRO A CD  1 
ATOM   1377 N N   . LEU A 1 182 ? -3.209  1.774   3.540   1.00 37.69 ? 182 LEU A N   1 
ATOM   1378 C CA  . LEU A 1 182 ? -4.207  1.536   4.585   1.00 37.76 ? 182 LEU A CA  1 
ATOM   1379 C C   . LEU A 1 182 ? -4.162  2.743   5.491   1.00 37.82 ? 182 LEU A C   1 
ATOM   1380 O O   . LEU A 1 182 ? -3.194  2.951   6.226   1.00 37.63 ? 182 LEU A O   1 
ATOM   1381 C CB  . LEU A 1 182 ? -3.923  0.257   5.384   1.00 37.83 ? 182 LEU A CB  1 
ATOM   1382 C CG  . LEU A 1 182 ? -4.848  -0.068  6.574   1.00 37.67 ? 182 LEU A CG  1 
ATOM   1383 C CD1 . LEU A 1 182 ? -6.326  0.021   6.229   1.00 36.81 ? 182 LEU A CD1 1 
ATOM   1384 C CD2 . LEU A 1 182 ? -4.535  -1.444  7.118   1.00 37.75 ? 182 LEU A CD2 1 
ATOM   1385 N N   . ILE A 1 183 ? -5.217  3.539   5.416   1.00 38.18 ? 183 ILE A N   1 
ATOM   1386 C CA  . ILE A 1 183 ? -5.241  4.852   6.027   1.00 38.71 ? 183 ILE A CA  1 
ATOM   1387 C C   . ILE A 1 183 ? -6.169  4.834   7.236   1.00 39.40 ? 183 ILE A C   1 
ATOM   1388 O O   . ILE A 1 183 ? -7.312  4.364   7.144   1.00 39.36 ? 183 ILE A O   1 
ATOM   1389 C CB  . ILE A 1 183 ? -5.717  5.910   5.004   1.00 38.63 ? 183 ILE A CB  1 
ATOM   1390 C CG1 . ILE A 1 183 ? -4.994  5.723   3.665   1.00 37.93 ? 183 ILE A CG1 1 
ATOM   1391 C CG2 . ILE A 1 183 ? -5.485  7.320   5.534   1.00 38.97 ? 183 ILE A CG2 1 
ATOM   1392 C CD1 . ILE A 1 183 ? -5.916  5.574   2.487   1.00 36.87 ? 183 ILE A CD1 1 
ATOM   1393 N N   . CYS A 1 184 ? -5.664  5.317   8.371   1.00 40.03 ? 184 CYS A N   1 
ATOM   1394 C CA  . CYS A 1 184 ? -6.481  5.485   9.569   1.00 40.90 ? 184 CYS A CA  1 
ATOM   1395 C C   . CYS A 1 184 ? -6.328  6.907   10.062  1.00 41.41 ? 184 CYS A C   1 
ATOM   1396 O O   . CYS A 1 184 ? -5.201  7.371   10.304  1.00 41.54 ? 184 CYS A O   1 
ATOM   1397 C CB  . CYS A 1 184 ? -6.061  4.523   10.679  1.00 41.06 ? 184 CYS A CB  1 
ATOM   1398 S SG  . CYS A 1 184 ? -5.508  2.909   10.113  1.00 41.85 ? 184 CYS A SG  1 
ATOM   1399 N N   . ASN A 1 185 ? -7.467  7.589   10.216  1.00 41.82 ? 185 ASN A N   1 
ATOM   1400 C CA  . ASN A 1 185 ? -7.506  8.990   10.646  1.00 42.09 ? 185 ASN A CA  1 
ATOM   1401 C C   . ASN A 1 185 ? -6.465  9.857   9.922   1.00 41.84 ? 185 ASN A C   1 
ATOM   1402 O O   . ASN A 1 185 ? -5.457  10.272  10.515  1.00 41.93 ? 185 ASN A O   1 
ATOM   1403 C CB  . ASN A 1 185 ? -7.384  9.110   12.182  1.00 42.33 ? 185 ASN A CB  1 
ATOM   1404 C CG  . ASN A 1 185 ? -8.743  9.139   12.884  1.00 43.18 ? 185 ASN A CG  1 
ATOM   1405 O OD1 . ASN A 1 185 ? -9.504  10.107  12.762  1.00 43.16 ? 185 ASN A OD1 1 
ATOM   1406 N ND2 . ASN A 1 185 ? -9.045  8.081   13.635  1.00 44.41 ? 185 ASN A ND2 1 
ATOM   1407 N N   . GLY A 1 186 ? -6.713  10.093  8.635   1.00 41.62 ? 186 GLY A N   1 
ATOM   1408 C CA  . GLY A 1 186 ? -5.866  10.949  7.803   1.00 41.61 ? 186 GLY A CA  1 
ATOM   1409 C C   . GLY A 1 186 ? -4.414  10.521  7.690   1.00 41.47 ? 186 GLY A C   1 
ATOM   1410 O O   . GLY A 1 186 ? -3.677  11.044  6.852   1.00 41.44 ? 186 GLY A O   1 
ATOM   1411 N N   . GLN A 1 187 ? -4.012  9.576   8.542   1.00 41.41 ? 187 GLN A N   1 
ATOM   1412 C CA  . GLN A 1 187 ? -2.627  9.111   8.636   1.00 41.14 ? 187 GLN A CA  1 
ATOM   1413 C C   . GLN A 1 187 ? -2.466  7.770   7.968   1.00 40.78 ? 187 GLN A C   1 
ATOM   1414 O O   . GLN A 1 187 ? -3.327  6.897   8.077   1.00 40.91 ? 187 GLN A O   1 
ATOM   1415 C CB  . GLN A 1 187 ? -2.155  9.037   10.096  1.00 41.26 ? 187 GLN A CB  1 
ATOM   1416 C CG  . GLN A 1 187 ? -1.733  10.397  10.683  1.00 42.19 ? 187 GLN A CG  1 
ATOM   1417 C CD  . GLN A 1 187 ? -1.208  10.321  12.117  1.00 43.99 ? 187 GLN A CD  1 
ATOM   1418 O OE1 . GLN A 1 187 ? -1.633  9.476   12.920  1.00 44.16 ? 187 GLN A OE1 1 
ATOM   1419 N NE2 . GLN A 1 187 ? -0.282  11.222  12.448  1.00 44.61 ? 187 GLN A NE2 1 
ATOM   1420 N N   . PHE A 1 188 ? -1.355  7.624   7.261   1.00 40.53 ? 188 PHE A N   1 
ATOM   1421 C CA  . PHE A 1 188 ? -1.010  6.382   6.578   1.00 40.14 ? 188 PHE A CA  1 
ATOM   1422 C C   . PHE A 1 188 ? -0.472  5.339   7.557   1.00 39.80 ? 188 PHE A C   1 
ATOM   1423 O O   . PHE A 1 188 ? 0.513   5.595   8.257   1.00 39.79 ? 188 PHE A O   1 
ATOM   1424 C CB  . PHE A 1 188 ? 0.028   6.675   5.506   1.00 40.06 ? 188 PHE A CB  1 
ATOM   1425 C CG  . PHE A 1 188 ? 0.460   5.473   4.738   1.00 40.20 ? 188 PHE A CG  1 
ATOM   1426 C CD1 . PHE A 1 188 ? -0.476  4.689   4.067   1.00 39.88 ? 188 PHE A CD1 1 
ATOM   1427 C CD2 . PHE A 1 188 ? 1.805   5.137   4.662   1.00 39.43 ? 188 PHE A CD2 1 
ATOM   1428 C CE1 . PHE A 1 188 ? -0.077  3.578   3.357   1.00 40.58 ? 188 PHE A CE1 1 
ATOM   1429 C CE2 . PHE A 1 188 ? 2.214   4.037   3.943   1.00 40.14 ? 188 PHE A CE2 1 
ATOM   1430 C CZ  . PHE A 1 188 ? 1.271   3.248   3.289   1.00 40.89 ? 188 PHE A CZ  1 
ATOM   1431 N N   . GLN A 1 189 ? -1.105  4.165   7.598   1.00 39.36 ? 189 GLN A N   1 
ATOM   1432 C CA  . GLN A 1 189 ? -0.771  3.169   8.628   1.00 38.98 ? 189 GLN A CA  1 
ATOM   1433 C C   . GLN A 1 189 ? -0.165  1.828   8.185   1.00 38.78 ? 189 GLN A C   1 
ATOM   1434 O O   . GLN A 1 189 ? 0.751   1.325   8.830   1.00 38.75 ? 189 GLN A O   1 
ATOM   1435 C CB  . GLN A 1 189 ? -1.960  2.952   9.570   1.00 39.02 ? 189 GLN A CB  1 
ATOM   1436 C CG  . GLN A 1 189 ? -2.100  4.043   10.648  1.00 38.35 ? 189 GLN A CG  1 
ATOM   1437 C CD  . GLN A 1 189 ? -0.903  4.102   11.606  1.00 37.78 ? 189 GLN A CD  1 
ATOM   1438 O OE1 . GLN A 1 189 ? -0.181  3.113   11.781  1.00 36.38 ? 189 GLN A OE1 1 
ATOM   1439 N NE2 . GLN A 1 189 ? -0.696  5.264   12.228  1.00 35.91 ? 189 GLN A NE2 1 
ATOM   1440 N N   . GLY A 1 190 ? -0.679  1.251   7.105   1.00 38.92 ? 190 GLY A N   1 
ATOM   1441 C CA  . GLY A 1 190 ? -0.194  -0.046  6.610   1.00 38.89 ? 190 GLY A CA  1 
ATOM   1442 C C   . GLY A 1 190 ? -0.013  -0.051  5.107   1.00 38.99 ? 190 GLY A C   1 
ATOM   1443 O O   . GLY A 1 190 ? -0.580  0.803   4.414   1.00 38.98 ? 190 GLY A O   1 
ATOM   1444 N N   . ILE A 1 191 ? 0.793   -0.994  4.614   1.00 38.96 ? 191 ILE A N   1 
ATOM   1445 C CA  . ILE A 1 191 ? 1.046   -1.178  3.176   1.00 39.20 ? 191 ILE A CA  1 
ATOM   1446 C C   . ILE A 1 191 ? 0.587   -2.579  2.757   1.00 39.57 ? 191 ILE A C   1 
ATOM   1447 O O   . ILE A 1 191 ? 1.121   -3.581  3.257   1.00 39.31 ? 191 ILE A O   1 
ATOM   1448 C CB  . ILE A 1 191 ? 2.556   -1.027  2.811   1.00 39.22 ? 191 ILE A CB  1 
ATOM   1449 C CG1 . ILE A 1 191 ? 3.091   0.350   3.196   1.00 39.64 ? 191 ILE A CG1 1 
ATOM   1450 C CG2 . ILE A 1 191 ? 2.789   -1.260  1.314   1.00 38.80 ? 191 ILE A CG2 1 
ATOM   1451 C CD1 . ILE A 1 191 ? 4.614   0.456   3.160   1.00 39.43 ? 191 ILE A CD1 1 
ATOM   1452 N N   . VAL A 1 192 ? -0.383  -2.640  1.838   1.00 39.83 ? 192 VAL A N   1 
ATOM   1453 C CA  . VAL A 1 192 ? -0.940  -3.913  1.356   1.00 40.20 ? 192 VAL A CA  1 
ATOM   1454 C C   . VAL A 1 192 ? 0.192   -4.837  0.902   1.00 40.55 ? 192 VAL A C   1 
ATOM   1455 O O   . VAL A 1 192 ? 1.091   -4.406  0.171   1.00 40.31 ? 192 VAL A O   1 
ATOM   1456 C CB  . VAL A 1 192 ? -1.955  -3.729  0.188   1.00 40.19 ? 192 VAL A CB  1 
ATOM   1457 C CG1 . VAL A 1 192 ? -2.820  -4.960  0.048   1.00 39.94 ? 192 VAL A CG1 1 
ATOM   1458 C CG2 . VAL A 1 192 ? -2.843  -2.511  0.396   1.00 40.38 ? 192 VAL A CG2 1 
ATOM   1459 N N   . SER A 1 193 ? 0.139   -6.098  1.336   1.00 41.00 ? 193 SER A N   1 
ATOM   1460 C CA  . SER A 1 193 ? 1.271   -7.013  1.188   1.00 41.63 ? 193 SER A CA  1 
ATOM   1461 C C   . SER A 1 193 ? 0.875   -8.455  0.829   1.00 42.28 ? 193 SER A C   1 
ATOM   1462 O O   . SER A 1 193 ? 1.483   -9.065  -0.061  1.00 42.44 ? 193 SER A O   1 
ATOM   1463 C CB  . SER A 1 193 ? 2.123   -6.991  2.462   1.00 41.65 ? 193 SER A CB  1 
ATOM   1464 O OG  . SER A 1 193 ? 3.335   -7.708  2.296   1.00 41.39 ? 193 SER A OG  1 
ATOM   1465 N N   . TYR A 1 194 ? -0.110  -9.007  1.540   1.00 42.69 ? 194 TYR A N   1 
ATOM   1466 C CA  . TYR A 1 194 ? -0.665  -10.332 1.221   1.00 43.26 ? 194 TYR A CA  1 
ATOM   1467 C C   . TYR A 1 194 ? -1.889  -10.669 2.048   1.00 42.65 ? 194 TYR A C   1 
ATOM   1468 O O   . TYR A 1 194 ? -2.213  -9.984  3.020   1.00 42.54 ? 194 TYR A O   1 
ATOM   1469 C CB  . TYR A 1 194 ? 0.376   -11.462 1.339   1.00 43.97 ? 194 TYR A CB  1 
ATOM   1470 C CG  . TYR A 1 194 ? 1.276   -11.376 2.547   1.00 46.77 ? 194 TYR A CG  1 
ATOM   1471 C CD1 . TYR A 1 194 ? 1.185   -12.305 3.580   1.00 49.07 ? 194 TYR A CD1 1 
ATOM   1472 C CD2 . TYR A 1 194 ? 2.250   -10.378 2.641   1.00 49.76 ? 194 TYR A CD2 1 
ATOM   1473 C CE1 . TYR A 1 194 ? 2.038   -12.227 4.694   1.00 51.77 ? 194 TYR A CE1 1 
ATOM   1474 C CE2 . TYR A 1 194 ? 3.097   -10.281 3.741   1.00 51.78 ? 194 TYR A CE2 1 
ATOM   1475 C CZ  . TYR A 1 194 ? 2.991   -11.207 4.762   1.00 52.71 ? 194 TYR A CZ  1 
ATOM   1476 O OH  . TYR A 1 194 ? 3.833   -11.098 5.847   1.00 55.19 ? 194 TYR A OH  1 
ATOM   1477 N N   . GLY A 1 195 ? -2.570  -11.728 1.631   1.00 42.09 ? 195 GLY A N   1 
ATOM   1478 C CA  . GLY A 1 195 ? -3.784  -12.174 2.286   1.00 41.61 ? 195 GLY A CA  1 
ATOM   1479 C C   . GLY A 1 195 ? -4.083  -13.590 1.856   1.00 41.21 ? 195 GLY A C   1 
ATOM   1480 O O   . GLY A 1 195 ? -3.186  -14.440 1.843   1.00 41.28 ? 195 GLY A O   1 
ATOM   1481 N N   . ALA A 1 196 ? -5.345  -13.845 1.513   1.00 40.60 ? 196 ALA A N   1 
ATOM   1482 C CA  . ALA A 1 196 ? -5.752  -15.148 0.995   1.00 40.06 ? 196 ALA A CA  1 
ATOM   1483 C C   . ALA A 1 196 ? -6.746  -15.045 -0.156  1.00 39.64 ? 196 ALA A C   1 
ATOM   1484 O O   . ALA A 1 196 ? -7.440  -14.047 -0.308  1.00 39.26 ? 196 ALA A O   1 
ATOM   1485 C CB  . ALA A 1 196 ? -6.323  -16.022 2.119   1.00 40.12 ? 196 ALA A CB  1 
ATOM   1486 N N   . HIS A 1 197 ? -6.790  -16.110 -0.952  1.00 39.44 ? 197 HIS A N   1 
ATOM   1487 C CA  . HIS A 1 197 ? -7.762  -16.319 -2.013  1.00 38.98 ? 197 HIS A CA  1 
ATOM   1488 C C   . HIS A 1 197 ? -8.700  -17.408 -1.485  1.00 39.05 ? 197 HIS A C   1 
ATOM   1489 O O   . HIS A 1 197 ? -8.222  -18.468 -1.070  1.00 39.34 ? 197 HIS A O   1 
ATOM   1490 C CB  . HIS A 1 197 ? -7.006  -16.750 -3.284  1.00 38.59 ? 197 HIS A CB  1 
ATOM   1491 C CG  . HIS A 1 197 ? -7.695  -17.802 -4.110  1.00 37.82 ? 197 HIS A CG  1 
ATOM   1492 N ND1 . HIS A 1 197 ? -7.912  -17.654 -5.464  1.00 35.16 ? 197 HIS A ND1 1 
ATOM   1493 C CD2 . HIS A 1 197 ? -8.179  -19.027 -3.785  1.00 35.49 ? 197 HIS A CD2 1 
ATOM   1494 C CE1 . HIS A 1 197 ? -8.511  -18.733 -5.929  1.00 34.13 ? 197 HIS A CE1 1 
ATOM   1495 N NE2 . HIS A 1 197 ? -8.692  -19.576 -4.930  1.00 33.29 ? 197 HIS A NE2 1 
ATOM   1496 N N   . SER A 1 198 ? -10.017 -17.180 -1.450  1.00 39.22 ? 198 SER A N   1 
ATOM   1497 C CA  . SER A 1 198 ? -10.709 -15.966 -1.905  1.00 39.40 ? 198 SER A CA  1 
ATOM   1498 C C   . SER A 1 198 ? -10.666 -14.798 -0.913  1.00 39.76 ? 198 SER A C   1 
ATOM   1499 O O   . SER A 1 198 ? -10.527 -15.003 0.293   1.00 39.94 ? 198 SER A O   1 
ATOM   1500 C CB  . SER A 1 198 ? -12.176 -16.303 -2.161  1.00 39.19 ? 198 SER A CB  1 
ATOM   1501 O OG  . SER A 1 198 ? -12.313 -17.475 -2.931  1.00 38.70 ? 198 SER A OG  1 
ATOM   1502 N N   . CYS A 1 199 ? -10.811 -13.574 -1.423  1.00 40.23 ? 199 CYS A N   1 
ATOM   1503 C CA  . CYS A 1 199 ? -10.870 -12.391 -0.552  1.00 40.63 ? 199 CYS A CA  1 
ATOM   1504 C C   . CYS A 1 199 ? -12.183 -12.335 0.228   1.00 40.52 ? 199 CYS A C   1 
ATOM   1505 O O   . CYS A 1 199 ? -13.243 -12.723 -0.281  1.00 40.78 ? 199 CYS A O   1 
ATOM   1506 C CB  . CYS A 1 199 ? -10.751 -11.087 -1.342  1.00 40.69 ? 199 CYS A CB  1 
ATOM   1507 S SG  . CYS A 1 199 ? -9.654  -10.993 -2.779  1.00 41.58 ? 199 CYS A SG  1 
ATOM   1508 N N   . GLY A 1 200 ? -12.110 -11.833 1.457   1.00 40.23 ? 200 GLY A N   1 
ATOM   1509 C CA  . GLY A 1 200 ? -13.305 -11.599 2.267   1.00 39.87 ? 200 GLY A CA  1 
ATOM   1510 C C   . GLY A 1 200 ? -13.691 -12.723 3.205   1.00 39.60 ? 200 GLY A C   1 
ATOM   1511 O O   . GLY A 1 200 ? -14.718 -12.642 3.874   1.00 39.60 ? 200 GLY A O   1 
ATOM   1512 N N   . GLN A 1 201 ? -12.878 -13.775 3.249   1.00 39.43 ? 201 GLN A N   1 
ATOM   1513 C CA  . GLN A 1 201 ? -13.129 -14.912 4.130   1.00 39.29 ? 201 GLN A CA  1 
ATOM   1514 C C   . GLN A 1 201 ? -13.152 -14.504 5.601   1.00 39.31 ? 201 GLN A C   1 
ATOM   1515 O O   . GLN A 1 201 ? -12.341 -13.682 6.038   1.00 39.28 ? 201 GLN A O   1 
ATOM   1516 C CB  . GLN A 1 201 ? -12.060 -15.985 3.932   1.00 39.33 ? 201 GLN A CB  1 
ATOM   1517 C CG  . GLN A 1 201 ? -12.125 -16.718 2.608   1.00 39.17 ? 201 GLN A CG  1 
ATOM   1518 C CD  . GLN A 1 201 ? -10.985 -17.708 2.448   1.00 39.73 ? 201 GLN A CD  1 
ATOM   1519 O OE1 . GLN A 1 201 ? -9.828  -17.321 2.280   1.00 39.83 ? 201 GLN A OE1 1 
ATOM   1520 N NE2 . GLN A 1 201 ? -11.309 -19.000 2.486   1.00 39.73 ? 201 GLN A NE2 1 
ATOM   1521 N N   . GLY A 1 202 ? -14.084 -15.081 6.356   1.00 39.33 ? 202 GLY A N   1 
ATOM   1522 C CA  . GLY A 1 202 ? -14.079 -14.962 7.815   1.00 39.39 ? 202 GLY A CA  1 
ATOM   1523 C C   . GLY A 1 202 ? -12.763 -15.443 8.414   1.00 39.34 ? 202 GLY A C   1 
ATOM   1524 O O   . GLY A 1 202 ? -12.055 -16.229 7.786   1.00 39.22 ? 202 GLY A O   1 
ATOM   1525 N N   . PRO A 1 203 ? -12.471 -15.040 9.665   1.00 39.49 ? 203 PRO A N   1 
ATOM   1526 C CA  . PRO A 1 203 ? -11.176 -15.020 10.342  1.00 39.56 ? 203 PRO A CA  1 
ATOM   1527 C C   . PRO A 1 203 ? -9.929  -15.210 9.481   1.00 39.81 ? 203 PRO A C   1 
ATOM   1528 O O   . PRO A 1 203 ? -8.967  -15.832 9.939   1.00 40.21 ? 203 PRO A O   1 
ATOM   1529 C CB  . PRO A 1 203 ? -11.323 -16.154 11.364  1.00 39.54 ? 203 PRO A CB  1 
ATOM   1530 C CG  . PRO A 1 203 ? -12.830 -16.090 11.751  1.00 39.66 ? 203 PRO A CG  1 
ATOM   1531 C CD  . PRO A 1 203 ? -13.535 -15.256 10.667  1.00 39.74 ? 203 PRO A CD  1 
ATOM   1532 N N   . LYS A 1 204 ? -9.933  -14.658 8.267   1.00 39.71 ? 204 LYS A N   1 
ATOM   1533 C CA  . LYS A 1 204 ? -8.749  -14.661 7.406   1.00 39.30 ? 204 LYS A CA  1 
ATOM   1534 C C   . LYS A 1 204 ? -8.375  -13.262 6.907   1.00 39.25 ? 204 LYS A C   1 
ATOM   1535 O O   . LYS A 1 204 ? -8.477  -12.982 5.709   1.00 39.19 ? 204 LYS A O   1 
ATOM   1536 C CB  . LYS A 1 204 ? -8.921  -15.627 6.237   1.00 39.34 ? 204 LYS A CB  1 
ATOM   1537 C CG  . LYS A 1 204 ? -8.311  -16.988 6.504   1.00 39.78 ? 204 LYS A CG  1 
ATOM   1538 C CD  . LYS A 1 204 ? -8.613  -17.956 5.385   1.00 39.49 ? 204 LYS A CD  1 
ATOM   1539 C CE  . LYS A 1 204 ? -8.452  -19.373 5.872   1.00 39.20 ? 204 LYS A CE  1 
ATOM   1540 N NZ  . LYS A 1 204 ? -9.656  -20.170 5.503   1.00 39.88 ? 204 LYS A NZ  1 
ATOM   1541 N N   . PRO A 1 205 ? -7.881  -12.401 7.824   1.00 39.14 ? 205 PRO A N   1 
ATOM   1542 C CA  . PRO A 1 205 ? -7.555  -10.994 7.584   1.00 38.87 ? 205 PRO A CA  1 
ATOM   1543 C C   . PRO A 1 205 ? -6.348  -10.803 6.661   1.00 38.82 ? 205 PRO A C   1 
ATOM   1544 O O   . PRO A 1 205 ? -5.629  -11.765 6.361   1.00 39.20 ? 205 PRO A O   1 
ATOM   1545 C CB  . PRO A 1 205 ? -7.200  -10.492 8.979   1.00 39.06 ? 205 PRO A CB  1 
ATOM   1546 C CG  . PRO A 1 205 ? -6.589  -11.675 9.640   1.00 39.28 ? 205 PRO A CG  1 
ATOM   1547 C CD  . PRO A 1 205 ? -7.322  -12.874 9.108   1.00 39.15 ? 205 PRO A CD  1 
ATOM   1548 N N   . GLY A 1 206 ? -6.121  -9.569  6.229   1.00 38.35 ? 206 GLY A N   1 
ATOM   1549 C CA  . GLY A 1 206 ? -5.010  -9.263  5.340   1.00 38.04 ? 206 GLY A CA  1 
ATOM   1550 C C   . GLY A 1 206 ? -3.785  -8.741  6.061   1.00 38.13 ? 206 GLY A C   1 
ATOM   1551 O O   . GLY A 1 206 ? -3.891  -8.134  7.142   1.00 38.27 ? 206 GLY A O   1 
ATOM   1552 N N   . ILE A 1 207 ? -2.621  -8.960  5.450   1.00 37.67 ? 207 ILE A N   1 
ATOM   1553 C CA  . ILE A 1 207 ? -1.351  -8.565  6.040   1.00 37.24 ? 207 ILE A CA  1 
ATOM   1554 C C   . ILE A 1 207 ? -0.777  -7.321  5.352   1.00 37.41 ? 207 ILE A C   1 
ATOM   1555 O O   . ILE A 1 207 ? -0.792  -7.197  4.120   1.00 37.12 ? 207 ILE A O   1 
ATOM   1556 C CB  . ILE A 1 207 ? -0.340  -9.739  6.051   1.00 37.16 ? 207 ILE A CB  1 
ATOM   1557 C CG1 . ILE A 1 207 ? -0.687  -10.754 7.141   1.00 36.84 ? 207 ILE A CG1 1 
ATOM   1558 C CG2 . ILE A 1 207 ? 1.055   -9.247  6.356   1.00 37.24 ? 207 ILE A CG2 1 
ATOM   1559 C CD1 . ILE A 1 207 ? -1.889  -11.600 6.865   1.00 37.39 ? 207 ILE A CD1 1 
ATOM   1560 N N   . TYR A 1 208 ? -0.290  -6.400  6.180   1.00 37.55 ? 208 TYR A N   1 
ATOM   1561 C CA  . TYR A 1 208 ? 0.217   -5.105  5.745   1.00 37.48 ? 208 TYR A CA  1 
ATOM   1562 C C   . TYR A 1 208 ? 1.576   -4.838  6.379   1.00 38.14 ? 208 TYR A C   1 
ATOM   1563 O O   . TYR A 1 208 ? 1.857   -5.294  7.489   1.00 38.18 ? 208 TYR A O   1 
ATOM   1564 C CB  . TYR A 1 208 ? -0.754  -3.998  6.151   1.00 37.07 ? 208 TYR A CB  1 
ATOM   1565 C CG  . TYR A 1 208 ? -2.146  -4.205  5.620   1.00 35.89 ? 208 TYR A CG  1 
ATOM   1566 C CD1 . TYR A 1 208 ? -3.047  -5.015  6.297   1.00 35.17 ? 208 TYR A CD1 1 
ATOM   1567 C CD2 . TYR A 1 208 ? -2.564  -3.598  4.439   1.00 35.00 ? 208 TYR A CD2 1 
ATOM   1568 C CE1 . TYR A 1 208 ? -4.322  -5.223  5.810   1.00 35.15 ? 208 TYR A CE1 1 
ATOM   1569 C CE2 . TYR A 1 208 ? -3.848  -3.804  3.942   1.00 34.40 ? 208 TYR A CE2 1 
ATOM   1570 C CZ  . TYR A 1 208 ? -4.718  -4.619  4.634   1.00 34.50 ? 208 TYR A CZ  1 
ATOM   1571 O OH  . TYR A 1 208 ? -5.992  -4.848  4.171   1.00 35.33 ? 208 TYR A OH  1 
ATOM   1572 N N   . THR A 1 209 ? 2.424   -4.108  5.664   1.00 38.62 ? 209 THR A N   1 
ATOM   1573 C CA  . THR A 1 209 ? 3.691   -3.674  6.224   1.00 38.95 ? 209 THR A CA  1 
ATOM   1574 C C   . THR A 1 209 ? 3.422   -2.547  7.225   1.00 39.41 ? 209 THR A C   1 
ATOM   1575 O O   . THR A 1 209 ? 2.813   -1.518  6.895   1.00 39.30 ? 209 THR A O   1 
ATOM   1576 C CB  . THR A 1 209 ? 4.672   -3.257  5.127   1.00 38.99 ? 209 THR A CB  1 
ATOM   1577 O OG1 . THR A 1 209 ? 4.849   -4.354  4.220   1.00 39.48 ? 209 THR A OG1 1 
ATOM   1578 C CG2 . THR A 1 209 ? 6.024   -2.898  5.716   1.00 39.20 ? 209 THR A CG2 1 
ATOM   1579 N N   . ASN A 1 210 ? 3.847   -2.787  8.464   1.00 39.89 ? 210 ASN A N   1 
ATOM   1580 C CA  . ASN A 1 210 ? 3.659   -1.863  9.563   1.00 40.26 ? 210 ASN A CA  1 
ATOM   1581 C C   . ASN A 1 210 ? 4.464   -0.606  9.285   1.00 40.86 ? 210 ASN A C   1 
ATOM   1582 O O   . ASN A 1 210 ? 5.632   -0.500  9.667   1.00 41.10 ? 210 ASN A O   1 
ATOM   1583 C CB  . ASN A 1 210 ? 4.113   -2.526  10.868  1.00 40.06 ? 210 ASN A CB  1 
ATOM   1584 C CG  . ASN A 1 210 ? 3.440   -1.947  12.093  1.00 39.95 ? 210 ASN A CG  1 
ATOM   1585 O OD1 . ASN A 1 210 ? 2.486   -1.167  12.002  1.00 40.48 ? 210 ASN A OD1 1 
ATOM   1586 N ND2 . ASN A 1 210 ? 3.926   -2.342  13.258  1.00 39.41 ? 210 ASN A ND2 1 
ATOM   1587 N N   . VAL A 1 211 ? 3.842   0.343   8.595   1.00 41.49 ? 211 VAL A N   1 
ATOM   1588 C CA  . VAL A 1 211 ? 4.530   1.571   8.189   1.00 42.27 ? 211 VAL A CA  1 
ATOM   1589 C C   . VAL A 1 211 ? 5.221   2.270   9.373   1.00 42.96 ? 211 VAL A C   1 
ATOM   1590 O O   . VAL A 1 211 ? 6.307   2.822   9.213   1.00 43.12 ? 211 VAL A O   1 
ATOM   1591 C CB  . VAL A 1 211 ? 3.581   2.537   7.439   1.00 42.09 ? 211 VAL A CB  1 
ATOM   1592 C CG1 . VAL A 1 211 ? 4.334   3.755   6.927   1.00 42.05 ? 211 VAL A CG1 1 
ATOM   1593 C CG2 . VAL A 1 211 ? 2.929   1.816   6.294   1.00 41.66 ? 211 VAL A CG2 1 
ATOM   1594 N N   . PHE A 1 212 ? 4.607   2.214   10.554  1.00 43.85 ? 212 PHE A N   1 
ATOM   1595 C CA  . PHE A 1 212 ? 5.136   2.889   11.751  1.00 44.85 ? 212 PHE A CA  1 
ATOM   1596 C C   . PHE A 1 212 ? 6.483   2.349   12.237  1.00 44.90 ? 212 PHE A C   1 
ATOM   1597 O O   . PHE A 1 212 ? 7.270   3.084   12.829  1.00 45.42 ? 212 PHE A O   1 
ATOM   1598 C CB  . PHE A 1 212 ? 4.112   2.883   12.899  1.00 45.12 ? 212 PHE A CB  1 
ATOM   1599 C CG  . PHE A 1 212 ? 4.715   3.173   14.250  1.00 46.71 ? 212 PHE A CG  1 
ATOM   1600 C CD1 . PHE A 1 212 ? 5.048   4.477   14.615  1.00 47.99 ? 212 PHE A CD1 1 
ATOM   1601 C CD2 . PHE A 1 212 ? 4.974   2.136   15.150  1.00 48.14 ? 212 PHE A CD2 1 
ATOM   1602 C CE1 . PHE A 1 212 ? 5.625   4.745   15.861  1.00 48.62 ? 212 PHE A CE1 1 
ATOM   1603 C CE2 . PHE A 1 212 ? 5.544   2.394   16.402  1.00 48.08 ? 212 PHE A CE2 1 
ATOM   1604 C CZ  . PHE A 1 212 ? 5.872   3.698   16.755  1.00 48.50 ? 212 PHE A CZ  1 
ATOM   1605 N N   . ASP A 1 213 ? 6.742   1.069   11.991  1.00 45.10 ? 213 ASP A N   1 
ATOM   1606 C CA  . ASP A 1 213 ? 8.007   0.444   12.396  1.00 44.96 ? 213 ASP A CA  1 
ATOM   1607 C C   . ASP A 1 213 ? 9.196   0.906   11.540  1.00 45.12 ? 213 ASP A C   1 
ATOM   1608 O O   . ASP A 1 213 ? 10.347  0.693   11.927  1.00 45.51 ? 213 ASP A O   1 
ATOM   1609 C CB  . ASP A 1 213 ? 7.900   -1.093  12.354  1.00 44.79 ? 213 ASP A CB  1 
ATOM   1610 C CG  . ASP A 1 213 ? 7.047   -1.677  13.492  1.00 44.51 ? 213 ASP A CG  1 
ATOM   1611 O OD1 . ASP A 1 213 ? 6.801   -1.008  14.521  1.00 43.68 ? 213 ASP A OD1 1 
ATOM   1612 O OD2 . ASP A 1 213 ? 6.628   -2.844  13.355  1.00 44.53 ? 213 ASP A OD2 1 
ATOM   1613 N N   . TYR A 1 214 ? 8.916   1.521   10.384  1.00 45.01 ? 214 TYR A N   1 
ATOM   1614 C CA  . TYR A 1 214 ? 9.964   1.953   9.435   1.00 44.85 ? 214 TYR A CA  1 
ATOM   1615 C C   . TYR A 1 214 ? 9.906   3.449   9.126   1.00 44.76 ? 214 TYR A C   1 
ATOM   1616 O O   . TYR A 1 214 ? 10.497  3.901   8.147   1.00 44.72 ? 214 TYR A O   1 
ATOM   1617 C CB  . TYR A 1 214 ? 9.874   1.207   8.090   1.00 44.87 ? 214 TYR A CB  1 
ATOM   1618 C CG  . TYR A 1 214 ? 9.625   -0.285  8.124   1.00 44.70 ? 214 TYR A CG  1 
ATOM   1619 C CD1 . TYR A 1 214 ? 8.344   -0.792  8.336   1.00 44.64 ? 214 TYR A CD1 1 
ATOM   1620 C CD2 . TYR A 1 214 ? 10.660  -1.190  7.876   1.00 45.12 ? 214 TYR A CD2 1 
ATOM   1621 C CE1 . TYR A 1 214 ? 8.102   -2.166  8.342   1.00 45.70 ? 214 TYR A CE1 1 
ATOM   1622 C CE2 . TYR A 1 214 ? 10.433  -2.573  7.874   1.00 45.37 ? 214 TYR A CE2 1 
ATOM   1623 C CZ  . TYR A 1 214 ? 9.147   -3.055  8.109   1.00 45.91 ? 214 TYR A CZ  1 
ATOM   1624 O OH  . TYR A 1 214 ? 8.899   -4.415  8.110   1.00 45.46 ? 214 TYR A OH  1 
ATOM   1625 N N   . THR A 1 215 ? 9.193   4.219   9.944   1.00 44.68 ? 215 THR A N   1 
ATOM   1626 C CA  . THR A 1 215 ? 9.061   5.654   9.695   1.00 44.36 ? 215 THR A CA  1 
ATOM   1627 C C   . THR A 1 215 ? 10.378  6.377   9.988   1.00 44.33 ? 215 THR A C   1 
ATOM   1628 O O   . THR A 1 215 ? 10.658  7.448   9.430   1.00 44.23 ? 215 THR A O   1 
ATOM   1629 C CB  . THR A 1 215 ? 7.863   6.269   10.455  1.00 44.51 ? 215 THR A CB  1 
ATOM   1630 O OG1 . THR A 1 215 ? 7.830   7.685   10.245  1.00 44.11 ? 215 THR A OG1 1 
ATOM   1631 C CG2 . THR A 1 215 ? 7.924   5.967   11.960  1.00 45.19 ? 215 THR A CG2 1 
ATOM   1632 N N   . ASP A 1 216 ? 11.190  5.758   10.840  1.00 44.13 ? 216 ASP A N   1 
ATOM   1633 C CA  . ASP A 1 216 ? 12.548  6.218   11.110  1.00 44.20 ? 216 ASP A CA  1 
ATOM   1634 C C   . ASP A 1 216 ? 13.470  5.986   9.926   1.00 44.06 ? 216 ASP A C   1 
ATOM   1635 O O   . ASP A 1 216 ? 14.305  6.838   9.612   1.00 43.80 ? 216 ASP A O   1 
ATOM   1636 C CB  . ASP A 1 216 ? 13.120  5.485   12.319  1.00 44.22 ? 216 ASP A CB  1 
ATOM   1637 C CG  . ASP A 1 216 ? 12.501  5.933   13.609  1.00 44.34 ? 216 ASP A CG  1 
ATOM   1638 O OD1 . ASP A 1 216 ? 12.266  7.157   13.765  1.00 44.29 ? 216 ASP A OD1 1 
ATOM   1639 O OD2 . ASP A 1 216 ? 12.267  5.057   14.469  1.00 43.86 ? 216 ASP A OD2 1 
ATOM   1640 N N   . TRP A 1 217 ? 13.320  4.816   9.301   1.00 44.06 ? 217 TRP A N   1 
ATOM   1641 C CA  . TRP A 1 217 ? 14.133  4.396   8.165   1.00 44.13 ? 217 TRP A CA  1 
ATOM   1642 C C   . TRP A 1 217 ? 13.706  5.165   6.933   1.00 44.04 ? 217 TRP A C   1 
ATOM   1643 O O   . TRP A 1 217 ? 14.544  5.624   6.158   1.00 44.10 ? 217 TRP A O   1 
ATOM   1644 C CB  . TRP A 1 217 ? 13.973  2.896   7.914   1.00 44.41 ? 217 TRP A CB  1 
ATOM   1645 C CG  . TRP A 1 217 ? 14.519  2.455   6.582   1.00 44.98 ? 217 TRP A CG  1 
ATOM   1646 C CD1 . TRP A 1 217 ? 15.832  2.410   6.213   1.00 45.07 ? 217 TRP A CD1 1 
ATOM   1647 C CD2 . TRP A 1 217 ? 13.768  2.004   5.447   1.00 45.24 ? 217 TRP A CD2 1 
ATOM   1648 N NE1 . TRP A 1 217 ? 15.947  1.958   4.923   1.00 45.73 ? 217 TRP A NE1 1 
ATOM   1649 C CE2 . TRP A 1 217 ? 14.698  1.698   4.426   1.00 45.13 ? 217 TRP A CE2 1 
ATOM   1650 C CE3 . TRP A 1 217 ? 12.403  1.820   5.195   1.00 45.40 ? 217 TRP A CE3 1 
ATOM   1651 C CZ2 . TRP A 1 217 ? 14.310  1.224   3.170   1.00 44.56 ? 217 TRP A CZ2 1 
ATOM   1652 C CZ3 . TRP A 1 217 ? 12.017  1.343   3.941   1.00 45.31 ? 217 TRP A CZ3 1 
ATOM   1653 C CH2 . TRP A 1 217 ? 12.970  1.050   2.949   1.00 44.67 ? 217 TRP A CH2 1 
ATOM   1654 N N   . ILE A 1 218 ? 12.392  5.298   6.765   1.00 43.89 ? 218 ILE A N   1 
ATOM   1655 C CA  . ILE A 1 218 ? 11.825  6.192   5.765   1.00 43.66 ? 218 ILE A CA  1 
ATOM   1656 C C   . ILE A 1 218 ? 12.539  7.546   5.813   1.00 43.66 ? 218 ILE A C   1 
ATOM   1657 O O   . ILE A 1 218 ? 13.099  7.977   4.810   1.00 43.77 ? 218 ILE A O   1 
ATOM   1658 C CB  . ILE A 1 218 ? 10.293  6.342   5.945   1.00 43.52 ? 218 ILE A CB  1 
ATOM   1659 C CG1 . ILE A 1 218 ? 9.589   5.042   5.529   1.00 43.42 ? 218 ILE A CG1 1 
ATOM   1660 C CG2 . ILE A 1 218 ? 9.758   7.532   5.145   1.00 43.12 ? 218 ILE A CG2 1 
ATOM   1661 C CD1 . ILE A 1 218 ? 8.135   4.934   5.962   1.00 42.76 ? 218 ILE A CD1 1 
ATOM   1662 N N   . GLN A 1 219 ? 12.559  8.181   6.983   1.00 43.74 ? 219 GLN A N   1 
ATOM   1663 C CA  . GLN A 1 219 ? 13.163  9.512   7.138   1.00 44.06 ? 219 GLN A CA  1 
ATOM   1664 C C   . GLN A 1 219 ? 14.681  9.521   7.044   1.00 44.39 ? 219 GLN A C   1 
ATOM   1665 O O   . GLN A 1 219 ? 15.272  10.468  6.508   1.00 44.56 ? 219 GLN A O   1 
ATOM   1666 C CB  . GLN A 1 219 ? 12.751  10.139  8.463   1.00 44.11 ? 219 GLN A CB  1 
ATOM   1667 C CG  . GLN A 1 219 ? 11.423  10.862  8.421   1.00 43.85 ? 219 GLN A CG  1 
ATOM   1668 C CD  . GLN A 1 219 ? 10.795  10.976  9.782   1.00 43.95 ? 219 GLN A CD  1 
ATOM   1669 O OE1 . GLN A 1 219 ? 11.275  10.385  10.756  1.00 45.71 ? 219 GLN A OE1 1 
ATOM   1670 N NE2 . GLN A 1 219 ? 9.710   11.730  9.866   1.00 43.26 ? 219 GLN A NE2 1 
ATOM   1671 N N   . ARG A 1 220 ? 15.309  8.475   7.576   1.00 44.50 ? 220 ARG A N   1 
ATOM   1672 C CA  . ARG A 1 220 ? 16.755  8.360   7.536   1.00 44.60 ? 220 ARG A CA  1 
ATOM   1673 C C   . ARG A 1 220 ? 17.226  8.485   6.095   1.00 44.54 ? 220 ARG A C   1 
ATOM   1674 O O   . ARG A 1 220 ? 18.042  9.357   5.782   1.00 44.59 ? 220 ARG A O   1 
ATOM   1675 C CB  . ARG A 1 220 ? 17.216  7.050   8.175   1.00 44.72 ? 220 ARG A CB  1 
ATOM   1676 C CG  . ARG A 1 220 ? 17.769  7.184   9.604   1.00 46.07 ? 220 ARG A CG  1 
ATOM   1677 C CD  . ARG A 1 220 ? 17.612  5.868   10.401  1.00 48.12 ? 220 ARG A CD  1 
ATOM   1678 N NE  . ARG A 1 220 ? 18.857  5.404   11.028  1.00 48.95 ? 220 ARG A NE  1 
ATOM   1679 C CZ  . ARG A 1 220 ? 18.975  4.284   11.748  1.00 49.43 ? 220 ARG A CZ  1 
ATOM   1680 N NH1 . ARG A 1 220 ? 20.150  3.944   12.260  1.00 48.65 ? 220 ARG A NH1 1 
ATOM   1681 N NH2 . ARG A 1 220 ? 17.920  3.501   11.966  1.00 49.04 ? 220 ARG A NH2 1 
ATOM   1682 N N   . ASN A 1 221 ? 16.680  7.635   5.222   1.00 44.51 ? 221 ASN A N   1 
ATOM   1683 C CA  . ASN A 1 221 ? 16.960  7.683   3.786   1.00 44.29 ? 221 ASN A CA  1 
ATOM   1684 C C   . ASN A 1 221 ? 16.663  9.044   3.180   1.00 44.41 ? 221 ASN A C   1 
ATOM   1685 O O   . ASN A 1 221 ? 17.445  9.561   2.387   1.00 44.51 ? 221 ASN A O   1 
ATOM   1686 C CB  . ASN A 1 221 ? 16.142  6.623   3.054   1.00 44.13 ? 221 ASN A CB  1 
ATOM   1687 C CG  . ASN A 1 221 ? 16.635  5.213   3.318   1.00 43.84 ? 221 ASN A CG  1 
ATOM   1688 O OD1 . ASN A 1 221 ? 15.859  4.344   3.709   1.00 43.34 ? 221 ASN A OD1 1 
ATOM   1689 N ND2 . ASN A 1 221 ? 17.924  4.973   3.088   1.00 43.23 ? 221 ASN A ND2 1 
ATOM   1690 N N   . ILE A 1 222 ? 15.535  9.626   3.572   1.00 44.62 ? 222 ILE A N   1 
ATOM   1691 C CA  . ILE A 1 222 ? 15.076  10.888  2.999   1.00 45.10 ? 222 ILE A CA  1 
ATOM   1692 C C   . ILE A 1 222 ? 15.977  12.064  3.391   1.00 45.65 ? 222 ILE A C   1 
ATOM   1693 O O   . ILE A 1 222 ? 16.003  13.098  2.709   1.00 45.38 ? 222 ILE A O   1 
ATOM   1694 C CB  . ILE A 1 222 ? 13.594  11.152  3.344   1.00 44.89 ? 222 ILE A CB  1 
ATOM   1695 C CG1 . ILE A 1 222 ? 12.721  10.041  2.747   1.00 44.50 ? 222 ILE A CG1 1 
ATOM   1696 C CG2 . ILE A 1 222 ? 13.152  12.526  2.832   1.00 44.78 ? 222 ILE A CG2 1 
ATOM   1697 C CD1 . ILE A 1 222 ? 11.231  10.208  2.994   1.00 44.65 ? 222 ILE A CD1 1 
ATOM   1698 N N   . ALA A 1 223 ? 16.721  11.886  4.483   1.00 46.40 ? 223 ALA A N   1 
ATOM   1699 C CA  . ALA A 1 223 ? 17.741  12.843  4.900   1.00 47.05 ? 223 ALA A CA  1 
ATOM   1700 C C   . ALA A 1 223 ? 19.112  12.550  4.280   1.00 47.65 ? 223 ALA A C   1 
ATOM   1701 O O   . ALA A 1 223 ? 19.936  13.459  4.136   1.00 47.68 ? 223 ALA A O   1 
ATOM   1702 C CB  . ALA A 1 223 ? 17.841  12.878  6.397   1.00 46.99 ? 223 ALA A CB  1 
ATOM   1703 N N   . GLY A 1 224 ? 19.360  11.287  3.930   1.00 48.29 ? 224 GLY A N   1 
ATOM   1704 C CA  . GLY A 1 224 ? 20.633  10.902  3.314   1.00 49.31 ? 224 GLY A CA  1 
ATOM   1705 C C   . GLY A 1 224 ? 21.480  9.846   4.015   1.00 49.93 ? 224 GLY A C   1 
ATOM   1706 O O   . GLY A 1 224 ? 22.655  9.663   3.673   1.00 50.09 ? 224 GLY A O   1 
ATOM   1707 N N   . ASN A 1 225 ? 20.904  9.147   4.989   1.00 50.44 ? 225 ASN A N   1 
ATOM   1708 C CA  . ASN A 1 225 ? 21.612  8.046   5.639   1.00 51.06 ? 225 ASN A CA  1 
ATOM   1709 C C   . ASN A 1 225 ? 21.371  6.742   4.881   1.00 51.54 ? 225 ASN A C   1 
ATOM   1710 O O   . ASN A 1 225 ? 20.574  5.900   5.290   1.00 51.48 ? 225 ASN A O   1 
ATOM   1711 C CB  . ASN A 1 225 ? 21.222  7.923   7.120   1.00 50.95 ? 225 ASN A CB  1 
ATOM   1712 C CG  . ASN A 1 225 ? 22.156  7.008   7.916   1.00 50.67 ? 225 ASN A CG  1 
ATOM   1713 O OD1 . ASN A 1 225 ? 21.879  6.691   9.071   1.00 50.36 ? 225 ASN A OD1 1 
ATOM   1714 N ND2 . ASN A 1 225 ? 23.260  6.587   7.306   1.00 50.28 ? 225 ASN A ND2 1 
ATOM   1715 N N   . THR A 1 226 ? 22.080  6.593   3.768   1.00 52.23 ? 226 THR A N   1 
ATOM   1716 C CA  . THR A 1 226 ? 21.939  5.441   2.881   1.00 52.89 ? 226 THR A CA  1 
ATOM   1717 C C   . THR A 1 226 ? 22.324  4.140   3.587   1.00 53.36 ? 226 THR A C   1 
ATOM   1718 O O   . THR A 1 226 ? 21.836  3.060   3.236   1.00 53.50 ? 226 THR A O   1 
ATOM   1719 C CB  . THR A 1 226 ? 22.826  5.611   1.636   1.00 53.02 ? 226 THR A CB  1 
ATOM   1720 O OG1 . THR A 1 226 ? 22.869  6.995   1.253   1.00 52.46 ? 226 THR A OG1 1 
ATOM   1721 C CG2 . THR A 1 226 ? 22.298  4.770   0.481   1.00 53.56 ? 226 THR A CG2 1 
ATOM   1722 N N   . ASP A 1 227 ? 23.204  4.265   4.579   1.00 53.85 ? 227 ASP A N   1 
ATOM   1723 C CA  . ASP A 1 227 ? 23.650  3.138   5.392   1.00 54.30 ? 227 ASP A CA  1 
ATOM   1724 C C   . ASP A 1 227 ? 22.492  2.597   6.217   1.00 54.64 ? 227 ASP A C   1 
ATOM   1725 O O   . ASP A 1 227 ? 22.307  1.381   6.309   1.00 55.03 ? 227 ASP A O   1 
ATOM   1726 C CB  . ASP A 1 227 ? 24.776  3.563   6.346   1.00 54.37 ? 227 ASP A CB  1 
ATOM   1727 C CG  . ASP A 1 227 ? 25.487  4.829   5.899   1.00 54.42 ? 227 ASP A CG  1 
ATOM   1728 O OD1 . ASP A 1 227 ? 26.691  4.749   5.576   1.00 54.35 ? 227 ASP A OD1 1 
ATOM   1729 O OD2 . ASP A 1 227 ? 24.841  5.901   5.871   1.00 53.75 ? 227 ASP A OD2 1 
ATOM   1730 N N   . ALA A 1 228 ? 21.721  3.514   6.806   1.00 54.62 ? 228 ALA A N   1 
ATOM   1731 C CA  . ALA A 1 228 ? 20.646  3.200   7.749   1.00 54.77 ? 228 ALA A CA  1 
ATOM   1732 C C   . ALA A 1 228 ? 19.811  1.982   7.379   1.00 54.93 ? 228 ALA A C   1 
ATOM   1733 O O   . ALA A 1 228 ? 19.460  1.792   6.211   1.00 54.76 ? 228 ALA A O   1 
ATOM   1734 C CB  . ALA A 1 228 ? 19.747  4.397   7.908   1.00 54.76 ? 228 ALA A CB  1 
ATOM   1735 N N   . THR A 1 229 ? 19.483  1.175   8.386   1.00 55.26 ? 229 THR A N   1 
ATOM   1736 C CA  . THR A 1 229 ? 18.681  -0.031  8.180   1.00 55.70 ? 229 THR A CA  1 
ATOM   1737 C C   . THR A 1 229 ? 17.418  -0.060  9.044   1.00 55.94 ? 229 THR A C   1 
ATOM   1738 O O   . THR A 1 229 ? 17.219  0.816   9.883   1.00 55.90 ? 229 THR A O   1 
ATOM   1739 C CB  . THR A 1 229 ? 19.517  -1.313  8.384   1.00 55.83 ? 229 THR A CB  1 
ATOM   1740 O OG1 . THR A 1 229 ? 18.809  -2.438  7.845   1.00 56.21 ? 229 THR A OG1 1 
ATOM   1741 C CG2 . THR A 1 229 ? 19.838  -1.553  9.870   1.00 56.04 ? 229 THR A CG2 1 
ATOM   1742 N N   . CYS A 1 230 ? 16.568  -1.064  8.815   1.00 56.27 ? 230 CYS A N   1 
ATOM   1743 C CA  . CYS A 1 230 ? 15.266  -1.193  9.486   1.00 56.57 ? 230 CYS A CA  1 
ATOM   1744 C C   . CYS A 1 230 ? 15.351  -2.172  10.666  1.00 57.14 ? 230 CYS A C   1 
ATOM   1745 O O   . CYS A 1 230 ? 16.233  -3.038  10.680  1.00 57.32 ? 230 CYS A O   1 
ATOM   1746 C CB  . CYS A 1 230 ? 14.202  -1.673  8.488   1.00 56.29 ? 230 CYS A CB  1 
ATOM   1747 S SG  . CYS A 1 230 ? 14.505  -1.181  6.776   1.00 55.80 ? 230 CYS A SG  1 
ATOM   1748 N N   . PRO A 1 231 ? 14.434  -2.053  11.654  1.00 57.55 ? 231 PRO A N   1 
ATOM   1749 C CA  . PRO A 1 231 ? 14.531  -2.927  12.827  1.00 57.84 ? 231 PRO A CA  1 
ATOM   1750 C C   . PRO A 1 231 ? 14.024  -4.356  12.549  1.00 58.29 ? 231 PRO A C   1 
ATOM   1751 O O   . PRO A 1 231 ? 12.828  -4.539  12.278  1.00 58.29 ? 231 PRO A O   1 
ATOM   1752 C CB  . PRO A 1 231 ? 13.666  -2.213  13.869  1.00 57.80 ? 231 PRO A CB  1 
ATOM   1753 C CG  . PRO A 1 231 ? 12.642  -1.475  13.064  1.00 57.85 ? 231 PRO A CG  1 
ATOM   1754 C CD  . PRO A 1 231 ? 13.270  -1.144  11.734  1.00 57.57 ? 231 PRO A CD  1 
ATOM   1755 N N   . PRO A 1 232 ? 14.935  -5.359  12.622  1.00 58.66 ? 232 PRO A N   1 
ATOM   1756 C CA  . PRO A 1 232 ? 14.745  -6.778  12.273  1.00 58.93 ? 232 PRO A CA  1 
ATOM   1757 C C   . PRO A 1 232 ? 13.322  -7.345  12.430  1.00 59.17 ? 232 PRO A C   1 
ATOM   1758 O O   . PRO A 1 232 ? 12.636  -7.124  13.440  1.00 59.20 ? 232 PRO A O   1 
ATOM   1759 C CB  . PRO A 1 232 ? 15.709  -7.493  13.225  1.00 58.94 ? 232 PRO A CB  1 
ATOM   1760 C CG  . PRO A 1 232 ? 16.836  -6.519  13.413  1.00 58.82 ? 232 PRO A CG  1 
ATOM   1761 C CD  . PRO A 1 232 ? 16.302  -5.124  13.134  1.00 58.68 ? 232 PRO A CD  1 
ATOM   1762 O OXT . PRO A 1 232 ? 12.828  -8.048  11.538  1.00 59.23 ? 232 PRO A OXT 1 
HETATM 1763 O O   . HOH B 2 .   ? -5.392  -0.047  -13.178 1.00 23.69 ? 301 HOH A O   1 
HETATM 1764 O O   . HOH B 2 .   ? -0.679  13.869  -18.119 0.50 30.97 ? 302 HOH A O   1 
HETATM 1765 O O   . HOH B 2 .   ? 16.740  15.417  -12.597 1.00 33.03 ? 303 HOH A O   1 
HETATM 1766 O O   . HOH B 2 .   ? 22.494  6.983   -4.494  1.00 31.69 ? 304 HOH A O   1 
HETATM 1767 O O   . HOH B 2 .   ? 14.534  0.133   -12.172 1.00 26.59 ? 305 HOH A O   1 
HETATM 1768 O O   . HOH B 2 .   ? -7.451  -8.724  -18.114 1.00 25.31 ? 306 HOH A O   1 
HETATM 1769 O O   . HOH B 2 .   ? 3.197   -7.455  -3.407  1.00 40.90 ? 307 HOH A O   1 
# 
